data_7YVR
#
_entry.id   7YVR
#
_cell.length_a   264.430
_cell.length_b   59.859
_cell.length_c   95.112
_cell.angle_alpha   90.000
_cell.angle_beta   106.087
_cell.angle_gamma   90.000
#
_symmetry.space_group_name_H-M   'C 1 2 1'
#
loop_
_entity.id
_entity.type
_entity.pdbx_description
1 polymer 'L-threonine aldolase'
2 non-polymer GLYCEROL
3 water water
#
_entity_poly.entity_id   1
_entity_poly.type   'polypeptide(L)'
_entity_poly.pdbx_seq_one_letter_code
;MASNDSCIEDTVSFTSDNIAAAAPEIVQAMAQACQGNAQPYGGDALTQNVEAQLKAIFECDLQLFLVPTGSAANAISLAA
LTPPWGAILCHQESHINNDECGAPEFFTAGAKLIAVAGTHGKLDPQALTQAARNKRGDVHSVEPTTVSITQATEVGSIYA
LDELNEIGQICRNEGLKLHMDGARFANALSALGCTPAEMTWKAGVDVLSFGAT(LLP)NGSLCAEAIILFDKSYAQEIAF
RRKRGGHLLSKMRFLSAQMHAYLADDLWLTNARHANLMAARLAAGLSALSRVSLIAPTESNIIFCRMPTKMIAALQQQGF
QFYHDRWGDGIVRLVTSFATTQAQVDTFIAAAAQLNQNTDLEHHHHHH
;
_entity_poly.pdbx_strand_id   A,B,C,D
#
# COMPACT_ATOMS: atom_id res chain seq x y z
N THR A 11 16.62 41.63 3.29
CA THR A 11 17.04 40.25 3.52
C THR A 11 17.41 39.56 2.22
N VAL A 12 18.70 39.50 1.94
CA VAL A 12 19.22 38.82 0.75
C VAL A 12 19.43 37.34 1.11
N SER A 13 18.75 36.46 0.39
CA SER A 13 18.77 35.04 0.69
C SER A 13 19.15 34.24 -0.54
N PHE A 14 20.03 33.26 -0.35
CA PHE A 14 20.41 32.29 -1.37
C PHE A 14 20.19 30.88 -0.86
N THR A 15 19.15 30.69 -0.04
CA THR A 15 18.84 29.37 0.50
C THR A 15 18.40 28.42 -0.60
N SER A 16 17.45 28.85 -1.42
CA SER A 16 16.94 28.03 -2.53
C SER A 16 16.20 28.94 -3.48
N ASP A 17 15.73 28.36 -4.58
CA ASP A 17 14.94 29.09 -5.57
C ASP A 17 13.44 28.93 -5.34
N ASN A 18 13.03 28.18 -4.32
CA ASN A 18 11.62 28.08 -3.96
C ASN A 18 11.17 29.21 -3.04
N ILE A 19 12.08 30.11 -2.66
CA ILE A 19 11.70 31.27 -1.87
C ILE A 19 11.23 32.43 -2.74
N ALA A 20 11.64 32.47 -4.00
CA ALA A 20 11.20 33.52 -4.89
C ALA A 20 9.73 33.33 -5.24
N ALA A 21 9.13 34.40 -5.79
CA ALA A 21 7.74 34.33 -6.21
C ALA A 21 7.64 33.75 -7.62
N ALA A 22 6.66 34.22 -8.38
CA ALA A 22 6.53 33.85 -9.78
C ALA A 22 6.92 35.03 -10.66
N ALA A 23 7.22 34.72 -11.92
CA ALA A 23 7.48 35.77 -12.88
C ALA A 23 6.23 36.59 -13.11
N PRO A 24 6.37 37.90 -13.38
CA PRO A 24 5.17 38.73 -13.59
C PRO A 24 4.27 38.25 -14.70
N GLU A 25 4.83 37.65 -15.76
CA GLU A 25 4.00 37.13 -16.84
C GLU A 25 3.20 35.91 -16.40
N ILE A 26 3.73 35.14 -15.44
CA ILE A 26 3.05 33.92 -15.01
C ILE A 26 1.78 34.27 -14.26
N VAL A 27 1.86 35.21 -13.32
CA VAL A 27 0.68 35.59 -12.55
C VAL A 27 -0.32 36.36 -13.40
N GLN A 28 0.12 37.00 -14.48
CA GLN A 28 -0.79 37.75 -15.33
C GLN A 28 -1.54 36.84 -16.29
N ALA A 29 -0.92 35.74 -16.73
CA ALA A 29 -1.61 34.79 -17.59
C ALA A 29 -2.77 34.11 -16.87
N MET A 30 -2.67 33.97 -15.54
CA MET A 30 -3.77 33.40 -14.79
C MET A 30 -4.95 34.37 -14.73
N ALA A 31 -4.66 35.67 -14.66
CA ALA A 31 -5.74 36.65 -14.63
C ALA A 31 -6.56 36.62 -15.92
N GLN A 32 -5.89 36.39 -17.05
CA GLN A 32 -6.62 36.25 -18.31
C GLN A 32 -7.43 34.96 -18.33
N ALA A 33 -6.87 33.88 -17.78
CA ALA A 33 -7.58 32.61 -17.69
C ALA A 33 -8.63 32.60 -16.58
N CYS A 34 -8.69 33.64 -15.76
CA CYS A 34 -9.66 33.75 -14.68
C CYS A 34 -11.00 34.32 -15.14
N GLN A 35 -11.31 34.22 -16.43
CA GLN A 35 -12.53 34.77 -16.99
C GLN A 35 -13.33 33.66 -17.68
N GLY A 36 -14.63 33.64 -17.44
CA GLY A 36 -15.51 32.67 -18.08
C GLY A 36 -15.48 31.31 -17.42
N ASN A 37 -16.17 30.37 -18.07
CA ASN A 37 -16.25 28.99 -17.62
C ASN A 37 -15.44 28.10 -18.57
N ALA A 38 -14.94 27.00 -18.02
CA ALA A 38 -14.12 26.07 -18.79
C ALA A 38 -14.37 24.65 -18.32
N GLN A 39 -14.20 23.70 -19.24
CA GLN A 39 -14.35 22.30 -18.91
C GLN A 39 -13.28 21.88 -17.91
N PRO A 40 -13.64 21.28 -16.78
CA PRO A 40 -12.68 21.06 -15.70
C PRO A 40 -11.81 19.84 -15.94
N TYR A 41 -10.83 19.67 -15.04
CA TYR A 41 -9.94 18.50 -15.00
C TYR A 41 -9.14 18.35 -16.29
N GLY A 42 -8.80 19.45 -16.93
CA GLY A 42 -7.96 19.43 -18.12
C GLY A 42 -8.69 19.40 -19.44
N GLY A 43 -10.02 19.46 -19.43
CA GLY A 43 -10.79 19.47 -20.66
C GLY A 43 -10.80 20.78 -21.41
N ASP A 44 -10.16 21.82 -20.88
CA ASP A 44 -10.14 23.11 -21.53
C ASP A 44 -9.12 23.12 -22.67
N ALA A 45 -9.28 24.11 -23.56
CA ALA A 45 -8.37 24.24 -24.70
C ALA A 45 -6.99 24.75 -24.29
N LEU A 46 -6.87 25.36 -23.10
CA LEU A 46 -5.57 25.84 -22.67
C LEU A 46 -4.66 24.68 -22.26
N THR A 47 -5.23 23.67 -21.61
CA THR A 47 -4.45 22.46 -21.31
C THR A 47 -4.08 21.72 -22.58
N GLN A 48 -4.96 21.76 -23.60
CA GLN A 48 -4.61 21.18 -24.88
C GLN A 48 -3.52 21.99 -25.59
N ASN A 49 -3.49 23.30 -25.38
CA ASN A 49 -2.49 24.14 -26.04
C ASN A 49 -1.11 23.91 -25.46
N VAL A 50 -0.98 23.88 -24.13
CA VAL A 50 0.32 23.68 -23.51
C VAL A 50 0.85 22.29 -23.82
N GLU A 51 -0.03 21.31 -23.99
CA GLU A 51 0.42 19.98 -24.39
C GLU A 51 0.93 19.99 -25.83
N ALA A 52 0.17 20.63 -26.74
CA ALA A 52 0.63 20.77 -28.11
C ALA A 52 1.86 21.65 -28.20
N GLN A 53 2.00 22.63 -27.31
CA GLN A 53 3.18 23.46 -27.30
C GLN A 53 4.41 22.67 -26.84
N LEU A 54 4.22 21.76 -25.88
CA LEU A 54 5.33 20.93 -25.43
C LEU A 54 5.71 19.88 -26.46
N LYS A 55 4.74 19.42 -27.27
CA LYS A 55 5.06 18.51 -28.36
C LYS A 55 5.98 19.17 -29.38
N ALA A 56 5.75 20.46 -29.67
CA ALA A 56 6.58 21.16 -30.63
C ALA A 56 7.95 21.48 -30.07
N ILE A 57 8.08 21.61 -28.75
CA ILE A 57 9.36 21.89 -28.14
C ILE A 57 10.23 20.63 -28.10
N PHE A 58 9.66 19.52 -27.64
CA PHE A 58 10.40 18.26 -27.58
C PHE A 58 10.45 17.52 -28.91
N GLU A 59 9.83 18.07 -29.96
CA GLU A 59 9.91 17.54 -31.32
C GLU A 59 9.40 16.10 -31.40
N CYS A 60 8.45 15.73 -30.54
CA CYS A 60 7.92 14.38 -30.53
C CYS A 60 6.51 14.40 -29.95
N ASP A 61 5.83 13.27 -30.08
CA ASP A 61 4.51 13.10 -29.49
C ASP A 61 4.66 12.73 -28.02
N LEU A 62 3.82 13.33 -27.19
CA LEU A 62 3.88 13.11 -25.74
C LEU A 62 2.49 13.30 -25.16
N GLN A 63 2.40 13.14 -23.84
CA GLN A 63 1.15 13.38 -23.12
C GLN A 63 1.47 14.11 -21.83
N LEU A 64 0.71 15.17 -21.56
CA LEU A 64 0.97 16.06 -20.44
C LEU A 64 0.10 15.71 -19.24
N PHE A 65 0.71 15.76 -18.06
CA PHE A 65 0.00 15.53 -16.79
C PHE A 65 0.50 16.58 -15.80
N LEU A 66 -0.23 17.69 -15.71
CA LEU A 66 0.14 18.76 -14.80
C LEU A 66 -0.09 18.34 -13.35
N VAL A 67 0.85 18.67 -12.48
CA VAL A 67 0.78 18.30 -11.07
C VAL A 67 1.23 19.49 -10.22
N PRO A 68 0.75 19.56 -8.97
CA PRO A 68 1.11 20.72 -8.13
C PRO A 68 2.56 20.74 -7.70
N THR A 69 3.14 19.59 -7.36
CA THR A 69 4.50 19.54 -6.84
C THR A 69 5.39 18.66 -7.72
N GLY A 70 6.70 18.86 -7.60
CA GLY A 70 7.65 18.05 -8.34
C GLY A 70 7.85 16.68 -7.73
N SER A 71 7.67 16.54 -6.41
CA SER A 71 7.74 15.23 -5.79
C SER A 71 6.55 14.37 -6.17
N ALA A 72 5.39 14.98 -6.44
CA ALA A 72 4.27 14.22 -6.96
C ALA A 72 4.54 13.76 -8.39
N ALA A 73 5.18 14.61 -9.20
CA ALA A 73 5.53 14.21 -10.56
C ALA A 73 6.48 13.02 -10.55
N ASN A 74 7.41 12.99 -9.59
CA ASN A 74 8.33 11.86 -9.49
C ASN A 74 7.59 10.58 -9.07
N ALA A 75 6.82 10.67 -7.99
CA ALA A 75 6.18 9.47 -7.44
C ALA A 75 5.17 8.88 -8.42
N ILE A 76 4.38 9.72 -9.07
CA ILE A 76 3.41 9.24 -10.05
C ILE A 76 4.12 8.58 -11.23
N SER A 77 5.17 9.23 -11.74
CA SER A 77 5.93 8.67 -12.86
C SER A 77 6.56 7.34 -12.48
N LEU A 78 7.18 7.26 -11.30
CA LEU A 78 7.81 6.02 -10.88
C LEU A 78 6.77 4.93 -10.61
N ALA A 79 5.58 5.30 -10.16
CA ALA A 79 4.55 4.29 -9.88
C ALA A 79 4.00 3.68 -11.15
N ALA A 80 4.00 4.44 -12.26
CA ALA A 80 3.52 3.87 -13.52
C ALA A 80 4.53 2.90 -14.11
N LEU A 81 5.81 3.06 -13.80
CA LEU A 81 6.86 2.24 -14.37
C LEU A 81 7.32 1.10 -13.48
N THR A 82 7.16 1.23 -12.15
CA THR A 82 7.71 0.25 -11.22
C THR A 82 6.60 -0.58 -10.61
N PRO A 83 6.72 -1.90 -10.62
CA PRO A 83 5.77 -2.75 -9.90
C PRO A 83 6.10 -2.78 -8.42
N PRO A 84 5.18 -3.23 -7.57
CA PRO A 84 5.47 -3.29 -6.12
C PRO A 84 6.68 -4.15 -5.80
N TRP A 85 6.87 -5.25 -6.53
CA TRP A 85 8.04 -6.11 -6.36
C TRP A 85 9.26 -5.60 -7.13
N GLY A 86 9.18 -4.41 -7.73
CA GLY A 86 10.28 -3.86 -8.48
C GLY A 86 11.21 -3.01 -7.62
N ALA A 87 12.29 -2.56 -8.25
CA ALA A 87 13.28 -1.72 -7.60
C ALA A 87 13.59 -0.51 -8.47
N ILE A 88 13.76 0.64 -7.82
CA ILE A 88 14.09 1.89 -8.50
C ILE A 88 15.56 2.19 -8.22
N LEU A 89 16.38 2.15 -9.26
CA LEU A 89 17.80 2.45 -9.13
C LEU A 89 17.99 3.96 -9.20
N CYS A 90 18.61 4.53 -8.17
CA CYS A 90 18.80 5.97 -8.09
C CYS A 90 20.08 6.25 -7.29
N HIS A 91 20.38 7.53 -7.13
CA HIS A 91 21.53 7.96 -6.36
C HIS A 91 21.15 8.06 -4.89
N GLN A 92 22.15 7.89 -4.01
CA GLN A 92 21.89 7.93 -2.58
C GLN A 92 21.34 9.28 -2.15
N GLU A 93 21.90 10.36 -2.70
CA GLU A 93 21.50 11.72 -2.32
C GLU A 93 20.38 12.26 -3.20
N SER A 94 19.66 11.40 -3.92
CA SER A 94 18.61 11.87 -4.80
C SER A 94 17.42 12.38 -3.99
N HIS A 95 16.60 13.22 -4.65
CA HIS A 95 15.45 13.80 -3.98
C HIS A 95 14.41 12.74 -3.65
N ILE A 96 14.20 11.78 -4.55
CA ILE A 96 13.20 10.74 -4.33
C ILE A 96 13.58 9.82 -3.17
N ASN A 97 14.84 9.83 -2.75
CA ASN A 97 15.32 8.94 -1.70
C ASN A 97 15.54 9.66 -0.37
N ASN A 98 15.31 10.97 -0.31
CA ASN A 98 15.63 11.72 0.90
C ASN A 98 14.56 12.73 1.29
N ASP A 99 14.14 13.58 0.36
CA ASP A 99 13.33 14.75 0.66
C ASP A 99 11.92 14.66 0.10
N GLU A 100 11.31 13.47 0.16
CA GLU A 100 9.94 13.29 -0.25
C GLU A 100 9.11 12.50 0.77
N CYS A 101 9.69 12.13 1.90
CA CYS A 101 9.03 11.33 2.94
C CYS A 101 8.46 10.04 2.36
N GLY A 102 9.29 9.35 1.56
CA GLY A 102 8.89 8.09 0.98
C GLY A 102 7.77 8.19 -0.03
N ALA A 103 7.62 9.33 -0.69
CA ALA A 103 6.59 9.47 -1.72
C ALA A 103 6.72 8.43 -2.83
N PRO A 104 7.92 8.07 -3.32
CA PRO A 104 7.98 6.94 -4.27
C PRO A 104 7.53 5.63 -3.68
N GLU A 105 7.96 5.31 -2.46
CA GLU A 105 7.53 4.07 -1.81
C GLU A 105 6.02 4.03 -1.60
N PHE A 106 5.39 5.20 -1.50
CA PHE A 106 3.94 5.25 -1.27
C PHE A 106 3.17 5.00 -2.56
N PHE A 107 3.51 5.71 -3.63
CA PHE A 107 2.75 5.58 -4.87
C PHE A 107 3.04 4.25 -5.57
N THR A 108 4.24 3.71 -5.42
CA THR A 108 4.62 2.44 -6.04
C THR A 108 4.14 1.22 -5.27
N ALA A 109 3.35 1.44 -4.20
CA ALA A 109 2.86 0.34 -3.35
C ALA A 109 4.00 -0.44 -2.73
N GLY A 110 5.04 0.28 -2.29
CA GLY A 110 6.10 -0.32 -1.53
C GLY A 110 7.31 -0.80 -2.32
N ALA A 111 7.63 -0.15 -3.43
CA ALA A 111 8.83 -0.52 -4.17
C ALA A 111 10.07 -0.08 -3.39
N LYS A 112 11.19 -0.71 -3.71
CA LYS A 112 12.45 -0.49 -3.00
C LYS A 112 13.37 0.38 -3.83
N LEU A 113 13.85 1.46 -3.22
CA LEU A 113 14.82 2.35 -3.86
C LEU A 113 16.23 1.90 -3.49
N ILE A 114 17.02 1.55 -4.50
CA ILE A 114 18.38 1.04 -4.31
C ILE A 114 19.35 2.14 -4.74
N ALA A 115 20.19 2.58 -3.81
CA ALA A 115 21.16 3.61 -4.11
C ALA A 115 22.29 3.04 -4.98
N VAL A 116 22.69 3.82 -5.98
CA VAL A 116 23.77 3.45 -6.89
C VAL A 116 24.89 4.47 -6.73
N ALA A 117 26.12 3.98 -6.69
CA ALA A 117 27.28 4.83 -6.42
C ALA A 117 27.52 5.81 -7.56
N GLY A 118 28.15 6.92 -7.22
CA GLY A 118 28.46 7.95 -8.21
C GLY A 118 28.92 9.21 -7.52
N THR A 119 29.41 10.14 -8.35
CA THR A 119 29.95 11.40 -7.88
C THR A 119 29.08 12.56 -8.35
N HIS A 120 29.04 13.62 -7.53
CA HIS A 120 28.32 14.85 -7.85
C HIS A 120 26.85 14.58 -8.17
N GLY A 121 26.22 13.73 -7.36
CA GLY A 121 24.81 13.40 -7.57
C GLY A 121 24.49 12.71 -8.87
N LYS A 122 25.50 12.19 -9.56
CA LYS A 122 25.30 11.49 -10.82
C LYS A 122 25.57 10.00 -10.66
N LEU A 123 25.02 9.21 -11.56
CA LEU A 123 25.15 7.76 -11.49
C LEU A 123 26.33 7.28 -12.32
N ASP A 124 27.08 6.34 -11.76
CA ASP A 124 28.21 5.74 -12.48
C ASP A 124 27.71 4.63 -13.38
N PRO A 125 28.06 4.62 -14.67
CA PRO A 125 27.55 3.58 -15.57
C PRO A 125 27.96 2.17 -15.17
N GLN A 126 29.16 2.00 -14.63
CA GLN A 126 29.58 0.68 -14.17
C GLN A 126 28.77 0.23 -12.97
N ALA A 127 28.61 1.11 -11.98
CA ALA A 127 27.83 0.77 -10.80
C ALA A 127 26.36 0.57 -11.14
N LEU A 128 25.85 1.28 -12.14
CA LEU A 128 24.47 1.08 -12.56
C LEU A 128 24.28 -0.28 -13.23
N THR A 129 25.24 -0.68 -14.06
CA THR A 129 25.16 -1.99 -14.71
C THR A 129 25.26 -3.11 -13.69
N GLN A 130 26.10 -2.94 -12.67
CA GLN A 130 26.22 -3.96 -11.63
C GLN A 130 24.96 -4.01 -10.75
N ALA A 131 24.32 -2.86 -10.53
CA ALA A 131 23.10 -2.84 -9.72
C ALA A 131 21.90 -3.39 -10.47
N ALA A 132 21.84 -3.16 -11.79
CA ALA A 132 20.73 -3.67 -12.58
C ALA A 132 20.78 -5.18 -12.76
N ARG A 133 21.96 -5.79 -12.67
CA ARG A 133 22.14 -7.21 -12.88
C ARG A 133 22.24 -8.00 -11.59
N ASN A 134 22.06 -7.35 -10.44
CA ASN A 134 22.24 -8.02 -9.15
C ASN A 134 21.03 -8.92 -8.86
N LYS A 135 21.29 -10.21 -8.70
CA LYS A 135 20.28 -11.20 -8.31
C LYS A 135 19.08 -11.17 -9.26
N ARG A 136 19.38 -11.18 -10.57
CA ARG A 136 18.33 -11.27 -11.57
C ARG A 136 17.78 -12.68 -11.62
N GLY A 137 16.45 -12.79 -11.68
CA GLY A 137 15.80 -14.09 -11.67
C GLY A 137 15.56 -14.67 -10.30
N ASP A 138 16.14 -14.10 -9.25
CA ASP A 138 15.94 -14.60 -7.89
C ASP A 138 14.56 -14.16 -7.39
N VAL A 139 13.73 -15.12 -7.02
CA VAL A 139 12.39 -14.81 -6.53
C VAL A 139 12.43 -14.17 -5.16
N HIS A 140 13.49 -14.41 -4.38
CA HIS A 140 13.58 -13.91 -3.02
C HIS A 140 13.97 -12.45 -2.92
N SER A 141 14.42 -11.83 -4.02
CA SER A 141 14.88 -10.45 -4.00
C SER A 141 14.07 -9.62 -4.98
N VAL A 142 13.89 -8.33 -4.64
CA VAL A 142 13.21 -7.41 -5.53
C VAL A 142 14.00 -7.26 -6.82
N GLU A 143 13.28 -7.13 -7.93
CA GLU A 143 13.95 -7.05 -9.21
C GLU A 143 14.09 -5.60 -9.65
N PRO A 144 15.29 -5.19 -10.08
CA PRO A 144 15.44 -3.84 -10.63
C PRO A 144 14.58 -3.67 -11.87
N THR A 145 13.84 -2.57 -11.93
CA THR A 145 12.93 -2.33 -13.04
C THR A 145 13.08 -0.95 -13.65
N THR A 146 13.35 0.07 -12.83
CA THR A 146 13.41 1.45 -13.31
C THR A 146 14.65 2.15 -12.75
N VAL A 147 15.08 3.18 -13.45
CA VAL A 147 16.20 4.02 -13.06
C VAL A 147 15.71 5.47 -12.98
N SER A 148 16.23 6.21 -12.01
CA SER A 148 15.85 7.61 -11.81
C SER A 148 17.11 8.47 -11.74
N ILE A 149 17.22 9.43 -12.66
CA ILE A 149 18.31 10.39 -12.67
C ILE A 149 17.73 11.78 -12.50
N THR A 150 18.55 12.69 -11.99
CA THR A 150 18.13 14.07 -11.73
C THR A 150 18.95 15.00 -12.60
N GLN A 151 18.27 15.83 -13.39
CA GLN A 151 18.92 16.75 -14.32
C GLN A 151 18.20 18.09 -14.23
N ALA A 152 18.84 19.10 -13.64
CA ALA A 152 20.18 18.96 -13.07
C ALA A 152 20.13 18.34 -11.68
N THR A 153 21.26 17.82 -11.22
CA THR A 153 21.30 17.06 -9.98
C THR A 153 21.00 17.95 -8.78
N GLU A 154 20.85 17.31 -7.62
CA GLU A 154 20.52 18.03 -6.40
C GLU A 154 21.64 18.96 -5.94
N VAL A 155 22.88 18.68 -6.32
CA VAL A 155 24.01 19.53 -5.95
C VAL A 155 24.38 20.49 -7.07
N GLY A 156 23.53 20.63 -8.08
CA GLY A 156 23.77 21.54 -9.18
C GLY A 156 24.57 20.99 -10.33
N SER A 157 25.00 19.73 -10.26
CA SER A 157 25.76 19.14 -11.34
C SER A 157 24.85 18.80 -12.52
N ILE A 158 25.46 18.71 -13.70
CA ILE A 158 24.73 18.55 -14.95
C ILE A 158 25.26 17.32 -15.67
N TYR A 159 24.37 16.38 -15.99
CA TYR A 159 24.74 15.28 -16.86
C TYR A 159 25.07 15.79 -18.25
N ALA A 160 26.15 15.27 -18.83
CA ALA A 160 26.41 15.54 -20.24
C ALA A 160 25.51 14.68 -21.10
N LEU A 161 25.27 15.14 -22.33
CA LEU A 161 24.45 14.37 -23.27
C LEU A 161 25.04 12.99 -23.51
N ASP A 162 26.37 12.87 -23.38
CA ASP A 162 27.03 11.58 -23.60
C ASP A 162 26.84 10.64 -22.42
N GLU A 163 26.70 11.19 -21.21
CA GLU A 163 26.39 10.35 -20.05
C GLU A 163 24.93 9.93 -20.02
N LEU A 164 24.04 10.79 -20.52
CA LEU A 164 22.63 10.43 -20.61
C LEU A 164 22.40 9.33 -21.64
N ASN A 165 23.13 9.40 -22.77
CA ASN A 165 23.02 8.35 -23.78
C ASN A 165 23.51 7.01 -23.24
N GLU A 166 24.57 7.03 -22.43
CA GLU A 166 25.09 5.78 -21.87
C GLU A 166 24.11 5.19 -20.85
N ILE A 167 23.54 6.04 -19.99
CA ILE A 167 22.53 5.56 -19.04
C ILE A 167 21.30 5.05 -19.79
N GLY A 168 20.94 5.71 -20.89
CA GLY A 168 19.81 5.26 -21.68
C GLY A 168 20.06 3.93 -22.36
N GLN A 169 21.28 3.73 -22.88
CA GLN A 169 21.60 2.46 -23.52
C GLN A 169 21.65 1.32 -22.50
N ILE A 170 22.05 1.62 -21.26
CA ILE A 170 22.04 0.60 -20.22
C ILE A 170 20.61 0.16 -19.92
N CYS A 171 19.67 1.11 -19.88
CA CYS A 171 18.27 0.76 -19.64
C CYS A 171 17.70 -0.08 -20.77
N ARG A 172 18.16 0.15 -22.01
CA ARG A 172 17.71 -0.68 -23.11
C ARG A 172 18.32 -2.08 -23.05
N ASN A 173 19.60 -2.16 -22.68
CA ASN A 173 20.26 -3.46 -22.61
C ASN A 173 19.69 -4.32 -21.49
N GLU A 174 19.36 -3.70 -20.35
CA GLU A 174 18.88 -4.42 -19.19
C GLU A 174 17.36 -4.38 -19.05
N GLY A 175 16.66 -3.84 -20.06
CA GLY A 175 15.21 -3.82 -20.02
C GLY A 175 14.62 -2.94 -18.95
N LEU A 176 15.30 -1.86 -18.59
CA LEU A 176 14.83 -0.95 -17.56
C LEU A 176 14.11 0.25 -18.18
N LYS A 177 13.46 1.03 -17.33
CA LYS A 177 12.82 2.27 -17.72
C LYS A 177 13.53 3.44 -17.06
N LEU A 178 13.63 4.55 -17.78
CA LEU A 178 14.42 5.70 -17.35
C LEU A 178 13.50 6.88 -17.05
N HIS A 179 13.57 7.38 -15.82
CA HIS A 179 12.83 8.57 -15.40
C HIS A 179 13.82 9.66 -15.01
N MET A 180 13.52 10.90 -15.43
CA MET A 180 14.38 12.04 -15.16
C MET A 180 13.64 13.01 -14.24
N ASP A 181 14.27 13.32 -13.11
CA ASP A 181 13.75 14.35 -12.19
C ASP A 181 14.23 15.70 -12.70
N GLY A 182 13.39 16.38 -13.46
CA GLY A 182 13.75 17.66 -14.03
C GLY A 182 13.22 18.84 -13.25
N ALA A 183 13.37 18.80 -11.92
CA ALA A 183 12.96 19.94 -11.10
C ALA A 183 13.73 21.19 -11.49
N ARG A 184 15.01 21.04 -11.83
CA ARG A 184 15.78 22.13 -12.41
C ARG A 184 16.17 21.76 -13.84
N PHE A 185 15.19 21.32 -14.62
CA PHE A 185 15.43 20.94 -16.01
C PHE A 185 15.96 22.11 -16.81
N ALA A 186 15.36 23.29 -16.64
CA ALA A 186 15.75 24.46 -17.43
C ALA A 186 17.16 24.92 -17.09
N ASN A 187 17.58 24.78 -15.83
CA ASN A 187 18.93 25.18 -15.45
C ASN A 187 19.99 24.35 -16.15
N ALA A 188 19.70 23.07 -16.40
CA ALA A 188 20.66 22.22 -17.09
C ALA A 188 20.59 22.38 -18.61
N LEU A 189 19.42 22.72 -19.14
CA LEU A 189 19.27 22.83 -20.59
C LEU A 189 20.00 24.06 -21.13
N SER A 190 19.96 25.18 -20.41
CA SER A 190 20.60 26.39 -20.88
C SER A 190 22.12 26.28 -20.85
N ALA A 191 22.65 25.58 -19.83
CA ALA A 191 24.10 25.43 -19.75
C ALA A 191 24.64 24.50 -20.82
N LEU A 192 23.87 23.48 -21.21
CA LEU A 192 24.29 22.60 -22.29
C LEU A 192 23.99 23.20 -23.66
N GLY A 193 22.97 24.04 -23.76
CA GLY A 193 22.59 24.60 -25.04
C GLY A 193 22.01 23.62 -26.03
N CYS A 194 21.65 22.42 -25.58
CA CYS A 194 21.08 21.40 -26.44
C CYS A 194 19.56 21.54 -26.51
N THR A 195 18.97 20.79 -27.43
CA THR A 195 17.52 20.79 -27.54
C THR A 195 16.91 19.90 -26.47
N PRO A 196 15.68 20.20 -26.02
CA PRO A 196 15.05 19.34 -24.99
C PRO A 196 14.91 17.89 -25.41
N ALA A 197 14.79 17.62 -26.71
CA ALA A 197 14.68 16.24 -27.17
C ALA A 197 15.96 15.46 -26.90
N GLU A 198 17.12 16.11 -27.08
CA GLU A 198 18.39 15.43 -26.88
C GLU A 198 18.65 15.12 -25.41
N MET A 199 18.08 15.92 -24.50
CA MET A 199 18.25 15.68 -23.07
C MET A 199 17.24 14.68 -22.52
N THR A 200 16.22 14.30 -23.30
CA THR A 200 15.16 13.44 -22.80
C THR A 200 15.09 12.19 -23.65
N TRP A 201 14.15 12.11 -24.60
CA TRP A 201 13.86 10.83 -25.23
C TRP A 201 14.94 10.38 -26.21
N LYS A 202 15.70 11.32 -26.78
CA LYS A 202 16.83 10.92 -27.62
C LYS A 202 17.89 10.21 -26.80
N ALA A 203 18.00 10.54 -25.52
CA ALA A 203 18.91 9.82 -24.63
C ALA A 203 18.30 8.55 -24.07
N GLY A 204 16.99 8.40 -24.16
CA GLY A 204 16.31 7.21 -23.65
C GLY A 204 15.33 7.49 -22.53
N VAL A 205 15.09 8.75 -22.16
CA VAL A 205 14.16 9.05 -21.08
C VAL A 205 12.74 8.74 -21.52
N ASP A 206 12.03 7.97 -20.70
CA ASP A 206 10.65 7.60 -20.96
C ASP A 206 9.64 8.53 -20.31
N VAL A 207 9.89 8.93 -19.06
CA VAL A 207 9.02 9.87 -18.35
C VAL A 207 9.88 10.99 -17.79
N LEU A 208 9.38 12.22 -17.85
CA LEU A 208 10.10 13.40 -17.40
C LEU A 208 9.25 14.18 -16.41
N SER A 209 9.85 14.58 -15.29
CA SER A 209 9.20 15.47 -14.32
C SER A 209 9.63 16.89 -14.65
N PHE A 210 8.90 17.52 -15.56
CA PHE A 210 9.24 18.86 -16.04
C PHE A 210 8.98 19.87 -14.94
N GLY A 211 10.05 20.47 -14.42
CA GLY A 211 9.93 21.43 -13.33
C GLY A 211 9.86 22.86 -13.84
N ALA A 212 9.09 23.69 -13.14
CA ALA A 212 8.90 25.08 -13.54
C ALA A 212 8.71 25.98 -12.32
N THR A 213 8.43 25.39 -11.18
CA THR A 213 8.18 26.15 -9.94
C THR A 213 9.40 26.96 -9.53
N ASN A 215 11.77 27.82 -11.39
CA ASN A 215 12.23 28.67 -12.48
C ASN A 215 11.25 29.80 -12.79
N GLY A 216 10.25 29.99 -11.93
CA GLY A 216 9.39 31.14 -12.06
C GLY A 216 7.89 30.90 -12.04
N SER A 217 7.46 29.67 -11.76
CA SER A 217 6.04 29.36 -11.68
C SER A 217 5.59 29.31 -10.23
N LEU A 218 4.27 29.41 -10.04
CA LEU A 218 3.69 29.33 -8.71
C LEU A 218 3.65 27.88 -8.22
N CYS A 219 3.09 26.98 -9.02
CA CYS A 219 2.98 25.58 -8.65
C CYS A 219 2.72 24.72 -9.88
N ALA A 220 3.26 25.12 -11.03
CA ALA A 220 3.03 24.41 -12.28
C ALA A 220 4.16 23.41 -12.50
N GLU A 221 3.87 22.14 -12.25
CA GLU A 221 4.79 21.05 -12.56
C GLU A 221 4.13 20.15 -13.59
N ALA A 222 4.96 19.46 -14.37
CA ALA A 222 4.48 18.72 -15.53
C ALA A 222 5.11 17.33 -15.59
N ILE A 223 4.28 16.32 -15.84
CA ILE A 223 4.74 14.97 -16.14
C ILE A 223 4.70 14.81 -17.65
N ILE A 224 5.88 14.68 -18.26
CA ILE A 224 6.01 14.55 -19.70
C ILE A 224 6.26 13.07 -20.00
N LEU A 225 5.27 12.39 -20.58
CA LEU A 225 5.36 10.98 -20.89
C LEU A 225 5.67 10.81 -22.36
N PHE A 226 6.77 10.13 -22.67
CA PHE A 226 7.18 9.84 -24.03
C PHE A 226 6.72 8.46 -24.50
N ASP A 227 6.74 7.47 -23.61
CA ASP A 227 6.22 6.14 -23.92
C ASP A 227 4.74 6.14 -23.55
N LYS A 228 3.90 6.43 -24.54
CA LYS A 228 2.47 6.60 -24.29
C LYS A 228 1.77 5.33 -23.83
N SER A 229 2.48 4.20 -23.79
CA SER A 229 1.87 2.98 -23.28
C SER A 229 1.54 3.06 -21.80
N TYR A 230 2.15 4.03 -21.08
CA TYR A 230 1.88 4.24 -19.67
C TYR A 230 0.88 5.35 -19.41
N ALA A 231 0.17 5.83 -20.45
CA ALA A 231 -0.72 6.97 -20.29
C ALA A 231 -1.88 6.65 -19.37
N GLN A 232 -2.43 5.43 -19.47
CA GLN A 232 -3.57 5.07 -18.64
C GLN A 232 -3.17 4.98 -17.17
N GLU A 233 -1.96 4.48 -16.89
CA GLU A 233 -1.53 4.35 -15.50
C GLU A 233 -1.24 5.69 -14.87
N ILE A 234 -0.65 6.62 -15.64
CA ILE A 234 -0.35 7.94 -15.08
C ILE A 234 -1.65 8.71 -14.83
N ALA A 235 -2.61 8.62 -15.76
CA ALA A 235 -3.87 9.33 -15.59
C ALA A 235 -4.64 8.81 -14.38
N PHE A 236 -4.66 7.48 -14.18
CA PHE A 236 -5.35 6.91 -13.05
C PHE A 236 -4.65 7.22 -11.73
N ARG A 237 -3.32 7.10 -11.71
CA ARG A 237 -2.58 7.33 -10.47
C ARG A 237 -2.57 8.79 -10.07
N ARG A 238 -2.60 9.71 -11.04
CA ARG A 238 -2.68 11.12 -10.71
C ARG A 238 -4.01 11.45 -10.04
N LYS A 239 -5.11 10.88 -10.55
CA LYS A 239 -6.40 11.07 -9.91
C LYS A 239 -6.47 10.33 -8.58
N ARG A 240 -5.96 9.10 -8.55
CA ARG A 240 -5.98 8.31 -7.31
C ARG A 240 -5.15 8.97 -6.21
N GLY A 241 -4.05 9.61 -6.57
CA GLY A 241 -3.25 10.34 -5.62
C GLY A 241 -3.78 11.69 -5.23
N GLY A 242 -4.86 12.15 -5.87
CA GLY A 242 -5.41 13.46 -5.56
C GLY A 242 -4.72 14.61 -6.24
N HIS A 243 -4.04 14.36 -7.36
CA HIS A 243 -3.31 15.41 -8.07
C HIS A 243 -3.98 15.80 -9.38
N LEU A 244 -5.28 15.55 -9.51
CA LEU A 244 -6.05 15.96 -10.69
C LEU A 244 -6.92 17.13 -10.26
N LEU A 245 -6.44 18.35 -10.54
CA LEU A 245 -7.16 19.55 -10.15
C LEU A 245 -8.32 19.82 -11.10
N SER A 246 -9.45 20.24 -10.52
CA SER A 246 -10.61 20.56 -11.35
C SER A 246 -10.36 21.79 -12.20
N LYS A 247 -9.91 22.88 -11.58
CA LYS A 247 -9.60 24.13 -12.31
C LYS A 247 -8.19 24.03 -12.88
N MET A 248 -8.05 23.16 -13.89
CA MET A 248 -6.74 22.91 -14.49
C MET A 248 -6.22 24.12 -15.24
N ARG A 249 -7.11 24.96 -15.78
CA ARG A 249 -6.68 26.10 -16.58
C ARG A 249 -5.83 27.10 -15.80
N PHE A 250 -5.79 27.00 -14.47
CA PHE A 250 -4.91 27.84 -13.68
C PHE A 250 -3.53 27.22 -13.49
N LEU A 251 -3.40 25.90 -13.65
CA LEU A 251 -2.08 25.30 -13.79
C LEU A 251 -1.57 25.40 -15.22
N SER A 252 -2.48 25.40 -16.19
CA SER A 252 -2.08 25.52 -17.59
C SER A 252 -1.69 26.95 -17.94
N ALA A 253 -2.37 27.94 -17.35
CA ALA A 253 -2.01 29.33 -17.60
C ALA A 253 -0.60 29.64 -17.14
N GLN A 254 -0.15 29.02 -16.04
CA GLN A 254 1.23 29.19 -15.60
C GLN A 254 2.21 28.58 -16.60
N MET A 255 1.89 27.40 -17.12
CA MET A 255 2.79 26.73 -18.05
C MET A 255 2.80 27.42 -19.41
N HIS A 256 1.67 28.04 -19.80
CA HIS A 256 1.62 28.74 -21.07
C HIS A 256 2.55 29.94 -21.08
N ALA A 257 2.53 30.75 -20.01
CA ALA A 257 3.45 31.87 -19.91
C ALA A 257 4.87 31.41 -19.61
N TYR A 258 5.01 30.23 -18.98
CA TYR A 258 6.34 29.69 -18.70
C TYR A 258 7.09 29.33 -19.98
N LEU A 259 6.37 28.90 -21.01
CA LEU A 259 6.97 28.51 -22.27
C LEU A 259 6.89 29.59 -23.35
N ALA A 260 6.03 30.59 -23.17
CA ALA A 260 5.85 31.61 -24.19
C ALA A 260 7.07 32.53 -24.27
N ASP A 261 7.50 32.81 -25.49
CA ASP A 261 8.62 33.72 -25.76
C ASP A 261 9.91 33.29 -25.07
N ASP A 262 10.06 31.99 -24.84
CA ASP A 262 11.25 31.42 -24.21
C ASP A 262 11.52 32.07 -22.86
N LEU A 263 10.46 32.28 -22.08
CA LEU A 263 10.63 32.85 -20.74
C LEU A 263 11.38 31.89 -19.82
N TRP A 264 11.14 30.59 -19.97
CA TRP A 264 11.81 29.62 -19.12
C TRP A 264 13.30 29.53 -19.45
N LEU A 265 13.65 29.66 -20.73
CA LEU A 265 15.06 29.64 -21.11
C LEU A 265 15.77 30.90 -20.65
N THR A 266 15.07 32.04 -20.63
CA THR A 266 15.68 33.28 -20.16
C THR A 266 15.81 33.30 -18.65
N ASN A 267 14.78 32.84 -17.93
CA ASN A 267 14.86 32.79 -16.47
C ASN A 267 15.98 31.86 -16.02
N ALA A 268 16.16 30.73 -16.70
CA ALA A 268 17.20 29.80 -16.32
C ALA A 268 18.59 30.34 -16.66
N ARG A 269 18.73 30.95 -17.84
CA ARG A 269 20.02 31.52 -18.21
C ARG A 269 20.42 32.66 -17.27
N HIS A 270 19.45 33.42 -16.78
CA HIS A 270 19.74 34.47 -15.81
C HIS A 270 20.14 33.88 -14.47
N ALA A 271 19.43 32.83 -14.02
CA ALA A 271 19.76 32.21 -12.74
C ALA A 271 21.15 31.57 -12.78
N ASN A 272 21.47 30.87 -13.86
CA ASN A 272 22.80 30.28 -14.00
C ASN A 272 23.87 31.34 -14.09
N LEU A 273 23.57 32.47 -14.74
CA LEU A 273 24.55 33.54 -14.86
C LEU A 273 24.79 34.22 -13.52
N MET A 274 23.73 34.45 -12.74
CA MET A 274 23.89 35.09 -11.44
C MET A 274 24.70 34.23 -10.47
N ALA A 275 24.59 32.90 -10.59
CA ALA A 275 25.42 32.04 -9.76
C ALA A 275 26.88 32.10 -10.17
N ALA A 276 27.15 32.27 -11.47
CA ALA A 276 28.54 32.34 -11.93
C ALA A 276 29.23 33.59 -11.39
N ARG A 277 28.53 34.72 -11.34
CA ARG A 277 29.12 35.95 -10.82
C ARG A 277 29.32 35.84 -9.31
N LEU A 278 28.37 35.23 -8.61
CA LEU A 278 28.48 35.10 -7.16
C LEU A 278 29.66 34.22 -6.77
N ALA A 279 29.87 33.12 -7.49
CA ALA A 279 30.98 32.24 -7.18
C ALA A 279 32.31 32.85 -7.60
N ALA A 280 32.34 33.54 -8.75
CA ALA A 280 33.57 34.17 -9.20
C ALA A 280 34.00 35.31 -8.28
N GLY A 281 33.03 36.04 -7.73
CA GLY A 281 33.37 37.11 -6.81
C GLY A 281 33.79 36.61 -5.44
N LEU A 282 33.22 35.50 -4.99
CA LEU A 282 33.60 34.94 -3.70
C LEU A 282 34.92 34.19 -3.77
N SER A 283 35.17 33.48 -4.87
CA SER A 283 36.41 32.72 -4.99
C SER A 283 37.63 33.62 -5.13
N ALA A 284 37.43 34.89 -5.51
CA ALA A 284 38.52 35.85 -5.55
C ALA A 284 39.03 36.22 -4.16
N LEU A 285 38.27 35.89 -3.11
CA LEU A 285 38.68 36.19 -1.75
C LEU A 285 39.68 35.14 -1.25
N SER A 286 40.59 35.59 -0.38
CA SER A 286 41.66 34.71 0.09
C SER A 286 41.12 33.60 0.99
N ARG A 287 40.23 33.94 1.91
CA ARG A 287 39.71 32.99 2.89
C ARG A 287 38.44 32.30 2.42
N VAL A 288 38.02 32.54 1.18
CA VAL A 288 36.83 31.91 0.62
C VAL A 288 37.24 31.11 -0.61
N SER A 289 36.89 29.83 -0.63
CA SER A 289 37.24 28.93 -1.72
C SER A 289 36.01 28.15 -2.15
N LEU A 290 36.02 27.69 -3.39
CA LEU A 290 34.93 26.90 -3.95
C LEU A 290 35.23 25.42 -3.79
N ILE A 291 34.24 24.66 -3.34
CA ILE A 291 34.41 23.22 -3.17
C ILE A 291 34.27 22.50 -4.50
N ALA A 292 33.36 22.95 -5.35
CA ALA A 292 33.12 22.34 -6.66
C ALA A 292 32.82 23.43 -7.67
N PRO A 293 33.18 23.23 -8.94
CA PRO A 293 32.87 24.24 -9.96
C PRO A 293 31.37 24.38 -10.16
N THR A 294 30.94 25.62 -10.34
CA THR A 294 29.52 25.91 -10.52
C THR A 294 29.11 25.63 -11.96
N GLU A 295 28.13 24.75 -12.13
CA GLU A 295 27.62 24.38 -13.44
C GLU A 295 26.24 24.94 -13.75
N SER A 296 25.38 25.09 -12.74
CA SER A 296 24.03 25.60 -12.96
C SER A 296 23.75 26.81 -12.08
N ASN A 297 22.92 26.65 -11.05
CA ASN A 297 22.54 27.75 -10.18
C ASN A 297 22.76 27.42 -8.70
N ILE A 298 23.61 26.44 -8.40
CA ILE A 298 23.89 26.02 -7.04
C ILE A 298 25.40 26.13 -6.81
N ILE A 299 25.79 26.88 -5.79
CA ILE A 299 27.19 27.11 -5.45
C ILE A 299 27.50 26.39 -4.15
N PHE A 300 28.68 25.76 -4.09
CA PHE A 300 29.20 25.16 -2.87
C PHE A 300 30.58 25.75 -2.60
N CYS A 301 30.70 26.51 -1.50
CA CYS A 301 31.94 27.16 -1.15
C CYS A 301 32.24 26.95 0.32
N ARG A 302 33.50 27.21 0.70
CA ARG A 302 33.95 27.10 2.08
C ARG A 302 34.31 28.49 2.58
N MET A 303 33.82 28.82 3.78
CA MET A 303 34.03 30.11 4.41
C MET A 303 34.55 29.92 5.83
N PRO A 304 35.19 30.93 6.40
CA PRO A 304 35.51 30.88 7.83
C PRO A 304 34.24 30.81 8.67
N THR A 305 34.34 30.12 9.80
CA THR A 305 33.18 29.96 10.67
C THR A 305 32.68 31.29 11.20
N LYS A 306 33.58 32.24 11.42
CA LYS A 306 33.15 33.58 11.84
C LYS A 306 32.44 34.30 10.70
N MET A 307 32.85 34.06 9.46
CA MET A 307 32.18 34.68 8.32
C MET A 307 30.72 34.23 8.21
N ILE A 308 30.46 32.95 8.46
CA ILE A 308 29.11 32.41 8.36
C ILE A 308 28.21 33.08 9.39
N ALA A 309 28.68 33.17 10.64
CA ALA A 309 27.89 33.79 11.69
C ALA A 309 27.73 35.28 11.45
N ALA A 310 28.78 35.93 10.93
CA ALA A 310 28.70 37.37 10.68
C ALA A 310 27.76 37.68 9.52
N LEU A 311 27.75 36.84 8.49
CA LEU A 311 26.85 37.06 7.36
C LEU A 311 25.39 36.83 7.77
N GLN A 312 25.15 35.84 8.64
CA GLN A 312 23.79 35.58 9.09
C GLN A 312 23.29 36.64 10.06
N GLN A 313 24.19 37.35 10.74
CA GLN A 313 23.77 38.45 11.59
C GLN A 313 23.39 39.69 10.78
N GLN A 314 24.00 39.85 9.60
CA GLN A 314 23.71 40.99 8.75
C GLN A 314 22.43 40.83 7.93
N GLY A 315 21.81 39.65 7.96
CA GLY A 315 20.60 39.40 7.23
C GLY A 315 20.72 38.51 6.01
N PHE A 316 21.88 37.89 5.79
CA PHE A 316 22.08 36.98 4.67
C PHE A 316 21.73 35.56 5.10
N GLN A 317 20.92 34.88 4.28
CA GLN A 317 20.41 33.56 4.60
C GLN A 317 20.97 32.53 3.64
N PHE A 318 21.44 31.41 4.19
CA PHE A 318 21.95 30.29 3.41
C PHE A 318 22.05 29.08 4.31
N TYR A 319 22.32 27.92 3.70
CA TYR A 319 22.49 26.68 4.42
C TYR A 319 23.99 26.38 4.58
N HIS A 320 24.35 25.86 5.75
CA HIS A 320 25.78 25.66 6.04
C HIS A 320 26.09 24.32 6.68
N ASP A 321 25.53 24.03 7.84
CA ASP A 321 25.93 22.87 8.62
C ASP A 321 25.50 21.55 7.99
N ARG A 322 24.70 21.58 6.93
CA ARG A 322 24.11 20.36 6.39
C ARG A 322 25.11 19.46 5.67
N TRP A 323 26.33 19.94 5.40
CA TRP A 323 27.32 19.15 4.68
C TRP A 323 28.69 19.12 5.34
N GLY A 324 28.97 20.01 6.28
CA GLY A 324 30.27 20.04 6.92
C GLY A 324 30.47 21.36 7.65
N ASP A 325 31.70 21.54 8.12
CA ASP A 325 32.08 22.76 8.84
C ASP A 325 32.65 23.76 7.84
N GLY A 326 32.07 24.96 7.79
CA GLY A 326 32.47 25.97 6.85
C GLY A 326 31.86 25.83 5.47
N ILE A 327 31.27 24.68 5.14
CA ILE A 327 30.64 24.49 3.84
C ILE A 327 29.38 25.33 3.77
N VAL A 328 29.23 26.10 2.70
CA VAL A 328 28.10 26.99 2.50
C VAL A 328 27.53 26.75 1.10
N ARG A 329 26.21 26.57 1.03
CA ARG A 329 25.52 26.43 -0.25
C ARG A 329 24.79 27.72 -0.58
N LEU A 330 24.88 28.14 -1.84
CA LEU A 330 24.21 29.35 -2.32
C LEU A 330 23.46 29.00 -3.59
N VAL A 331 22.16 29.30 -3.62
CA VAL A 331 21.30 29.00 -4.75
C VAL A 331 20.72 30.31 -5.27
N THR A 332 20.97 30.60 -6.54
CA THR A 332 20.40 31.77 -7.20
C THR A 332 19.17 31.36 -8.00
N SER A 333 18.23 32.28 -8.12
CA SER A 333 16.99 32.07 -8.85
C SER A 333 16.88 33.08 -9.99
N PHE A 334 15.77 32.99 -10.72
CA PHE A 334 15.51 33.93 -11.81
C PHE A 334 15.31 35.35 -11.30
N ALA A 335 15.07 35.53 -10.01
CA ALA A 335 14.77 36.83 -9.44
C ALA A 335 15.94 37.44 -8.69
N THR A 336 17.08 36.78 -8.65
CA THR A 336 18.27 37.37 -8.03
C THR A 336 18.82 38.47 -8.91
N THR A 337 19.00 39.66 -8.34
CA THR A 337 19.47 40.82 -9.08
C THR A 337 20.99 40.91 -9.04
N GLN A 338 21.54 41.67 -10.00
CA GLN A 338 22.98 41.93 -9.98
C GLN A 338 23.40 42.65 -8.71
N ALA A 339 22.51 43.47 -8.14
CA ALA A 339 22.84 44.16 -6.90
C ALA A 339 22.85 43.19 -5.72
N GLN A 340 21.95 42.21 -5.71
CA GLN A 340 21.94 41.23 -4.63
C GLN A 340 23.17 40.33 -4.67
N VAL A 341 23.71 40.09 -5.86
CA VAL A 341 24.94 39.30 -5.96
C VAL A 341 26.13 40.13 -5.48
N ASP A 342 26.25 41.37 -5.96
CA ASP A 342 27.37 42.21 -5.58
C ASP A 342 27.33 42.62 -4.11
N THR A 343 26.15 42.62 -3.49
CA THR A 343 26.07 42.96 -2.07
C THR A 343 26.64 41.86 -1.20
N PHE A 344 26.23 40.61 -1.46
CA PHE A 344 26.75 39.48 -0.68
C PHE A 344 28.26 39.33 -0.86
N ILE A 345 28.76 39.63 -2.07
CA ILE A 345 30.19 39.55 -2.31
C ILE A 345 30.93 40.64 -1.54
N ALA A 346 30.40 41.87 -1.57
CA ALA A 346 31.05 42.97 -0.87
C ALA A 346 31.02 42.76 0.64
N ALA A 347 29.94 42.17 1.16
CA ALA A 347 29.88 41.88 2.58
C ALA A 347 30.90 40.81 2.96
N ALA A 348 31.05 39.78 2.12
CA ALA A 348 32.05 38.75 2.39
C ALA A 348 33.46 39.28 2.20
N ALA A 349 33.66 40.20 1.26
CA ALA A 349 34.99 40.79 1.06
C ALA A 349 35.41 41.63 2.26
N GLN A 350 34.45 42.35 2.86
CA GLN A 350 34.78 43.13 4.06
C GLN A 350 35.11 42.22 5.23
N LEU A 351 34.39 41.12 5.38
CA LEU A 351 34.67 40.14 6.42
C LEU A 351 35.88 39.27 6.12
N ASN A 352 36.51 39.46 4.96
CA ASN A 352 37.68 38.69 4.59
C ASN A 352 38.93 39.23 5.30
N ASP B 10 22.01 -38.98 -1.59
CA ASP B 10 23.21 -39.16 -2.40
C ASP B 10 24.17 -37.99 -2.25
N THR B 11 23.62 -36.78 -2.35
CA THR B 11 24.44 -35.57 -2.27
C THR B 11 24.56 -35.10 -0.82
N VAL B 12 25.79 -34.87 -0.39
CA VAL B 12 26.06 -34.29 0.92
C VAL B 12 26.08 -32.77 0.75
N SER B 13 25.04 -32.10 1.26
CA SER B 13 24.84 -30.68 1.01
C SER B 13 25.07 -29.88 2.28
N PHE B 14 25.74 -28.74 2.13
CA PHE B 14 25.90 -27.76 3.19
C PHE B 14 25.45 -26.39 2.73
N THR B 15 24.44 -26.34 1.86
CA THR B 15 23.96 -25.07 1.34
C THR B 15 23.28 -24.25 2.43
N SER B 16 22.36 -24.87 3.17
CA SER B 16 21.63 -24.19 4.24
C SER B 16 21.06 -25.24 5.17
N ASP B 17 20.35 -24.78 6.20
CA ASP B 17 19.64 -25.66 7.11
C ASP B 17 18.16 -25.78 6.77
N ASN B 18 17.71 -25.18 5.68
CA ASN B 18 16.34 -25.33 5.21
C ASN B 18 16.17 -26.50 4.26
N ILE B 19 17.26 -27.13 3.82
CA ILE B 19 17.17 -28.32 2.99
C ILE B 19 16.80 -29.56 3.81
N ALA B 20 17.05 -29.54 5.11
CA ALA B 20 16.76 -30.69 5.95
C ALA B 20 15.26 -30.80 6.22
N ALA B 21 14.87 -31.92 6.81
CA ALA B 21 13.47 -32.14 7.17
C ALA B 21 13.22 -31.77 8.62
N ALA B 22 12.25 -32.42 9.25
CA ALA B 22 11.95 -32.18 10.66
C ALA B 22 12.58 -33.28 11.52
N ALA B 23 12.70 -32.96 12.81
CA ALA B 23 13.06 -33.98 13.77
C ALA B 23 11.95 -35.02 13.85
N PRO B 24 12.27 -36.27 14.19
CA PRO B 24 11.21 -37.29 14.30
C PRO B 24 10.11 -36.90 15.28
N GLU B 25 10.45 -36.21 16.37
CA GLU B 25 9.43 -35.82 17.34
C GLU B 25 8.48 -34.79 16.77
N ILE B 26 8.92 -34.01 15.77
CA ILE B 26 8.08 -32.94 15.23
C ILE B 26 6.93 -33.53 14.42
N VAL B 27 7.24 -34.48 13.52
CA VAL B 27 6.20 -35.04 12.66
C VAL B 27 5.29 -35.97 13.45
N GLN B 28 5.80 -36.60 14.52
CA GLN B 28 4.96 -37.44 15.35
C GLN B 28 4.01 -36.63 16.22
N ALA B 29 4.34 -35.37 16.51
CA ALA B 29 3.46 -34.53 17.32
C ALA B 29 2.22 -34.11 16.54
N MET B 30 2.37 -33.84 15.24
CA MET B 30 1.22 -33.46 14.43
C MET B 30 0.24 -34.60 14.27
N ALA B 31 0.73 -35.85 14.27
CA ALA B 31 -0.16 -37.00 14.16
C ALA B 31 -1.01 -37.15 15.41
N GLN B 32 -0.45 -36.84 16.59
CA GLN B 32 -1.19 -36.97 17.82
C GLN B 32 -2.21 -35.84 17.98
N ALA B 33 -1.84 -34.63 17.57
CA ALA B 33 -2.76 -33.49 17.61
C ALA B 33 -3.86 -33.59 16.57
N CYS B 34 -3.83 -34.62 15.71
CA CYS B 34 -4.83 -34.74 14.65
C CYS B 34 -6.18 -35.18 15.20
N GLN B 35 -6.20 -36.29 15.96
CA GLN B 35 -7.45 -36.91 16.38
C GLN B 35 -8.36 -35.93 17.11
N GLY B 36 -9.62 -35.88 16.67
CA GLY B 36 -10.61 -35.04 17.29
C GLY B 36 -10.82 -33.73 16.54
N ASN B 37 -11.83 -33.00 17.00
CA ASN B 37 -12.13 -31.67 16.46
C ASN B 37 -11.61 -30.61 17.42
N ALA B 38 -11.08 -29.53 16.86
CA ALA B 38 -10.52 -28.44 17.64
C ALA B 38 -11.04 -27.11 17.09
N GLN B 39 -11.10 -26.11 17.98
CA GLN B 39 -11.52 -24.78 17.56
C GLN B 39 -10.44 -24.17 16.66
N PRO B 40 -10.81 -23.62 15.51
CA PRO B 40 -9.80 -23.17 14.55
C PRO B 40 -9.24 -21.80 14.92
N TYR B 41 -8.19 -21.41 14.18
CA TYR B 41 -7.57 -20.09 14.26
C TYR B 41 -6.97 -19.83 15.64
N GLY B 42 -6.33 -20.84 16.21
CA GLY B 42 -5.62 -20.69 17.46
C GLY B 42 -6.47 -20.76 18.71
N GLY B 43 -7.73 -21.15 18.60
CA GLY B 43 -8.59 -21.28 19.76
C GLY B 43 -8.47 -22.59 20.51
N ASP B 44 -7.65 -23.52 20.01
CA ASP B 44 -7.49 -24.81 20.66
C ASP B 44 -6.67 -24.67 21.95
N ALA B 45 -6.56 -25.78 22.67
CA ALA B 45 -5.82 -25.80 23.92
C ALA B 45 -4.32 -26.00 23.70
N LEU B 46 -3.92 -26.61 22.59
CA LEU B 46 -2.50 -26.81 22.33
C LEU B 46 -1.81 -25.50 21.98
N THR B 47 -2.49 -24.63 21.24
CA THR B 47 -1.92 -23.31 20.96
C THR B 47 -1.79 -22.48 22.23
N GLN B 48 -2.73 -22.64 23.16
CA GLN B 48 -2.63 -21.92 24.43
C GLN B 48 -1.51 -22.48 25.30
N ASN B 49 -1.37 -23.81 25.34
CA ASN B 49 -0.31 -24.41 26.15
C ASN B 49 1.07 -24.05 25.63
N VAL B 50 1.23 -24.00 24.32
CA VAL B 50 2.51 -23.60 23.73
C VAL B 50 2.83 -22.17 24.13
N GLU B 51 1.84 -21.28 24.11
CA GLU B 51 2.05 -19.90 24.54
C GLU B 51 2.42 -19.85 26.01
N ALA B 52 1.84 -20.73 26.82
CA ALA B 52 2.17 -20.78 28.24
C ALA B 52 3.59 -21.25 28.47
N GLN B 53 4.08 -22.17 27.64
CA GLN B 53 5.47 -22.62 27.78
C GLN B 53 6.44 -21.50 27.45
N LEU B 54 6.17 -20.75 26.37
CA LEU B 54 7.05 -19.64 26.01
C LEU B 54 7.05 -18.55 27.07
N LYS B 55 5.95 -18.41 27.81
CA LYS B 55 5.94 -17.49 28.94
C LYS B 55 6.89 -17.95 30.04
N ALA B 56 7.07 -19.26 30.18
CA ALA B 56 7.99 -19.78 31.18
C ALA B 56 9.42 -19.84 30.67
N ILE B 57 9.60 -20.04 29.36
CA ILE B 57 10.94 -20.08 28.79
C ILE B 57 11.57 -18.69 28.80
N PHE B 58 10.78 -17.66 28.47
CA PHE B 58 11.26 -16.29 28.47
C PHE B 58 11.02 -15.57 29.80
N GLU B 59 10.42 -16.26 30.78
CA GLU B 59 10.30 -15.76 32.15
C GLU B 59 9.56 -14.43 32.21
N CYS B 60 8.56 -14.26 31.35
CA CYS B 60 7.82 -13.00 31.30
C CYS B 60 6.48 -13.25 30.62
N ASP B 61 5.61 -12.26 30.71
CA ASP B 61 4.33 -12.29 30.02
C ASP B 61 4.54 -11.86 28.57
N LEU B 62 3.98 -12.61 27.64
CA LEU B 62 4.13 -12.33 26.22
C LEU B 62 2.89 -12.84 25.48
N GLN B 63 2.93 -12.74 24.15
CA GLN B 63 1.84 -13.21 23.31
C GLN B 63 2.42 -13.90 22.08
N LEU B 64 1.77 -14.99 21.69
CA LEU B 64 2.25 -15.85 20.61
C LEU B 64 1.44 -15.65 19.35
N PHE B 65 2.14 -15.58 18.21
CA PHE B 65 1.51 -15.48 16.90
C PHE B 65 2.28 -16.40 15.95
N LEU B 66 1.78 -17.61 15.77
CA LEU B 66 2.44 -18.59 14.91
C LEU B 66 2.19 -18.25 13.44
N VAL B 67 3.27 -18.24 12.65
CA VAL B 67 3.19 -17.90 11.23
C VAL B 67 3.96 -18.96 10.45
N PRO B 68 3.64 -19.13 9.16
CA PRO B 68 4.29 -20.20 8.37
C PRO B 68 5.73 -19.92 7.99
N THR B 69 6.10 -18.65 7.81
CA THR B 69 7.45 -18.30 7.39
C THR B 69 8.05 -17.28 8.34
N GLY B 70 9.39 -17.24 8.35
CA GLY B 70 10.09 -16.25 9.14
C GLY B 70 10.03 -14.86 8.53
N SER B 71 9.90 -14.79 7.20
CA SER B 71 9.70 -13.49 6.56
C SER B 71 8.35 -12.89 6.97
N ALA B 72 7.32 -13.72 7.12
CA ALA B 72 6.05 -13.24 7.64
C ALA B 72 6.20 -12.75 9.08
N ALA B 73 6.99 -13.46 9.88
CA ALA B 73 7.23 -13.02 11.25
C ALA B 73 7.96 -11.68 11.28
N ASN B 74 8.90 -11.47 10.36
CA ASN B 74 9.60 -10.19 10.31
C ASN B 74 8.68 -9.08 9.82
N ALA B 75 7.98 -9.32 8.72
CA ALA B 75 7.17 -8.26 8.09
C ALA B 75 6.00 -7.86 8.98
N ILE B 76 5.31 -8.84 9.58
CA ILE B 76 4.18 -8.51 10.44
C ILE B 76 4.64 -7.75 11.68
N SER B 77 5.76 -8.17 12.27
CA SER B 77 6.27 -7.49 13.46
C SER B 77 6.68 -6.06 13.13
N LEU B 78 7.40 -5.87 12.03
CA LEU B 78 7.84 -4.52 11.64
C LEU B 78 6.66 -3.64 11.25
N ALA B 79 5.62 -4.21 10.66
CA ALA B 79 4.46 -3.42 10.26
C ALA B 79 3.69 -2.90 11.46
N ALA B 80 3.68 -3.67 12.56
CA ALA B 80 2.97 -3.21 13.76
C ALA B 80 3.71 -2.07 14.45
N LEU B 81 5.03 -2.02 14.32
CA LEU B 81 5.83 -1.00 14.98
C LEU B 81 6.10 0.22 14.12
N THR B 82 6.18 0.04 12.79
CA THR B 82 6.61 1.14 11.93
C THR B 82 5.41 1.74 11.19
N PRO B 83 5.22 3.05 11.26
CA PRO B 83 4.19 3.69 10.44
C PRO B 83 4.63 3.75 8.98
N PRO B 84 3.71 4.05 8.06
CA PRO B 84 4.10 4.12 6.64
C PRO B 84 5.20 5.12 6.36
N TRP B 85 5.19 6.27 7.03
CA TRP B 85 6.24 7.27 6.87
C TRP B 85 7.47 6.96 7.71
N GLY B 86 7.43 5.91 8.52
CA GLY B 86 8.55 5.56 9.37
C GLY B 86 9.70 4.95 8.58
N ALA B 87 10.80 4.71 9.30
CA ALA B 87 11.99 4.11 8.72
C ALA B 87 12.46 2.98 9.61
N ILE B 88 12.95 1.90 8.98
CA ILE B 88 13.46 0.73 9.68
C ILE B 88 14.98 0.73 9.55
N LEU B 89 15.67 0.77 10.69
CA LEU B 89 17.12 0.75 10.71
C LEU B 89 17.61 -0.70 10.84
N CYS B 90 18.44 -1.12 9.89
CA CYS B 90 18.93 -2.49 9.88
C CYS B 90 20.27 -2.52 9.13
N HIS B 91 20.84 -3.71 9.02
CA HIS B 91 22.09 -3.90 8.32
C HIS B 91 21.85 -4.02 6.82
N GLN B 92 22.88 -3.67 6.05
CA GLN B 92 22.78 -3.73 4.59
C GLN B 92 22.52 -5.15 4.11
N GLU B 93 23.19 -6.13 4.72
CA GLU B 93 23.07 -7.53 4.33
C GLU B 93 22.00 -8.28 5.12
N SER B 94 21.05 -7.56 5.72
CA SER B 94 20.02 -8.22 6.50
C SER B 94 19.02 -8.93 5.60
N HIS B 95 18.36 -9.94 6.17
CA HIS B 95 17.38 -10.71 5.41
C HIS B 95 16.18 -9.87 5.01
N ILE B 96 15.78 -8.92 5.86
CA ILE B 96 14.64 -8.07 5.54
C ILE B 96 14.96 -7.07 4.43
N ASN B 97 16.24 -6.81 4.18
CA ASN B 97 16.66 -5.86 3.17
C ASN B 97 17.05 -6.52 1.85
N ASN B 98 17.06 -7.85 1.79
CA ASN B 98 17.59 -8.53 0.61
C ASN B 98 16.75 -9.73 0.18
N ASP B 99 16.49 -10.66 1.09
CA ASP B 99 15.93 -11.97 0.74
C ASP B 99 14.48 -12.13 1.17
N GLU B 100 13.67 -11.09 1.01
CA GLU B 100 12.24 -11.18 1.31
C GLU B 100 11.38 -10.55 0.22
N CYS B 101 11.98 -10.11 -0.88
CA CYS B 101 11.27 -9.47 -1.99
C CYS B 101 10.43 -8.29 -1.49
N GLY B 102 11.05 -7.46 -0.67
CA GLY B 102 10.38 -6.29 -0.15
C GLY B 102 9.20 -6.60 0.75
N ALA B 103 9.21 -7.76 1.41
CA ALA B 103 8.13 -8.09 2.33
C ALA B 103 7.96 -7.07 3.45
N PRO B 104 9.02 -6.53 4.06
CA PRO B 104 8.78 -5.44 5.03
C PRO B 104 8.17 -4.20 4.41
N GLU B 105 8.61 -3.82 3.20
CA GLU B 105 8.01 -2.67 2.54
C GLU B 105 6.54 -2.89 2.21
N PHE B 106 6.15 -4.14 1.97
CA PHE B 106 4.76 -4.43 1.60
C PHE B 106 3.83 -4.38 2.80
N PHE B 107 4.25 -4.95 3.93
CA PHE B 107 3.39 -4.97 5.11
C PHE B 107 3.36 -3.63 5.84
N THR B 108 4.44 -2.86 5.77
CA THR B 108 4.50 -1.56 6.41
C THR B 108 3.87 -0.45 5.57
N ALA B 109 3.27 -0.79 4.43
CA ALA B 109 2.66 0.19 3.52
C ALA B 109 3.69 1.20 3.01
N GLY B 110 4.90 0.71 2.71
CA GLY B 110 5.89 1.53 2.07
C GLY B 110 6.88 2.22 2.98
N ALA B 111 7.11 1.70 4.18
CA ALA B 111 8.12 2.28 5.06
C ALA B 111 9.52 2.02 4.49
N LYS B 112 10.43 2.94 4.77
CA LYS B 112 11.77 2.90 4.22
C LYS B 112 12.68 2.07 5.10
N LEU B 113 13.61 1.34 4.47
CA LEU B 113 14.62 0.56 5.18
C LEU B 113 15.97 1.26 4.99
N ILE B 114 16.53 1.76 6.08
CA ILE B 114 17.78 2.50 6.05
C ILE B 114 18.89 1.59 6.57
N ALA B 115 19.94 1.42 5.76
CA ALA B 115 21.06 0.56 6.13
C ALA B 115 21.98 1.29 7.11
N VAL B 116 22.44 0.56 8.12
CA VAL B 116 23.35 1.08 9.13
C VAL B 116 24.66 0.30 9.01
N ALA B 117 25.78 1.04 9.04
CA ALA B 117 27.09 0.41 8.90
C ALA B 117 27.40 -0.49 10.07
N GLY B 118 28.13 -1.57 9.80
CA GLY B 118 28.50 -2.52 10.83
C GLY B 118 29.23 -3.69 10.22
N THR B 119 29.91 -4.43 11.10
CA THR B 119 30.70 -5.58 10.70
C THR B 119 30.04 -6.87 11.17
N HIS B 120 30.24 -7.93 10.37
CA HIS B 120 29.72 -9.27 10.69
C HIS B 120 28.20 -9.24 10.85
N GLY B 121 27.52 -8.49 9.98
CA GLY B 121 26.08 -8.39 10.03
C GLY B 121 25.51 -7.65 11.21
N LYS B 122 26.35 -7.20 12.15
CA LYS B 122 25.89 -6.48 13.32
C LYS B 122 25.76 -4.99 13.01
N LEU B 123 25.09 -4.28 13.91
CA LEU B 123 24.93 -2.84 13.82
C LEU B 123 25.92 -2.14 14.75
N ASP B 124 26.55 -1.10 14.25
CA ASP B 124 27.48 -0.33 15.07
C ASP B 124 26.70 0.63 15.95
N PRO B 125 27.01 0.71 17.25
CA PRO B 125 26.24 1.62 18.12
C PRO B 125 26.37 3.08 17.74
N GLN B 126 27.57 3.51 17.32
CA GLN B 126 27.73 4.90 16.91
C GLN B 126 26.98 5.20 15.62
N ALA B 127 27.05 4.28 14.64
CA ALA B 127 26.32 4.49 13.39
C ALA B 127 24.81 4.40 13.60
N LEU B 128 24.37 3.63 14.60
CA LEU B 128 22.94 3.53 14.87
C LEU B 128 22.40 4.80 15.50
N THR B 129 23.12 5.35 16.48
CA THR B 129 22.72 6.62 17.07
C THR B 129 22.73 7.72 16.03
N GLN B 130 23.71 7.69 15.12
CA GLN B 130 23.80 8.71 14.08
C GLN B 130 22.62 8.61 13.11
N ALA B 131 22.17 7.39 12.83
CA ALA B 131 21.02 7.23 11.93
C ALA B 131 19.71 7.57 12.62
N ALA B 132 19.66 7.42 13.95
CA ALA B 132 18.43 7.74 14.67
C ALA B 132 18.25 9.25 14.82
N ARG B 133 19.33 9.96 15.09
CA ARG B 133 19.28 11.42 15.26
C ARG B 133 19.25 12.18 13.93
N ASN B 134 19.36 11.48 12.80
CA ASN B 134 19.50 12.14 11.51
C ASN B 134 18.14 12.67 11.03
N LYS B 135 18.11 13.96 10.70
CA LYS B 135 16.95 14.61 10.12
C LYS B 135 15.69 14.41 10.97
N ARG B 136 15.84 14.64 12.27
CA ARG B 136 14.71 14.60 13.18
C ARG B 136 13.88 15.87 13.05
N GLY B 137 12.56 15.71 13.11
CA GLY B 137 11.66 16.84 12.96
C GLY B 137 11.51 17.34 11.53
N ASP B 138 12.26 16.79 10.58
CA ASP B 138 12.15 17.20 9.19
C ASP B 138 10.92 16.53 8.56
N VAL B 139 9.96 17.34 8.13
CA VAL B 139 8.75 16.77 7.53
C VAL B 139 9.05 16.20 6.15
N HIS B 140 10.07 16.72 5.46
CA HIS B 140 10.39 16.24 4.13
C HIS B 140 11.06 14.87 4.16
N SER B 141 11.63 14.47 5.29
CA SER B 141 12.35 13.22 5.41
C SER B 141 11.55 12.22 6.24
N VAL B 142 11.69 10.93 5.92
CA VAL B 142 11.06 9.89 6.72
C VAL B 142 11.69 9.89 8.11
N GLU B 143 10.89 9.51 9.10
CA GLU B 143 11.42 9.50 10.46
C GLU B 143 11.80 8.10 10.87
N PRO B 144 13.02 7.88 11.35
CA PRO B 144 13.38 6.56 11.89
C PRO B 144 12.52 6.23 13.10
N THR B 145 11.93 5.04 13.08
CA THR B 145 11.05 4.59 14.15
C THR B 145 11.49 3.29 14.79
N THR B 146 11.98 2.33 14.00
CA THR B 146 12.24 0.99 14.49
C THR B 146 13.64 0.53 14.07
N VAL B 147 14.19 -0.38 14.86
CA VAL B 147 15.47 -1.01 14.60
C VAL B 147 15.25 -2.52 14.50
N SER B 148 15.98 -3.17 13.60
CA SER B 148 15.89 -4.61 13.42
C SER B 148 17.29 -5.21 13.43
N ILE B 149 17.52 -6.16 14.32
CA ILE B 149 18.78 -6.89 14.41
C ILE B 149 18.50 -8.37 14.21
N THR B 150 19.50 -9.09 13.70
CA THR B 150 19.38 -10.50 13.40
C THR B 150 20.28 -11.29 14.34
N GLN B 151 19.69 -12.18 15.13
CA GLN B 151 20.41 -12.98 16.11
C GLN B 151 20.02 -14.44 15.94
N ALA B 152 20.93 -15.25 15.41
CA ALA B 152 22.25 -14.80 14.99
C ALA B 152 22.20 -14.19 13.59
N THR B 153 23.25 -13.47 13.22
CA THR B 153 23.25 -12.73 11.97
C THR B 153 23.24 -13.68 10.77
N GLU B 154 23.08 -13.11 9.58
CA GLU B 154 23.03 -13.90 8.36
C GLU B 154 24.35 -14.59 8.06
N VAL B 155 25.47 -14.12 8.61
CA VAL B 155 26.78 -14.70 8.33
C VAL B 155 27.17 -15.59 9.49
N GLY B 156 26.20 -15.87 10.36
CA GLY B 156 26.42 -16.71 11.52
C GLY B 156 27.05 -16.02 12.71
N SER B 157 27.40 -14.74 12.59
CA SER B 157 27.95 -14.01 13.72
C SER B 157 26.89 -13.83 14.81
N ILE B 158 27.34 -13.74 16.06
CA ILE B 158 26.46 -13.75 17.22
C ILE B 158 26.65 -12.45 17.99
N TYR B 159 25.57 -11.71 18.18
CA TYR B 159 25.58 -10.56 19.08
C TYR B 159 25.92 -11.01 20.49
N ALA B 160 26.82 -10.28 21.15
CA ALA B 160 27.06 -10.52 22.56
C ALA B 160 25.97 -9.85 23.39
N LEU B 161 25.82 -10.31 24.64
CA LEU B 161 24.81 -9.73 25.52
C LEU B 161 25.07 -8.25 25.76
N ASP B 162 26.34 -7.85 25.83
CA ASP B 162 26.66 -6.44 26.00
C ASP B 162 26.30 -5.64 24.76
N GLU B 163 26.52 -6.20 23.57
CA GLU B 163 26.13 -5.53 22.34
C GLU B 163 24.61 -5.46 22.21
N LEU B 164 23.89 -6.48 22.68
CA LEU B 164 22.43 -6.44 22.64
C LEU B 164 21.88 -5.39 23.59
N ASN B 165 22.45 -5.29 24.80
CA ASN B 165 21.97 -4.30 25.75
C ASN B 165 22.30 -2.89 25.31
N GLU B 166 23.42 -2.69 24.61
CA GLU B 166 23.78 -1.35 24.16
C GLU B 166 22.82 -0.85 23.08
N ILE B 167 22.45 -1.72 22.14
CA ILE B 167 21.48 -1.35 21.12
C ILE B 167 20.12 -1.07 21.76
N GLY B 168 19.78 -1.81 22.81
CA GLY B 168 18.50 -1.58 23.48
C GLY B 168 18.41 -0.21 24.13
N GLN B 169 19.47 0.20 24.83
CA GLN B 169 19.47 1.55 25.43
C GLN B 169 19.43 2.62 24.37
N ILE B 170 20.07 2.40 23.22
CA ILE B 170 19.99 3.35 22.12
C ILE B 170 18.56 3.50 21.65
N CYS B 171 17.83 2.39 21.55
CA CYS B 171 16.42 2.46 21.15
C CYS B 171 15.59 3.19 22.19
N ARG B 172 15.90 2.99 23.47
CA ARG B 172 15.17 3.69 24.53
C ARG B 172 15.58 5.15 24.61
N ASN B 173 16.84 5.46 24.34
CA ASN B 173 17.28 6.86 24.36
C ASN B 173 16.70 7.65 23.19
N GLU B 174 16.49 6.99 22.04
CA GLU B 174 15.98 7.64 20.84
C GLU B 174 14.52 7.32 20.57
N GLY B 175 13.82 6.73 21.53
CA GLY B 175 12.40 6.43 21.34
C GLY B 175 12.11 5.43 20.26
N LEU B 176 13.04 4.51 20.01
CA LEU B 176 12.90 3.53 18.94
C LEU B 176 12.41 2.20 19.50
N LYS B 177 11.85 1.39 18.62
CA LYS B 177 11.42 0.03 18.94
C LYS B 177 12.39 -0.97 18.33
N LEU B 178 12.69 -2.02 19.07
CA LEU B 178 13.70 -3.01 18.68
C LEU B 178 13.03 -4.33 18.36
N HIS B 179 13.22 -4.80 17.13
CA HIS B 179 12.76 -6.11 16.69
C HIS B 179 13.97 -7.00 16.40
N MET B 180 13.89 -8.26 16.81
CA MET B 180 14.97 -9.22 16.61
C MET B 180 14.52 -10.31 15.65
N ASP B 181 15.31 -10.53 14.60
CA ASP B 181 15.10 -11.64 13.68
C ASP B 181 15.81 -12.85 14.25
N GLY B 182 15.03 -13.85 14.66
CA GLY B 182 15.61 -15.02 15.28
C GLY B 182 15.36 -16.31 14.51
N ALA B 183 15.61 -16.28 13.20
CA ALA B 183 15.52 -17.51 12.41
C ALA B 183 16.52 -18.55 12.89
N ARG B 184 17.71 -18.11 13.27
CA ARG B 184 18.69 -18.97 13.93
C ARG B 184 18.88 -18.49 15.36
N PHE B 185 17.76 -18.23 16.04
CA PHE B 185 17.80 -17.76 17.42
C PHE B 185 18.46 -18.79 18.33
N ALA B 186 18.09 -20.06 18.19
CA ALA B 186 18.63 -21.10 19.06
C ALA B 186 20.12 -21.32 18.84
N ASN B 187 20.60 -21.09 17.61
CA ASN B 187 22.03 -21.24 17.34
C ASN B 187 22.84 -20.20 18.11
N ALA B 188 22.31 -18.99 18.24
CA ALA B 188 22.98 -17.96 19.03
C ALA B 188 22.78 -18.20 20.53
N LEU B 189 21.59 -18.66 20.91
CA LEU B 189 21.32 -18.89 22.33
C LEU B 189 22.17 -20.03 22.88
N SER B 190 22.43 -21.06 22.05
CA SER B 190 23.18 -22.21 22.52
C SER B 190 24.66 -21.86 22.74
N ALA B 191 25.21 -21.01 21.87
CA ALA B 191 26.63 -20.66 21.99
C ALA B 191 26.88 -19.72 23.16
N LEU B 192 26.01 -18.72 23.35
CA LEU B 192 26.20 -17.78 24.45
C LEU B 192 25.92 -18.43 25.80
N GLY B 193 25.06 -19.44 25.83
CA GLY B 193 24.73 -20.09 27.09
C GLY B 193 23.96 -19.21 28.05
N CYS B 194 23.13 -18.30 27.54
CA CYS B 194 22.34 -17.40 28.36
C CYS B 194 20.88 -17.83 28.33
N THR B 195 20.08 -17.18 29.17
CA THR B 195 18.65 -17.44 29.18
C THR B 195 17.99 -16.74 27.99
N PRO B 196 16.90 -17.30 27.48
CA PRO B 196 16.18 -16.63 26.37
C PRO B 196 15.70 -15.23 26.73
N ALA B 197 15.49 -14.95 28.02
CA ALA B 197 15.07 -13.61 28.42
C ALA B 197 16.21 -12.61 28.29
N GLU B 198 17.44 -13.02 28.64
CA GLU B 198 18.58 -12.11 28.53
C GLU B 198 18.86 -11.72 27.10
N MET B 199 18.58 -12.61 26.14
CA MET B 199 18.81 -12.31 24.73
C MET B 199 17.74 -11.42 24.13
N THR B 200 16.55 -11.36 24.74
CA THR B 200 15.42 -10.69 24.12
C THR B 200 15.03 -9.49 24.96
N TRP B 201 14.00 -9.60 25.80
CA TRP B 201 13.39 -8.41 26.39
C TRP B 201 14.27 -7.78 27.47
N LYS B 202 15.12 -8.56 28.13
CA LYS B 202 16.06 -7.97 29.08
C LYS B 202 17.04 -7.04 28.40
N ALA B 203 17.27 -7.22 27.09
CA ALA B 203 18.10 -6.32 26.31
C ALA B 203 17.32 -5.21 25.64
N GLY B 204 15.99 -5.27 25.69
CA GLY B 204 15.14 -4.25 25.10
C GLY B 204 14.35 -4.68 23.88
N VAL B 205 14.39 -5.95 23.51
CA VAL B 205 13.65 -6.42 22.34
C VAL B 205 12.16 -6.41 22.66
N ASP B 206 11.38 -5.75 21.80
CA ASP B 206 9.94 -5.62 21.99
C ASP B 206 9.17 -6.73 21.29
N VAL B 207 9.60 -7.14 20.11
CA VAL B 207 8.97 -8.24 19.37
C VAL B 207 10.08 -9.11 18.78
N LEU B 208 9.86 -10.42 18.81
CA LEU B 208 10.86 -11.40 18.41
C LEU B 208 10.28 -12.30 17.33
N SER B 209 11.06 -12.51 16.26
CA SER B 209 10.73 -13.49 15.23
C SER B 209 11.38 -14.81 15.61
N PHE B 210 10.76 -15.48 16.59
CA PHE B 210 11.28 -16.74 17.12
C PHE B 210 11.22 -17.81 16.04
N GLY B 211 12.39 -18.22 15.55
CA GLY B 211 12.48 -19.16 14.45
C GLY B 211 12.67 -20.59 14.93
N ALA B 212 12.06 -21.52 14.19
CA ALA B 212 12.17 -22.95 14.51
C ALA B 212 12.31 -23.84 13.29
N THR B 213 11.98 -23.37 12.09
CA THR B 213 12.01 -24.20 10.89
C THR B 213 13.41 -24.72 10.58
N ASN B 215 15.75 -25.16 12.61
CA ASN B 215 16.30 -25.94 13.72
C ASN B 215 15.56 -27.25 13.93
N GLY B 216 14.67 -27.60 13.00
CA GLY B 216 14.03 -28.90 13.05
C GLY B 216 12.52 -28.91 12.87
N SER B 217 11.93 -27.75 12.62
CA SER B 217 10.50 -27.67 12.38
C SER B 217 10.22 -27.66 10.88
N LEU B 218 8.93 -27.59 10.53
CA LEU B 218 8.49 -27.54 9.14
C LEU B 218 8.08 -26.14 8.72
N CYS B 219 7.16 -25.51 9.47
CA CYS B 219 6.75 -24.15 9.17
C CYS B 219 6.25 -23.43 10.43
N ALA B 220 6.64 -23.89 11.62
CA ALA B 220 6.18 -23.29 12.87
C ALA B 220 7.13 -22.15 13.24
N GLU B 221 6.85 -20.98 12.67
CA GLU B 221 7.53 -19.75 13.02
C GLU B 221 6.64 -18.95 13.95
N ALA B 222 7.24 -18.35 14.97
CA ALA B 222 6.51 -17.72 16.05
C ALA B 222 6.85 -16.25 16.15
N ILE B 223 5.83 -15.40 16.20
CA ILE B 223 5.99 -14.00 16.55
C ILE B 223 5.77 -13.87 18.05
N ILE B 224 6.84 -13.61 18.79
CA ILE B 224 6.78 -13.45 20.24
C ILE B 224 6.78 -11.96 20.56
N LEU B 225 5.69 -11.48 21.13
CA LEU B 225 5.51 -10.07 21.43
C LEU B 225 5.68 -9.85 22.94
N PHE B 226 6.68 -9.06 23.30
CA PHE B 226 6.92 -8.74 24.70
C PHE B 226 6.20 -7.48 25.14
N ASP B 227 6.04 -6.50 24.24
CA ASP B 227 5.27 -5.29 24.52
C ASP B 227 3.88 -5.51 23.92
N LYS B 228 2.96 -5.98 24.75
CA LYS B 228 1.63 -6.36 24.27
C LYS B 228 0.75 -5.16 23.91
N SER B 229 1.28 -3.95 23.79
CA SER B 229 0.48 -2.85 23.27
C SER B 229 0.19 -3.01 21.79
N TYR B 230 1.00 -3.78 21.07
CA TYR B 230 0.80 -4.05 19.65
C TYR B 230 0.11 -5.38 19.41
N ALA B 231 -0.55 -5.94 20.44
CA ALA B 231 -1.19 -7.25 20.30
C ALA B 231 -2.34 -7.20 19.31
N GLN B 232 -3.23 -6.20 19.46
CA GLN B 232 -4.34 -6.06 18.52
C GLN B 232 -3.84 -5.80 17.10
N GLU B 233 -2.72 -5.08 16.97
CA GLU B 233 -2.22 -4.74 15.65
C GLU B 233 -1.60 -5.96 14.96
N ILE B 234 -0.87 -6.79 15.70
CA ILE B 234 -0.25 -7.96 15.10
C ILE B 234 -1.31 -8.98 14.69
N ALA B 235 -2.34 -9.16 15.52
CA ALA B 235 -3.42 -10.08 15.17
C ALA B 235 -4.14 -9.64 13.91
N PHE B 236 -4.43 -8.34 13.80
CA PHE B 236 -5.08 -7.82 12.59
C PHE B 236 -4.18 -7.95 11.38
N ARG B 237 -2.88 -7.68 11.55
CA ARG B 237 -1.94 -7.74 10.43
C ARG B 237 -1.57 -9.17 10.04
N ARG B 238 -1.68 -10.12 10.98
CA ARG B 238 -1.45 -11.52 10.61
C ARG B 238 -2.61 -12.07 9.78
N LYS B 239 -3.84 -11.75 10.16
CA LYS B 239 -4.99 -12.20 9.39
C LYS B 239 -5.09 -11.47 8.06
N ARG B 240 -4.86 -10.15 8.07
CA ARG B 240 -4.93 -9.37 6.83
C ARG B 240 -3.87 -9.82 5.83
N GLY B 241 -2.71 -10.27 6.32
CA GLY B 241 -1.69 -10.81 5.44
C GLY B 241 -1.91 -12.24 5.01
N GLY B 242 -2.93 -12.91 5.55
CA GLY B 242 -3.21 -14.27 5.19
C GLY B 242 -2.39 -15.30 5.94
N HIS B 243 -1.93 -14.97 7.14
CA HIS B 243 -1.10 -15.87 7.93
C HIS B 243 -1.80 -16.40 9.17
N LEU B 244 -3.12 -16.27 9.26
CA LEU B 244 -3.89 -16.83 10.36
C LEU B 244 -4.50 -18.14 9.86
N LEU B 245 -3.85 -19.26 10.18
CA LEU B 245 -4.29 -20.55 9.70
C LEU B 245 -5.42 -21.09 10.58
N SER B 246 -6.40 -21.73 9.94
CA SER B 246 -7.52 -22.30 10.69
C SER B 246 -7.05 -23.45 11.56
N LYS B 247 -6.47 -24.48 10.95
CA LYS B 247 -5.97 -25.64 11.69
C LYS B 247 -4.60 -25.36 12.30
N MET B 248 -4.57 -24.36 13.20
CA MET B 248 -3.33 -23.94 13.82
C MET B 248 -2.78 -24.98 14.79
N ARG B 249 -3.62 -25.93 15.24
CA ARG B 249 -3.15 -26.97 16.13
C ARG B 249 -2.07 -27.85 15.49
N PHE B 250 -1.79 -27.67 14.20
CA PHE B 250 -0.69 -28.36 13.54
C PHE B 250 0.56 -27.49 13.41
N LEU B 251 0.43 -26.18 13.61
CA LEU B 251 1.62 -25.34 13.77
C LEU B 251 2.10 -25.36 15.22
N SER B 252 1.16 -25.36 16.16
CA SER B 252 1.53 -25.43 17.57
C SER B 252 2.01 -26.82 17.95
N ALA B 253 1.53 -27.86 17.26
CA ALA B 253 2.03 -29.21 17.52
C ALA B 253 3.50 -29.32 17.19
N GLN B 254 3.95 -28.65 16.12
CA GLN B 254 5.38 -28.60 15.83
C GLN B 254 6.13 -27.85 16.93
N MET B 255 5.57 -26.73 17.40
CA MET B 255 6.25 -25.93 18.42
C MET B 255 6.24 -26.63 19.77
N HIS B 256 5.21 -27.43 20.06
CA HIS B 256 5.18 -28.18 21.31
C HIS B 256 6.30 -29.20 21.36
N ALA B 257 6.49 -29.96 20.28
CA ALA B 257 7.60 -30.90 20.22
C ALA B 257 8.93 -30.18 20.07
N TYR B 258 8.92 -29.00 19.45
CA TYR B 258 10.15 -28.23 19.29
C TYR B 258 10.70 -27.81 20.65
N LEU B 259 9.82 -27.50 21.60
CA LEU B 259 10.23 -27.06 22.93
C LEU B 259 10.30 -28.19 23.94
N ALA B 260 9.72 -29.35 23.65
CA ALA B 260 9.66 -30.44 24.62
C ALA B 260 11.04 -31.06 24.82
N ASP B 261 11.41 -31.27 26.08
CA ASP B 261 12.65 -31.95 26.46
C ASP B 261 13.89 -31.26 25.89
N ASP B 262 13.82 -29.93 25.73
CA ASP B 262 14.94 -29.14 25.23
C ASP B 262 15.43 -29.65 23.88
N LEU B 263 14.48 -30.11 23.06
CA LEU B 263 14.85 -30.62 21.73
C LEU B 263 15.44 -29.51 20.87
N TRP B 264 14.94 -28.28 21.02
CA TRP B 264 15.44 -27.17 20.22
C TRP B 264 16.86 -26.78 20.63
N LEU B 265 17.15 -26.86 21.93
CA LEU B 265 18.51 -26.57 22.39
C LEU B 265 19.48 -27.66 21.95
N THR B 266 19.02 -28.92 21.94
CA THR B 266 19.88 -30.01 21.50
C THR B 266 20.16 -29.92 20.01
N ASN B 267 19.14 -29.63 19.20
CA ASN B 267 19.32 -29.53 17.76
C ASN B 267 20.26 -28.38 17.41
N ALA B 268 20.12 -27.24 18.10
CA ALA B 268 20.99 -26.11 17.81
C ALA B 268 22.42 -26.38 18.24
N ARG B 269 22.60 -27.04 19.38
CA ARG B 269 23.94 -27.39 19.82
C ARG B 269 24.61 -28.36 18.85
N HIS B 270 23.84 -29.31 18.31
CA HIS B 270 24.39 -30.24 17.34
C HIS B 270 24.79 -29.53 16.05
N ALA B 271 23.98 -28.58 15.60
CA ALA B 271 24.32 -27.84 14.39
C ALA B 271 25.60 -27.02 14.60
N ASN B 272 25.73 -26.38 15.77
CA ASN B 272 26.94 -25.62 16.06
C ASN B 272 28.14 -26.54 16.25
N LEU B 273 27.92 -27.75 16.77
CA LEU B 273 29.03 -28.68 16.96
C LEU B 273 29.52 -29.22 15.62
N MET B 274 28.60 -29.58 14.73
CA MET B 274 29.00 -30.12 13.43
C MET B 274 29.66 -29.06 12.57
N ALA B 275 29.36 -27.79 12.81
CA ALA B 275 30.04 -26.71 12.08
C ALA B 275 31.45 -26.49 12.63
N ALA B 276 31.60 -26.52 13.96
CA ALA B 276 32.93 -26.37 14.56
C ALA B 276 33.83 -27.54 14.16
N ARG B 277 33.27 -28.74 14.07
CA ARG B 277 34.04 -29.89 13.63
C ARG B 277 34.42 -29.77 12.16
N LEU B 278 33.52 -29.22 11.34
CA LEU B 278 33.81 -29.06 9.92
C LEU B 278 34.85 -27.97 9.69
N ALA B 279 34.82 -26.91 10.49
CA ALA B 279 35.80 -25.84 10.34
C ALA B 279 37.16 -26.23 10.89
N ALA B 280 37.20 -27.07 11.93
CA ALA B 280 38.47 -27.50 12.49
C ALA B 280 39.22 -28.43 11.54
N GLY B 281 38.50 -29.33 10.87
CA GLY B 281 39.15 -30.24 9.95
C GLY B 281 39.60 -29.57 8.66
N LEU B 282 38.89 -28.52 8.23
CA LEU B 282 39.28 -27.83 7.01
C LEU B 282 40.47 -26.91 7.23
N SER B 283 40.43 -26.09 8.29
CA SER B 283 41.53 -25.18 8.57
C SER B 283 42.84 -25.91 8.80
N ALA B 284 42.80 -27.18 9.20
CA ALA B 284 44.02 -27.95 9.36
C ALA B 284 44.69 -28.24 8.02
N LEU B 285 43.90 -28.29 6.95
CA LEU B 285 44.47 -28.50 5.62
C LEU B 285 45.24 -27.26 5.19
N SER B 286 46.27 -27.48 4.36
CA SER B 286 47.22 -26.42 4.03
C SER B 286 46.65 -25.39 3.06
N ARG B 287 45.73 -25.78 2.18
CA ARG B 287 45.30 -24.91 1.10
C ARG B 287 43.93 -24.28 1.31
N VAL B 288 43.21 -24.64 2.37
CA VAL B 288 41.93 -24.04 2.70
C VAL B 288 42.03 -23.38 4.07
N SER B 289 41.58 -22.13 4.15
CA SER B 289 41.67 -21.34 5.36
C SER B 289 40.31 -20.76 5.70
N LEU B 290 40.13 -20.41 6.97
CA LEU B 290 38.89 -19.80 7.45
C LEU B 290 38.96 -18.29 7.35
N ILE B 291 37.90 -17.68 6.82
CA ILE B 291 37.86 -16.23 6.70
C ILE B 291 37.53 -15.58 8.04
N ALA B 292 36.60 -16.18 8.78
CA ALA B 292 36.17 -15.66 10.07
C ALA B 292 36.00 -16.82 11.05
N PRO B 293 36.15 -16.56 12.35
CA PRO B 293 35.93 -17.62 13.33
C PRO B 293 34.49 -18.11 13.30
N THR B 294 34.33 -19.42 13.46
CA THR B 294 33.00 -20.04 13.42
C THR B 294 32.33 -19.87 14.77
N GLU B 295 31.15 -19.25 14.78
CA GLU B 295 30.38 -19.04 16.00
C GLU B 295 29.09 -19.84 16.06
N SER B 296 28.44 -20.06 14.91
CA SER B 296 27.23 -20.88 14.88
C SER B 296 27.36 -21.96 13.81
N ASN B 297 26.25 -22.28 13.14
CA ASN B 297 26.20 -23.37 12.16
C ASN B 297 26.59 -22.92 10.75
N ILE B 298 27.14 -21.72 10.59
CA ILE B 298 27.52 -21.18 9.29
C ILE B 298 29.03 -20.96 9.27
N ILE B 299 29.68 -21.49 8.24
CA ILE B 299 31.12 -21.40 8.08
C ILE B 299 31.44 -20.66 6.79
N PHE B 300 32.54 -19.92 6.80
CA PHE B 300 33.08 -19.26 5.62
C PHE B 300 34.55 -19.61 5.49
N CYS B 301 34.94 -20.16 4.34
CA CYS B 301 36.32 -20.56 4.12
C CYS B 301 36.71 -20.29 2.68
N ARG B 302 38.02 -20.18 2.47
CA ARG B 302 38.59 -19.95 1.14
C ARG B 302 39.19 -21.24 0.61
N MET B 303 38.86 -21.58 -0.63
CA MET B 303 39.39 -22.75 -1.31
C MET B 303 39.88 -22.36 -2.70
N PRO B 304 40.90 -23.05 -3.21
CA PRO B 304 41.28 -22.84 -4.62
C PRO B 304 40.14 -23.22 -5.55
N THR B 305 40.14 -22.59 -6.73
CA THR B 305 39.02 -22.74 -7.66
C THR B 305 38.86 -24.18 -8.11
N LYS B 306 39.98 -24.90 -8.31
CA LYS B 306 39.89 -26.28 -8.78
C LYS B 306 39.31 -27.19 -7.71
N MET B 307 39.59 -26.93 -6.43
CA MET B 307 38.99 -27.75 -5.37
C MET B 307 37.49 -27.58 -5.32
N ILE B 308 37.00 -26.36 -5.56
CA ILE B 308 35.55 -26.13 -5.56
C ILE B 308 34.89 -26.89 -6.69
N ALA B 309 35.47 -26.83 -7.89
CA ALA B 309 34.89 -27.52 -9.05
C ALA B 309 34.93 -29.03 -8.87
N ALA B 310 36.01 -29.55 -8.26
CA ALA B 310 36.09 -30.98 -8.03
C ALA B 310 35.08 -31.43 -6.97
N LEU B 311 34.95 -30.68 -5.89
CA LEU B 311 33.92 -30.99 -4.90
C LEU B 311 32.53 -30.86 -5.49
N GLN B 312 32.36 -29.97 -6.47
CA GLN B 312 31.07 -29.84 -7.14
C GLN B 312 30.78 -31.07 -8.01
N GLN B 313 31.81 -31.58 -8.69
CA GLN B 313 31.66 -32.76 -9.54
C GLN B 313 31.54 -34.06 -8.75
N GLN B 314 31.88 -34.06 -7.47
CA GLN B 314 31.75 -35.25 -6.64
C GLN B 314 30.40 -35.35 -5.95
N GLY B 315 29.57 -34.32 -6.02
CA GLY B 315 28.24 -34.35 -5.48
C GLY B 315 27.98 -33.38 -4.35
N PHE B 316 29.03 -32.78 -3.78
CA PHE B 316 28.85 -31.86 -2.66
C PHE B 316 28.26 -30.54 -3.15
N GLN B 317 27.28 -30.03 -2.39
CA GLN B 317 26.56 -28.82 -2.75
C GLN B 317 26.86 -27.72 -1.74
N PHE B 318 27.13 -26.53 -2.25
CA PHE B 318 27.39 -25.34 -1.42
C PHE B 318 27.41 -24.12 -2.34
N TYR B 319 27.43 -22.95 -1.71
CA TYR B 319 27.52 -21.68 -2.43
C TYR B 319 28.98 -21.24 -2.46
N HIS B 320 29.46 -20.81 -3.63
CA HIS B 320 30.88 -20.67 -3.86
C HIS B 320 31.33 -19.37 -4.52
N ASP B 321 30.44 -18.62 -5.17
CA ASP B 321 30.85 -17.41 -5.89
C ASP B 321 30.02 -16.20 -5.52
N ARG B 322 29.33 -16.23 -4.38
CA ARG B 322 28.45 -15.14 -3.98
C ARG B 322 29.15 -14.08 -3.14
N TRP B 323 30.40 -14.32 -2.72
CA TRP B 323 31.09 -13.40 -1.83
C TRP B 323 32.52 -13.07 -2.25
N GLY B 324 33.11 -13.82 -3.16
CA GLY B 324 34.47 -13.52 -3.59
C GLY B 324 35.06 -14.67 -4.37
N ASP B 325 36.40 -14.65 -4.47
CA ASP B 325 37.15 -15.66 -5.21
C ASP B 325 37.49 -16.80 -4.27
N GLY B 326 36.90 -17.97 -4.51
CA GLY B 326 37.15 -19.12 -3.67
C GLY B 326 36.45 -19.13 -2.34
N ILE B 327 35.58 -18.15 -2.08
CA ILE B 327 34.88 -18.07 -0.80
C ILE B 327 33.74 -19.08 -0.83
N VAL B 328 33.81 -20.08 0.04
CA VAL B 328 32.81 -21.13 0.14
C VAL B 328 32.11 -21.00 1.48
N ARG B 329 30.77 -21.04 1.45
CA ARG B 329 29.96 -21.04 2.66
C ARG B 329 29.41 -22.43 2.90
N LEU B 330 29.62 -22.96 4.10
CA LEU B 330 29.12 -24.27 4.50
C LEU B 330 28.20 -24.10 5.70
N VAL B 331 27.00 -24.64 5.60
CA VAL B 331 25.97 -24.52 6.63
C VAL B 331 25.59 -25.92 7.09
N THR B 332 25.71 -26.16 8.40
CA THR B 332 25.28 -27.41 9.00
C THR B 332 23.88 -27.25 9.59
N SER B 333 23.26 -28.39 9.91
CA SER B 333 21.91 -28.40 10.44
C SER B 333 21.83 -29.41 11.59
N PHE B 334 20.63 -29.55 12.15
CA PHE B 334 20.41 -30.51 13.22
C PHE B 334 20.57 -31.95 12.73
N ALA B 335 20.40 -32.19 11.43
CA ALA B 335 20.49 -33.53 10.87
C ALA B 335 21.88 -33.85 10.33
N THR B 336 22.83 -32.93 10.44
CA THR B 336 24.19 -33.19 9.99
C THR B 336 24.84 -34.23 10.89
N THR B 337 25.44 -35.25 10.27
CA THR B 337 26.08 -36.33 10.99
C THR B 337 27.59 -36.20 10.93
N GLN B 338 28.27 -36.88 11.85
CA GLN B 338 29.74 -36.89 11.83
C GLN B 338 30.29 -37.66 10.64
N ALA B 339 29.47 -38.53 10.03
CA ALA B 339 29.91 -39.20 8.80
C ALA B 339 29.89 -38.23 7.62
N GLN B 340 28.89 -37.34 7.58
CA GLN B 340 28.82 -36.36 6.50
C GLN B 340 29.91 -35.30 6.62
N VAL B 341 30.30 -34.96 7.85
CA VAL B 341 31.37 -33.99 8.04
C VAL B 341 32.73 -34.60 7.69
N ASP B 342 32.98 -35.83 8.15
CA ASP B 342 34.26 -36.49 7.88
C ASP B 342 34.43 -36.80 6.40
N THR B 343 33.33 -37.04 5.68
CA THR B 343 33.42 -37.35 4.26
C THR B 343 33.80 -36.11 3.45
N PHE B 344 33.24 -34.95 3.81
CA PHE B 344 33.58 -33.73 3.10
C PHE B 344 35.03 -33.32 3.33
N ILE B 345 35.52 -33.47 4.57
CA ILE B 345 36.90 -33.14 4.86
C ILE B 345 37.85 -34.11 4.17
N ALA B 346 37.49 -35.39 4.13
CA ALA B 346 38.35 -36.38 3.48
C ALA B 346 38.43 -36.14 1.98
N ALA B 347 37.32 -35.72 1.36
CA ALA B 347 37.36 -35.42 -0.07
C ALA B 347 38.19 -34.18 -0.36
N ALA B 348 38.07 -33.15 0.47
CA ALA B 348 38.87 -31.95 0.28
C ALA B 348 40.34 -32.19 0.60
N ALA B 349 40.63 -33.12 1.52
CA ALA B 349 42.01 -33.45 1.81
C ALA B 349 42.67 -34.19 0.65
N GLN B 350 41.91 -35.07 0.00
CA GLN B 350 42.46 -35.78 -1.17
C GLN B 350 42.74 -34.82 -2.31
N LEU B 351 41.89 -33.79 -2.47
CA LEU B 351 42.14 -32.78 -3.48
C LEU B 351 43.37 -31.93 -3.12
N ASN B 352 43.63 -31.74 -1.83
CA ASN B 352 44.78 -30.98 -1.39
C ASN B 352 46.07 -31.76 -1.66
N ASP C 10 -23.62 27.33 -25.61
CA ASP C 10 -22.95 26.30 -24.84
C ASP C 10 -22.36 26.88 -23.56
N THR C 11 -22.46 28.20 -23.42
CA THR C 11 -21.94 28.88 -22.24
C THR C 11 -22.88 28.82 -21.04
N VAL C 12 -24.07 28.25 -21.19
CA VAL C 12 -25.02 28.08 -20.11
C VAL C 12 -24.90 26.63 -19.64
N SER C 13 -24.18 26.42 -18.54
CA SER C 13 -23.89 25.08 -18.03
C SER C 13 -24.21 25.00 -16.55
N PHE C 14 -24.82 23.90 -16.15
CA PHE C 14 -25.08 23.60 -14.74
C PHE C 14 -24.50 22.25 -14.35
N THR C 15 -23.40 21.86 -14.99
CA THR C 15 -22.77 20.58 -14.69
C THR C 15 -22.23 20.56 -13.26
N SER C 16 -21.40 21.54 -12.92
CA SER C 16 -20.80 21.63 -11.60
C SER C 16 -20.48 23.09 -11.31
N ASP C 17 -20.00 23.35 -10.09
CA ASP C 17 -19.55 24.67 -9.70
C ASP C 17 -18.05 24.86 -9.87
N ASN C 18 -17.33 23.83 -10.32
CA ASN C 18 -15.91 23.96 -10.62
C ASN C 18 -15.66 24.41 -12.06
N ILE C 19 -16.69 24.45 -12.89
CA ILE C 19 -16.53 25.00 -14.24
C ILE C 19 -16.29 26.50 -14.18
N ALA C 20 -16.77 27.16 -13.13
CA ALA C 20 -16.62 28.60 -13.00
C ALA C 20 -15.16 28.97 -12.75
N ALA C 21 -14.84 30.21 -13.05
CA ALA C 21 -13.49 30.73 -12.81
C ALA C 21 -13.32 31.04 -11.33
N ALA C 22 -12.26 31.76 -10.99
CA ALA C 22 -12.06 32.19 -9.62
C ALA C 22 -12.64 33.60 -9.41
N ALA C 23 -12.78 33.97 -8.15
CA ALA C 23 -13.27 35.30 -7.84
C ALA C 23 -12.19 36.34 -8.16
N PRO C 24 -12.60 37.54 -8.60
CA PRO C 24 -11.59 38.59 -8.88
C PRO C 24 -10.77 38.95 -7.67
N GLU C 25 -11.36 38.93 -6.47
CA GLU C 25 -10.63 39.23 -5.26
C GLU C 25 -9.58 38.17 -4.95
N ILE C 26 -9.76 36.94 -5.43
CA ILE C 26 -8.85 35.86 -5.12
C ILE C 26 -7.63 35.89 -6.04
N VAL C 27 -7.83 36.18 -7.33
CA VAL C 27 -6.71 36.26 -8.25
C VAL C 27 -5.87 37.51 -7.96
N GLN C 28 -6.52 38.60 -7.50
CA GLN C 28 -5.76 39.79 -7.13
C GLN C 28 -4.92 39.57 -5.88
N ALA C 29 -5.37 38.69 -4.98
CA ALA C 29 -4.58 38.39 -3.79
C ALA C 29 -3.30 37.64 -4.15
N MET C 30 -3.35 36.79 -5.18
CA MET C 30 -2.14 36.10 -5.61
C MET C 30 -1.16 37.07 -6.26
N ALA C 31 -1.67 38.05 -7.02
CA ALA C 31 -0.80 39.05 -7.62
C ALA C 31 -0.17 39.94 -6.57
N GLN C 32 -0.87 40.22 -5.48
CA GLN C 32 -0.30 41.00 -4.40
C GLN C 32 0.59 40.16 -3.49
N ALA C 33 0.48 38.83 -3.56
CA ALA C 33 1.31 37.96 -2.75
C ALA C 33 2.65 37.64 -3.39
N CYS C 34 2.73 37.67 -4.72
CA CYS C 34 3.98 37.38 -5.43
C CYS C 34 4.91 38.61 -5.42
N GLN C 35 5.26 39.04 -4.20
CA GLN C 35 6.11 40.19 -3.98
C GLN C 35 7.17 39.81 -2.95
N GLY C 36 8.43 39.79 -3.39
CA GLY C 36 9.52 39.50 -2.49
C GLY C 36 9.73 38.01 -2.28
N ASN C 37 10.43 37.68 -1.20
CA ASN C 37 10.73 36.30 -0.84
C ASN C 37 9.93 35.89 0.39
N ALA C 38 9.64 34.60 0.47
CA ALA C 38 8.90 34.03 1.59
C ALA C 38 9.45 32.66 1.92
N GLN C 39 9.41 32.32 3.21
CA GLN C 39 9.85 31.00 3.64
C GLN C 39 8.93 29.94 3.04
N PRO C 40 9.46 28.89 2.44
CA PRO C 40 8.63 27.94 1.71
C PRO C 40 7.94 26.94 2.65
N TYR C 41 7.00 26.19 2.06
CA TYR C 41 6.34 25.06 2.72
C TYR C 41 5.53 25.51 3.93
N GLY C 42 4.79 26.60 3.78
CA GLY C 42 3.86 27.04 4.81
C GLY C 42 4.47 27.73 6.00
N GLY C 43 5.76 28.04 5.96
CA GLY C 43 6.41 28.72 7.07
C GLY C 43 6.45 30.22 6.89
N ASP C 44 5.58 30.76 6.07
CA ASP C 44 5.53 32.19 5.78
C ASP C 44 4.50 32.90 6.64
N ALA C 45 4.54 34.23 6.59
CA ALA C 45 3.64 35.03 7.42
C ALA C 45 2.20 34.96 6.93
N LEU C 46 1.99 34.84 5.61
CA LEU C 46 0.64 34.81 5.08
C LEU C 46 -0.10 33.54 5.48
N THR C 47 0.61 32.40 5.52
CA THR C 47 -0.02 31.15 5.94
C THR C 47 -0.36 31.19 7.43
N GLN C 48 0.51 31.79 8.25
CA GLN C 48 0.23 31.91 9.67
C GLN C 48 -1.00 32.79 9.93
N ASN C 49 -1.20 33.81 9.12
CA ASN C 49 -2.37 34.68 9.29
C ASN C 49 -3.65 33.94 8.96
N VAL C 50 -3.63 33.09 7.94
CA VAL C 50 -4.83 32.36 7.56
C VAL C 50 -5.22 31.35 8.63
N GLU C 51 -4.24 30.67 9.22
CA GLU C 51 -4.54 29.72 10.30
C GLU C 51 -5.09 30.44 11.52
N ALA C 52 -4.54 31.61 11.85
CA ALA C 52 -5.07 32.39 12.96
C ALA C 52 -6.45 32.93 12.66
N GLN C 53 -6.72 33.26 11.40
CA GLN C 53 -8.05 33.75 11.03
C GLN C 53 -9.08 32.62 11.10
N LEU C 54 -8.68 31.41 10.71
CA LEU C 54 -9.60 30.28 10.80
C LEU C 54 -9.90 29.90 12.24
N LYS C 55 -8.95 30.12 13.15
CA LYS C 55 -9.22 29.86 14.57
C LYS C 55 -10.33 30.76 15.10
N ALA C 56 -10.32 32.04 14.71
CA ALA C 56 -11.36 32.96 15.15
C ALA C 56 -12.71 32.62 14.53
N ILE C 57 -12.72 32.11 13.30
CA ILE C 57 -13.96 31.76 12.64
C ILE C 57 -14.61 30.56 13.31
N PHE C 58 -13.82 29.56 13.66
CA PHE C 58 -14.32 28.35 14.31
C PHE C 58 -14.31 28.42 15.83
N GLU C 59 -13.82 29.53 16.40
CA GLU C 59 -13.90 29.79 17.83
C GLU C 59 -13.18 28.71 18.64
N CYS C 60 -12.07 28.21 18.13
CA CYS C 60 -11.31 27.18 18.82
C CYS C 60 -9.91 27.11 18.23
N ASP C 61 -9.06 26.31 18.88
CA ASP C 61 -7.73 26.06 18.36
C ASP C 61 -7.79 24.96 17.30
N LEU C 62 -7.02 25.14 16.23
CA LEU C 62 -7.00 24.18 15.13
C LEU C 62 -5.69 24.34 14.38
N GLN C 63 -5.47 23.45 13.42
CA GLN C 63 -4.26 23.47 12.60
C GLN C 63 -4.66 23.42 11.14
N LEU C 64 -4.04 24.26 10.32
CA LEU C 64 -4.36 24.39 8.91
C LEU C 64 -3.40 23.54 8.09
N PHE C 65 -3.95 22.78 7.14
CA PHE C 65 -3.17 21.97 6.21
C PHE C 65 -3.73 22.23 4.81
N LEU C 66 -3.22 23.27 4.15
CA LEU C 66 -3.70 23.63 2.83
C LEU C 66 -3.28 22.59 1.80
N VAL C 67 -4.25 22.08 1.04
CA VAL C 67 -4.00 21.05 0.03
C VAL C 67 -4.57 21.51 -1.31
N PRO C 68 -4.05 21.02 -2.45
CA PRO C 68 -4.53 21.52 -3.74
C PRO C 68 -5.83 20.91 -4.22
N THR C 69 -6.33 19.85 -3.58
CA THR C 69 -7.49 19.12 -4.08
C THR C 69 -8.34 18.65 -2.92
N GLY C 70 -9.67 18.78 -3.08
CA GLY C 70 -10.58 18.29 -2.06
C GLY C 70 -10.52 16.79 -1.89
N SER C 71 -10.21 16.06 -2.97
CA SER C 71 -10.02 14.62 -2.84
C SER C 71 -8.82 14.30 -1.97
N ALA C 72 -7.73 15.07 -2.11
CA ALA C 72 -6.59 14.90 -1.23
C ALA C 72 -6.92 15.29 0.20
N ALA C 73 -7.78 16.31 0.38
CA ALA C 73 -8.21 16.68 1.72
C ALA C 73 -8.93 15.55 2.41
N ASN C 74 -9.70 14.76 1.65
CA ASN C 74 -10.38 13.60 2.21
C ASN C 74 -9.41 12.45 2.45
N ALA C 75 -8.55 12.17 1.47
CA ALA C 75 -7.68 11.00 1.55
C ALA C 75 -6.65 11.15 2.66
N ILE C 76 -6.09 12.35 2.83
CA ILE C 76 -5.10 12.57 3.89
C ILE C 76 -5.78 12.57 5.25
N SER C 77 -7.00 13.11 5.34
CA SER C 77 -7.72 13.13 6.60
C SER C 77 -8.09 11.72 7.04
N LEU C 78 -8.69 10.94 6.13
CA LEU C 78 -9.09 9.59 6.48
C LEU C 78 -7.89 8.69 6.76
N ALA C 79 -6.75 8.97 6.13
CA ALA C 79 -5.56 8.15 6.38
C ALA C 79 -4.99 8.39 7.77
N ALA C 80 -5.09 9.62 8.29
CA ALA C 80 -4.60 9.90 9.63
C ALA C 80 -5.46 9.25 10.70
N LEU C 81 -6.71 8.94 10.40
CA LEU C 81 -7.62 8.39 11.39
C LEU C 81 -7.87 6.89 11.23
N THR C 82 -7.70 6.34 10.03
CA THR C 82 -8.05 4.95 9.77
C THR C 82 -6.78 4.12 9.61
N PRO C 83 -6.61 3.04 10.39
CA PRO C 83 -5.52 2.11 10.13
C PRO C 83 -5.81 1.28 8.88
N PRO C 84 -4.80 0.63 8.30
CA PRO C 84 -5.05 -0.18 7.10
C PRO C 84 -6.02 -1.32 7.33
N TRP C 85 -6.10 -1.84 8.55
CA TRP C 85 -7.09 -2.86 8.87
C TRP C 85 -8.44 -2.27 9.27
N GLY C 86 -8.58 -0.94 9.20
CA GLY C 86 -9.79 -0.28 9.64
C GLY C 86 -10.82 -0.15 8.52
N ALA C 87 -11.99 0.37 8.90
CA ALA C 87 -13.09 0.57 7.98
C ALA C 87 -13.62 2.00 8.12
N ILE C 88 -14.03 2.58 7.00
CA ILE C 88 -14.54 3.95 6.95
C ILE C 88 -16.02 3.86 6.62
N LEU C 89 -16.87 4.21 7.59
CA LEU C 89 -18.31 4.19 7.39
C LEU C 89 -18.76 5.46 6.69
N CYS C 90 -19.47 5.31 5.58
CA CYS C 90 -19.90 6.44 4.77
C CYS C 90 -21.13 6.03 3.96
N HIS C 91 -21.68 7.01 3.26
CA HIS C 91 -22.85 6.76 2.42
C HIS C 91 -22.42 6.16 1.08
N GLN C 92 -23.33 5.40 0.48
CA GLN C 92 -23.04 4.78 -0.81
C GLN C 92 -22.75 5.84 -1.87
N GLU C 93 -23.50 6.94 -1.84
CA GLU C 93 -23.36 8.01 -2.82
C GLU C 93 -22.31 9.04 -2.42
N SER C 94 -21.56 8.78 -1.35
CA SER C 94 -20.55 9.73 -0.90
C SER C 94 -19.44 9.85 -1.94
N HIS C 95 -18.76 11.01 -1.93
CA HIS C 95 -17.74 11.29 -2.93
C HIS C 95 -16.52 10.38 -2.76
N ILE C 96 -16.16 10.05 -1.52
CA ILE C 96 -14.99 9.20 -1.28
C ILE C 96 -15.20 7.77 -1.78
N ASN C 97 -16.45 7.38 -2.05
CA ASN C 97 -16.77 6.04 -2.48
C ASN C 97 -16.98 5.92 -3.98
N ASN C 98 -17.05 7.02 -4.71
CA ASN C 98 -17.45 6.95 -6.11
C ASN C 98 -16.55 7.73 -7.05
N ASP C 99 -16.10 8.93 -6.67
CA ASP C 99 -15.47 9.84 -7.61
C ASP C 99 -14.10 10.29 -7.12
N GLU C 100 -13.30 9.36 -6.58
CA GLU C 100 -11.94 9.67 -6.18
C GLU C 100 -10.95 8.62 -6.66
N CYS C 101 -11.40 7.63 -7.45
CA CYS C 101 -10.56 6.55 -7.95
C CYS C 101 -9.85 5.83 -6.81
N GLY C 102 -10.58 5.58 -5.73
CA GLY C 102 -10.00 4.91 -4.59
C GLY C 102 -8.94 5.69 -3.86
N ALA C 103 -9.01 7.02 -3.90
CA ALA C 103 -8.05 7.83 -3.16
C ALA C 103 -8.04 7.53 -1.66
N PRO C 104 -9.17 7.34 -0.99
CA PRO C 104 -9.09 6.89 0.42
C PRO C 104 -8.41 5.54 0.57
N GLU C 105 -8.75 4.56 -0.29
CA GLU C 105 -8.09 3.26 -0.21
C GLU C 105 -6.59 3.38 -0.50
N PHE C 106 -6.19 4.38 -1.27
CA PHE C 106 -4.77 4.56 -1.59
C PHE C 106 -3.99 5.12 -0.40
N PHE C 107 -4.51 6.18 0.22
CA PHE C 107 -3.80 6.82 1.31
C PHE C 107 -3.90 6.03 2.61
N THR C 108 -5.02 5.33 2.83
CA THR C 108 -5.20 4.53 4.03
C THR C 108 -4.51 3.18 3.96
N ALA C 109 -3.74 2.93 2.89
CA ALA C 109 -3.05 1.64 2.70
C ALA C 109 -4.02 0.48 2.62
N GLY C 110 -5.18 0.72 2.00
CA GLY C 110 -6.12 -0.36 1.75
C GLY C 110 -7.22 -0.53 2.77
N ALA C 111 -7.61 0.53 3.45
CA ALA C 111 -8.72 0.43 4.39
C ALA C 111 -10.03 0.33 3.63
N LYS C 112 -10.93 -0.52 4.12
CA LYS C 112 -12.19 -0.78 3.44
C LYS C 112 -13.20 0.31 3.74
N LEU C 113 -14.02 0.63 2.75
CA LEU C 113 -15.09 1.62 2.88
C LEU C 113 -16.42 0.87 2.91
N ILE C 114 -17.10 0.93 4.05
CA ILE C 114 -18.37 0.22 4.25
C ILE C 114 -19.49 1.23 4.06
N ALA C 115 -20.34 0.98 3.06
CA ALA C 115 -21.47 1.86 2.80
C ALA C 115 -22.57 1.63 3.84
N VAL C 116 -23.10 2.72 4.38
CA VAL C 116 -24.14 2.68 5.41
C VAL C 116 -25.43 3.20 4.81
N ALA C 117 -26.54 2.54 5.13
CA ALA C 117 -27.84 2.92 4.60
C ALA C 117 -28.22 4.33 5.06
N GLY C 118 -29.02 5.01 4.24
CA GLY C 118 -29.46 6.35 4.54
C GLY C 118 -30.24 6.97 3.41
N THR C 119 -31.09 7.95 3.73
CA THR C 119 -31.93 8.61 2.74
C THR C 119 -31.40 10.00 2.42
N HIS C 120 -31.50 10.39 1.16
CA HIS C 120 -31.10 11.72 0.68
C HIS C 120 -29.65 12.01 1.01
N GLY C 121 -28.78 11.02 0.80
CA GLY C 121 -27.36 11.21 1.01
C GLY C 121 -26.93 11.46 2.43
N LYS C 122 -27.79 11.18 3.41
CA LYS C 122 -27.48 11.39 4.82
C LYS C 122 -27.52 10.06 5.54
N LEU C 123 -26.51 9.81 6.37
CA LEU C 123 -26.40 8.54 7.08
C LEU C 123 -27.54 8.38 8.08
N ASP C 124 -28.12 7.19 8.11
CA ASP C 124 -29.16 6.89 9.09
C ASP C 124 -28.51 6.56 10.43
N PRO C 125 -28.98 7.15 11.54
CA PRO C 125 -28.32 6.90 12.83
C PRO C 125 -28.38 5.45 13.27
N GLN C 126 -29.52 4.77 13.08
CA GLN C 126 -29.61 3.36 13.48
C GLN C 126 -28.74 2.48 12.61
N ALA C 127 -28.72 2.74 11.30
CA ALA C 127 -27.86 1.97 10.40
C ALA C 127 -26.39 2.20 10.69
N LEU C 128 -26.04 3.39 11.18
CA LEU C 128 -24.64 3.66 11.52
C LEU C 128 -24.23 2.93 12.79
N THR C 129 -25.11 2.89 13.79
CA THR C 129 -24.80 2.18 15.03
C THR C 129 -24.70 0.68 14.78
N GLN C 130 -25.59 0.12 13.96
CA GLN C 130 -25.50 -1.29 13.61
C GLN C 130 -24.21 -1.60 12.86
N ALA C 131 -23.84 -0.74 11.91
CA ALA C 131 -22.62 -0.95 11.14
C ALA C 131 -21.37 -0.83 12.00
N ALA C 132 -21.41 0.03 13.02
CA ALA C 132 -20.24 0.21 13.88
C ALA C 132 -20.05 -0.98 14.81
N ARG C 133 -21.13 -1.52 15.36
CA ARG C 133 -21.05 -2.64 16.28
C ARG C 133 -20.95 -3.98 15.58
N ASN C 134 -21.06 -4.02 14.26
CA ASN C 134 -21.10 -5.29 13.53
C ASN C 134 -19.75 -5.99 13.60
N LYS C 135 -19.73 -7.17 14.22
CA LYS C 135 -18.54 -8.04 14.25
C LYS C 135 -17.37 -7.36 14.95
N ARG C 136 -17.67 -6.58 15.99
CA ARG C 136 -16.63 -5.91 16.76
C ARG C 136 -15.98 -6.91 17.71
N GLY C 137 -14.68 -7.12 17.54
CA GLY C 137 -13.95 -8.15 18.26
C GLY C 137 -13.60 -9.36 17.43
N ASP C 138 -13.98 -9.39 16.15
CA ASP C 138 -13.67 -10.50 15.26
C ASP C 138 -12.40 -10.17 14.48
N VAL C 139 -11.37 -11.00 14.65
CA VAL C 139 -10.11 -10.77 13.97
C VAL C 139 -10.24 -11.01 12.46
N HIS C 140 -11.29 -11.70 12.03
CA HIS C 140 -11.50 -11.99 10.61
C HIS C 140 -12.15 -10.83 9.86
N SER C 141 -12.52 -9.74 10.55
CA SER C 141 -13.23 -8.64 9.95
C SER C 141 -12.46 -7.34 10.11
N VAL C 142 -12.64 -6.43 9.15
CA VAL C 142 -12.11 -5.09 9.30
C VAL C 142 -12.86 -4.38 10.42
N GLU C 143 -12.16 -3.48 11.12
CA GLU C 143 -12.73 -2.83 12.29
C GLU C 143 -13.15 -1.42 11.94
N PRO C 144 -14.43 -1.06 12.08
CA PRO C 144 -14.83 0.33 11.86
C PRO C 144 -14.16 1.25 12.87
N THR C 145 -13.50 2.29 12.35
CA THR C 145 -12.80 3.23 13.21
C THR C 145 -13.21 4.67 12.93
N THR C 146 -13.65 4.94 11.69
CA THR C 146 -13.93 6.30 11.26
C THR C 146 -15.24 6.37 10.52
N VAL C 147 -15.89 7.53 10.61
CA VAL C 147 -17.13 7.83 9.91
C VAL C 147 -16.91 9.09 9.09
N SER C 148 -17.37 9.08 7.84
CA SER C 148 -17.25 10.22 6.94
C SER C 148 -18.64 10.69 6.52
N ILE C 149 -18.90 11.97 6.71
CA ILE C 149 -20.16 12.59 6.31
C ILE C 149 -19.86 13.80 5.43
N THR C 150 -20.63 13.96 4.36
CA THR C 150 -20.43 15.04 3.41
C THR C 150 -21.42 16.16 3.73
N GLN C 151 -20.91 17.38 3.87
CA GLN C 151 -21.73 18.53 4.23
C GLN C 151 -21.23 19.73 3.43
N ALA C 152 -22.01 20.19 2.45
CA ALA C 152 -23.31 19.61 2.13
C ALA C 152 -23.18 18.36 1.28
N THR C 153 -24.22 17.53 1.29
CA THR C 153 -24.17 16.22 0.66
C THR C 153 -24.11 16.36 -0.86
N GLU C 154 -23.79 15.25 -1.52
CA GLU C 154 -23.66 15.24 -2.98
C GLU C 154 -25.01 15.35 -3.68
N VAL C 155 -26.12 15.05 -2.99
CA VAL C 155 -27.43 15.00 -3.63
C VAL C 155 -28.14 16.32 -3.39
N GLY C 156 -27.41 17.30 -2.88
CA GLY C 156 -27.97 18.60 -2.61
C GLY C 156 -28.76 18.70 -1.32
N SER C 157 -28.50 17.82 -0.37
CA SER C 157 -29.15 17.86 0.94
C SER C 157 -28.15 18.36 1.98
N ILE C 158 -28.68 18.63 3.18
CA ILE C 158 -27.90 19.22 4.25
C ILE C 158 -28.25 18.54 5.57
N TYR C 159 -27.22 18.14 6.31
CA TYR C 159 -27.42 17.68 7.68
C TYR C 159 -27.83 18.86 8.56
N ALA C 160 -28.88 18.66 9.35
CA ALA C 160 -29.25 19.68 10.32
C ALA C 160 -28.33 19.59 11.53
N LEU C 161 -28.45 20.57 12.44
CA LEU C 161 -27.61 20.58 13.62
C LEU C 161 -27.90 19.39 14.54
N ASP C 162 -29.17 19.03 14.69
CA ASP C 162 -29.51 17.86 15.50
C ASP C 162 -29.07 16.57 14.82
N GLU C 163 -29.01 16.56 13.49
CA GLU C 163 -28.54 15.37 12.78
C GLU C 163 -27.03 15.23 12.87
N LEU C 164 -26.30 16.35 12.90
CA LEU C 164 -24.84 16.28 13.06
C LEU C 164 -24.47 15.91 14.49
N ASN C 165 -25.18 16.48 15.48
CA ASN C 165 -24.87 16.19 16.87
C ASN C 165 -25.11 14.73 17.23
N GLU C 166 -26.11 14.10 16.60
CA GLU C 166 -26.38 12.69 16.91
C GLU C 166 -25.30 11.79 16.31
N ILE C 167 -24.88 12.08 15.07
CA ILE C 167 -23.81 11.29 14.46
C ILE C 167 -22.54 11.40 15.29
N GLY C 168 -22.23 12.60 15.77
CA GLY C 168 -21.06 12.77 16.63
C GLY C 168 -21.17 11.96 17.92
N GLN C 169 -22.37 11.95 18.52
CA GLN C 169 -22.57 11.16 19.74
C GLN C 169 -22.44 9.66 19.45
N ILE C 170 -22.93 9.21 18.30
CA ILE C 170 -22.76 7.82 17.91
C ILE C 170 -21.28 7.48 17.76
N CYS C 171 -20.50 8.43 17.21
CA CYS C 171 -19.06 8.23 17.12
C CYS C 171 -18.42 8.16 18.50
N ARG C 172 -18.90 9.00 19.43
CA ARG C 172 -18.37 8.97 20.79
C ARG C 172 -18.67 7.64 21.48
N ASN C 173 -19.91 7.16 21.34
CA ASN C 173 -20.31 5.95 22.06
C ASN C 173 -19.60 4.70 21.52
N GLU C 174 -19.24 4.70 20.23
CA GLU C 174 -18.63 3.53 19.61
C GLU C 174 -17.14 3.72 19.34
N GLY C 175 -16.53 4.78 19.87
CA GLY C 175 -15.11 5.00 19.70
C GLY C 175 -14.70 5.23 18.27
N LEU C 176 -15.44 6.07 17.56
CA LEU C 176 -15.20 6.35 16.15
C LEU C 176 -14.79 7.81 15.96
N LYS C 177 -14.05 8.06 14.90
CA LYS C 177 -13.63 9.41 14.53
C LYS C 177 -14.49 9.93 13.39
N LEU C 178 -14.78 11.22 13.41
CA LEU C 178 -15.70 11.83 12.45
C LEU C 178 -14.93 12.77 11.53
N HIS C 179 -15.09 12.57 10.23
CA HIS C 179 -14.51 13.44 9.21
C HIS C 179 -15.64 14.04 8.39
N MET C 180 -15.60 15.36 8.20
CA MET C 180 -16.63 16.07 7.44
C MET C 180 -16.05 16.48 6.09
N ASP C 181 -16.65 15.99 5.01
CA ASP C 181 -16.29 16.38 3.66
C ASP C 181 -17.00 17.68 3.34
N GLY C 182 -16.27 18.79 3.43
CA GLY C 182 -16.87 20.09 3.21
C GLY C 182 -16.43 20.76 1.92
N ALA C 183 -16.44 20.02 0.82
CA ALA C 183 -16.18 20.63 -0.48
C ALA C 183 -17.20 21.72 -0.78
N ARG C 184 -18.46 21.50 -0.38
CA ARG C 184 -19.48 22.53 -0.44
C ARG C 184 -19.91 22.88 0.97
N PHE C 185 -18.92 23.19 1.82
CA PHE C 185 -19.17 23.50 3.22
C PHE C 185 -19.95 24.80 3.36
N ALA C 186 -19.54 25.84 2.63
CA ALA C 186 -20.17 27.15 2.76
C ALA C 186 -21.62 27.16 2.27
N ASN C 187 -22.00 26.24 1.39
CA ASN C 187 -23.39 26.17 0.95
C ASN C 187 -24.29 25.68 2.07
N ALA C 188 -23.84 24.69 2.85
CA ALA C 188 -24.61 24.23 3.98
C ALA C 188 -24.62 25.24 5.12
N LEU C 189 -23.52 25.97 5.29
CA LEU C 189 -23.47 26.98 6.35
C LEU C 189 -24.39 28.16 6.04
N SER C 190 -24.45 28.57 4.77
CA SER C 190 -25.27 29.71 4.40
C SER C 190 -26.76 29.36 4.44
N ALA C 191 -27.12 28.10 4.21
CA ALA C 191 -28.52 27.71 4.25
C ALA C 191 -29.03 27.49 5.67
N LEU C 192 -28.15 27.26 6.63
CA LEU C 192 -28.55 27.10 8.02
C LEU C 192 -28.37 28.37 8.84
N GLY C 193 -27.38 29.20 8.51
CA GLY C 193 -27.13 30.42 9.25
C GLY C 193 -26.43 30.23 10.58
N CYS C 194 -26.05 29.01 10.94
CA CYS C 194 -25.36 28.75 12.19
C CYS C 194 -23.89 29.14 12.08
N THR C 195 -23.20 29.06 13.21
CA THR C 195 -21.78 29.37 13.20
C THR C 195 -20.98 28.16 12.74
N PRO C 196 -19.81 28.37 12.12
CA PRO C 196 -18.98 27.23 11.68
C PRO C 196 -18.61 26.28 12.80
N ALA C 197 -18.58 26.74 14.05
CA ALA C 197 -18.25 25.85 15.15
C ALA C 197 -19.37 24.85 15.43
N GLU C 198 -20.61 25.32 15.40
CA GLU C 198 -21.75 24.43 15.69
C GLU C 198 -21.90 23.34 14.64
N MET C 199 -21.48 23.61 13.40
CA MET C 199 -21.57 22.65 12.32
C MET C 199 -20.37 21.71 12.24
N THR C 200 -19.34 21.94 13.06
CA THR C 200 -18.14 21.10 13.00
C THR C 200 -17.80 20.49 14.35
N TRP C 201 -16.85 21.08 15.08
CA TRP C 201 -16.32 20.41 16.27
C TRP C 201 -17.33 20.35 17.40
N LYS C 202 -18.26 21.30 17.47
CA LYS C 202 -19.30 21.21 18.50
C LYS C 202 -20.22 20.01 18.27
N ALA C 203 -20.33 19.56 17.02
CA ALA C 203 -21.11 18.38 16.69
C ALA C 203 -20.31 17.09 16.81
N GLY C 204 -19.00 17.17 17.04
CA GLY C 204 -18.15 16.01 17.15
C GLY C 204 -17.19 15.81 16.01
N VAL C 205 -17.14 16.73 15.03
CA VAL C 205 -16.24 16.59 13.90
C VAL C 205 -14.81 16.79 14.38
N ASP C 206 -13.93 15.87 14.00
CA ASP C 206 -12.52 15.92 14.38
C ASP C 206 -11.63 16.46 13.27
N VAL C 207 -11.90 16.10 12.02
CA VAL C 207 -11.16 16.63 10.87
C VAL C 207 -12.18 17.14 9.85
N LEU C 208 -11.89 18.30 9.26
CA LEU C 208 -12.78 18.94 8.31
C LEU C 208 -12.04 19.18 6.99
N SER C 209 -12.65 18.78 5.89
CA SER C 209 -12.14 19.08 4.55
C SER C 209 -12.76 20.39 4.07
N PHE C 210 -12.22 21.49 4.58
CA PHE C 210 -12.73 22.82 4.25
C PHE C 210 -12.55 23.11 2.76
N GLY C 211 -13.65 23.18 2.02
CA GLY C 211 -13.62 23.37 0.59
C GLY C 211 -13.82 24.83 0.21
N ALA C 212 -13.01 25.29 -0.74
CA ALA C 212 -13.09 26.66 -1.24
C ALA C 212 -13.02 26.78 -2.75
N THR C 213 -12.54 25.76 -3.46
CA THR C 213 -12.39 25.81 -4.91
C THR C 213 -13.74 25.96 -5.62
N ASN C 215 -16.31 27.17 -4.51
CA ASN C 215 -17.02 28.37 -4.06
C ASN C 215 -16.32 29.65 -4.48
N GLY C 216 -15.27 29.53 -5.31
CA GLY C 216 -14.65 30.71 -5.86
C GLY C 216 -13.14 30.73 -5.93
N SER C 217 -12.48 29.76 -5.29
CA SER C 217 -11.02 29.74 -5.29
C SER C 217 -10.49 29.06 -6.55
N LEU C 218 -9.16 29.07 -6.71
CA LEU C 218 -8.53 28.37 -7.81
C LEU C 218 -8.33 26.89 -7.47
N CYS C 219 -7.69 26.61 -6.33
CA CYS C 219 -7.36 25.24 -5.96
C CYS C 219 -7.05 25.13 -4.47
N ALA C 220 -7.24 26.22 -3.73
CA ALA C 220 -6.88 26.26 -2.32
C ALA C 220 -7.93 25.53 -1.49
N GLU C 221 -7.64 24.28 -1.14
CA GLU C 221 -8.45 23.51 -0.21
C GLU C 221 -7.70 23.38 1.11
N ALA C 222 -8.45 23.17 2.18
CA ALA C 222 -7.90 23.20 3.53
C ALA C 222 -8.32 21.97 4.32
N ILE C 223 -7.36 21.37 5.01
CA ILE C 223 -7.63 20.32 5.99
C ILE C 223 -7.64 21.00 7.35
N ILE C 224 -8.83 21.20 7.92
CA ILE C 224 -8.98 21.83 9.22
C ILE C 224 -9.01 20.74 10.28
N LEU C 225 -7.93 20.64 11.05
CA LEU C 225 -7.79 19.62 12.07
C LEU C 225 -8.19 20.19 13.43
N PHE C 226 -9.17 19.57 14.08
CA PHE C 226 -9.58 19.97 15.41
C PHE C 226 -8.91 19.15 16.51
N ASP C 227 -8.67 17.87 16.26
CA ASP C 227 -7.97 17.00 17.20
C ASP C 227 -6.48 17.04 16.86
N LYS C 228 -5.73 17.90 17.55
CA LYS C 228 -4.33 18.11 17.23
C LYS C 228 -3.46 16.89 17.51
N SER C 229 -4.01 15.83 18.12
CA SER C 229 -3.22 14.62 18.33
C SER C 229 -2.84 13.95 17.02
N TYR C 230 -3.56 14.24 15.94
CA TYR C 230 -3.26 13.71 14.61
C TYR C 230 -2.44 14.68 13.76
N ALA C 231 -1.85 15.71 14.37
CA ALA C 231 -1.12 16.71 13.58
C ALA C 231 0.11 16.11 12.91
N GLN C 232 0.85 15.29 13.65
CA GLN C 232 2.03 14.65 13.07
C GLN C 232 1.65 13.72 11.92
N GLU C 233 0.49 13.05 12.04
CA GLU C 233 0.04 12.15 10.98
C GLU C 233 -0.24 12.92 9.70
N ILE C 234 -1.08 13.96 9.79
CA ILE C 234 -1.48 14.70 8.59
C ILE C 234 -0.29 15.39 7.95
N ALA C 235 0.61 15.94 8.76
CA ALA C 235 1.78 16.64 8.23
C ALA C 235 2.68 15.68 7.45
N PHE C 236 2.92 14.49 8.01
CA PHE C 236 3.75 13.50 7.31
C PHE C 236 3.04 12.95 6.08
N ARG C 237 1.72 12.76 6.17
CA ARG C 237 0.98 12.19 5.04
C ARG C 237 0.73 13.20 3.94
N ARG C 238 0.65 14.49 4.28
CA ARG C 238 0.53 15.51 3.23
C ARG C 238 1.80 15.59 2.39
N LYS C 239 2.96 15.55 3.05
CA LYS C 239 4.23 15.53 2.33
C LYS C 239 4.40 14.22 1.57
N ARG C 240 4.05 13.09 2.19
CA ARG C 240 4.23 11.80 1.55
C ARG C 240 3.36 11.65 0.31
N GLY C 241 2.23 12.33 0.27
CA GLY C 241 1.35 12.30 -0.89
C GLY C 241 1.68 13.30 -1.97
N GLY C 242 2.73 14.10 -1.79
CA GLY C 242 3.07 15.11 -2.76
C GLY C 242 2.22 16.36 -2.73
N HIS C 243 1.59 16.66 -1.58
CA HIS C 243 0.68 17.79 -1.47
C HIS C 243 1.22 18.89 -0.57
N LEU C 244 2.54 18.89 -0.31
CA LEU C 244 3.18 19.97 0.43
C LEU C 244 3.89 20.86 -0.58
N LEU C 245 3.24 21.97 -0.93
CA LEU C 245 3.78 22.87 -1.94
C LEU C 245 4.84 23.78 -1.33
N SER C 246 5.90 24.02 -2.10
CA SER C 246 6.96 24.92 -1.63
C SER C 246 6.46 26.35 -1.54
N LYS C 247 5.90 26.88 -2.63
CA LYS C 247 5.37 28.24 -2.64
C LYS C 247 3.93 28.22 -2.10
N MET C 248 3.83 27.92 -0.81
CA MET C 248 2.54 27.79 -0.15
C MET C 248 1.78 29.11 -0.12
N ARG C 249 2.50 30.24 -0.14
CA ARG C 249 1.84 31.54 0.01
C ARG C 249 0.87 31.84 -1.12
N PHE C 250 0.93 31.11 -2.23
CA PHE C 250 -0.03 31.29 -3.31
C PHE C 250 -1.32 30.50 -3.10
N LEU C 251 -1.31 29.51 -2.21
CA LEU C 251 -2.55 28.85 -1.79
C LEU C 251 -3.18 29.56 -0.59
N SER C 252 -2.36 30.08 0.31
CA SER C 252 -2.87 30.87 1.44
C SER C 252 -3.29 32.27 1.02
N ALA C 253 -2.80 32.77 -0.12
CA ALA C 253 -3.28 34.04 -0.64
C ALA C 253 -4.72 33.92 -1.11
N GLN C 254 -5.08 32.78 -1.70
CA GLN C 254 -6.46 32.55 -2.10
C GLN C 254 -7.37 32.47 -0.88
N MET C 255 -6.97 31.68 0.12
CA MET C 255 -7.81 31.49 1.29
C MET C 255 -7.96 32.77 2.10
N HIS C 256 -6.92 33.61 2.13
CA HIS C 256 -7.02 34.88 2.84
C HIS C 256 -8.09 35.77 2.21
N ALA C 257 -8.11 35.86 0.88
CA ALA C 257 -9.15 36.62 0.21
C ALA C 257 -10.48 35.87 0.22
N TYR C 258 -10.44 34.54 0.27
CA TYR C 258 -11.66 33.74 0.35
C TYR C 258 -12.40 34.00 1.65
N LEU C 259 -11.68 34.29 2.73
CA LEU C 259 -12.28 34.53 4.03
C LEU C 259 -12.47 36.01 4.34
N ALA C 260 -11.85 36.90 3.58
CA ALA C 260 -11.92 38.33 3.89
C ALA C 260 -13.28 38.90 3.50
N ASP C 261 -13.85 39.71 4.39
CA ASP C 261 -15.09 40.43 4.16
C ASP C 261 -16.26 39.48 3.89
N ASP C 262 -16.18 38.27 4.44
CA ASP C 262 -17.23 37.25 4.27
C ASP C 262 -17.51 36.99 2.78
N LEU C 263 -16.47 37.03 1.96
CA LEU C 263 -16.62 36.75 0.54
C LEU C 263 -17.10 35.32 0.32
N TRP C 264 -16.61 34.39 1.13
CA TRP C 264 -17.03 32.98 0.99
C TRP C 264 -18.51 32.81 1.34
N LEU C 265 -18.98 33.51 2.37
CA LEU C 265 -20.39 33.45 2.70
C LEU C 265 -21.24 34.12 1.61
N THR C 266 -20.76 35.24 1.07
CA THR C 266 -21.49 35.92 0.01
C THR C 266 -21.56 35.06 -1.25
N ASN C 267 -20.45 34.43 -1.62
CA ASN C 267 -20.43 33.59 -2.81
C ASN C 267 -21.37 32.39 -2.66
N ALA C 268 -21.36 31.75 -1.49
CA ALA C 268 -22.21 30.58 -1.29
C ALA C 268 -23.68 30.96 -1.23
N ARG C 269 -23.99 32.09 -0.59
CA ARG C 269 -25.38 32.55 -0.53
C ARG C 269 -25.94 32.79 -1.93
N HIS C 270 -25.14 33.39 -2.82
CA HIS C 270 -25.61 33.65 -4.17
C HIS C 270 -25.82 32.35 -4.95
N ALA C 271 -24.96 31.35 -4.72
CA ALA C 271 -25.13 30.07 -5.41
C ALA C 271 -26.40 29.36 -4.93
N ASN C 272 -26.69 29.42 -3.64
CA ASN C 272 -27.91 28.81 -3.12
C ASN C 272 -29.15 29.53 -3.64
N LEU C 273 -29.07 30.84 -3.86
CA LEU C 273 -30.22 31.59 -4.35
C LEU C 273 -30.53 31.22 -5.80
N MET C 274 -29.50 31.07 -6.64
CA MET C 274 -29.72 30.71 -8.03
C MET C 274 -30.26 29.29 -8.17
N ALA C 275 -29.88 28.39 -7.28
CA ALA C 275 -30.43 27.04 -7.31
C ALA C 275 -31.90 27.02 -6.90
N ALA C 276 -32.24 27.77 -5.83
CA ALA C 276 -33.63 27.85 -5.42
C ALA C 276 -34.48 28.51 -6.50
N ARG C 277 -33.93 29.52 -7.19
CA ARG C 277 -34.65 30.15 -8.29
C ARG C 277 -34.82 29.18 -9.45
N LEU C 278 -33.80 28.37 -9.74
CA LEU C 278 -33.89 27.41 -10.84
C LEU C 278 -34.86 26.28 -10.50
N ALA C 279 -34.81 25.78 -9.26
CA ALA C 279 -35.71 24.70 -8.87
C ALA C 279 -37.15 25.19 -8.81
N ALA C 280 -37.37 26.45 -8.42
CA ALA C 280 -38.73 26.98 -8.37
C ALA C 280 -39.33 27.08 -9.76
N GLY C 281 -38.54 27.54 -10.74
CA GLY C 281 -39.05 27.65 -12.10
C GLY C 281 -39.27 26.32 -12.77
N LEU C 282 -38.43 25.32 -12.44
CA LEU C 282 -38.56 24.02 -13.09
C LEU C 282 -39.70 23.20 -12.47
N SER C 283 -39.76 23.16 -11.13
CA SER C 283 -40.81 22.39 -10.47
C SER C 283 -42.20 22.93 -10.77
N ALA C 284 -42.32 24.20 -11.14
CA ALA C 284 -43.60 24.74 -11.55
C ALA C 284 -44.11 24.13 -12.85
N LEU C 285 -43.22 23.56 -13.65
CA LEU C 285 -43.64 22.88 -14.87
C LEU C 285 -44.34 21.57 -14.53
N SER C 286 -45.24 21.15 -15.43
CA SER C 286 -46.08 19.99 -15.15
C SER C 286 -45.30 18.68 -15.22
N ARG C 287 -44.40 18.57 -16.20
CA ARG C 287 -43.67 17.32 -16.42
C ARG C 287 -42.34 17.26 -15.68
N VAL C 288 -42.00 18.28 -14.90
CA VAL C 288 -40.76 18.33 -14.15
C VAL C 288 -41.08 18.26 -12.67
N SER C 289 -40.32 17.45 -11.93
CA SER C 289 -40.50 17.30 -10.49
C SER C 289 -39.14 17.22 -9.82
N LEU C 290 -39.09 17.68 -8.58
CA LEU C 290 -37.87 17.63 -7.79
C LEU C 290 -37.86 16.38 -6.93
N ILE C 291 -36.73 15.66 -6.95
CA ILE C 291 -36.58 14.49 -6.09
C ILE C 291 -36.71 14.89 -4.63
N ALA C 292 -36.24 16.08 -4.28
CA ALA C 292 -36.39 16.64 -2.94
C ALA C 292 -36.19 18.14 -3.05
N PRO C 293 -36.80 18.92 -2.16
CA PRO C 293 -36.57 20.37 -2.18
C PRO C 293 -35.10 20.68 -1.95
N THR C 294 -34.55 21.57 -2.77
CA THR C 294 -33.12 21.85 -2.70
C THR C 294 -32.79 22.66 -1.45
N GLU C 295 -31.64 22.35 -0.87
CA GLU C 295 -31.13 23.07 0.30
C GLU C 295 -29.76 23.69 0.06
N SER C 296 -29.02 23.22 -0.94
CA SER C 296 -27.73 23.81 -1.30
C SER C 296 -27.79 24.33 -2.72
N ASN C 297 -26.66 24.27 -3.43
CA ASN C 297 -26.59 24.70 -4.82
C ASN C 297 -26.75 23.54 -5.80
N ILE C 298 -27.14 22.36 -5.32
CA ILE C 298 -27.29 21.17 -6.15
C ILE C 298 -28.77 20.83 -6.23
N ILE C 299 -29.24 20.53 -7.44
CA ILE C 299 -30.63 20.19 -7.70
C ILE C 299 -30.67 18.82 -8.37
N PHE C 300 -31.61 17.98 -7.93
CA PHE C 300 -31.88 16.69 -8.55
C PHE C 300 -33.36 16.64 -8.93
N CYS C 301 -33.64 16.73 -10.22
CA CYS C 301 -35.00 16.78 -10.72
C CYS C 301 -35.24 15.64 -11.71
N ARG C 302 -36.51 15.38 -11.97
CA ARG C 302 -36.94 14.38 -12.94
C ARG C 302 -37.59 15.07 -14.13
N MET C 303 -37.02 14.87 -15.31
CA MET C 303 -37.55 15.44 -16.53
C MET C 303 -37.90 14.33 -17.53
N PRO C 304 -38.85 14.56 -18.43
CA PRO C 304 -39.08 13.59 -19.50
C PRO C 304 -37.84 13.47 -20.37
N THR C 305 -37.60 12.24 -20.86
CA THR C 305 -36.35 11.95 -21.56
C THR C 305 -36.18 12.81 -22.81
N LYS C 306 -37.29 13.19 -23.46
CA LYS C 306 -37.19 14.06 -24.62
C LYS C 306 -36.72 15.46 -24.21
N MET C 307 -37.16 15.93 -23.03
CA MET C 307 -36.74 17.24 -22.56
C MET C 307 -35.25 17.29 -22.27
N ILE C 308 -34.66 16.19 -21.82
CA ILE C 308 -33.23 16.15 -21.54
C ILE C 308 -32.44 16.29 -22.83
N ALA C 309 -32.83 15.55 -23.87
CA ALA C 309 -32.09 15.56 -25.13
C ALA C 309 -32.23 16.90 -25.84
N ALA C 310 -33.43 17.50 -25.79
CA ALA C 310 -33.64 18.78 -26.47
C ALA C 310 -32.87 19.89 -25.79
N LEU C 311 -32.79 19.87 -24.45
CA LEU C 311 -32.05 20.90 -23.75
C LEU C 311 -30.54 20.81 -24.03
N GLN C 312 -30.02 19.59 -24.12
CA GLN C 312 -28.61 19.43 -24.46
C GLN C 312 -28.35 19.79 -25.92
N GLN C 313 -29.33 19.58 -26.80
CA GLN C 313 -29.18 19.96 -28.20
C GLN C 313 -29.21 21.48 -28.39
N GLN C 314 -29.77 22.22 -27.44
CA GLN C 314 -29.80 23.67 -27.51
C GLN C 314 -28.54 24.32 -26.93
N GLY C 315 -27.64 23.53 -26.34
CA GLY C 315 -26.41 24.05 -25.79
C GLY C 315 -26.31 23.95 -24.28
N PHE C 316 -27.41 23.65 -23.58
CA PHE C 316 -27.36 23.54 -22.13
C PHE C 316 -26.60 22.28 -21.72
N GLN C 317 -25.66 22.45 -20.80
CA GLN C 317 -24.81 21.36 -20.35
C GLN C 317 -25.13 21.02 -18.89
N PHE C 318 -25.39 19.75 -18.63
CA PHE C 318 -25.64 19.26 -17.29
C PHE C 318 -25.30 17.78 -17.24
N TYR C 319 -25.32 17.22 -16.03
CA TYR C 319 -24.99 15.83 -15.83
C TYR C 319 -26.26 14.98 -15.83
N HIS C 320 -26.25 13.92 -16.61
CA HIS C 320 -27.39 13.02 -16.73
C HIS C 320 -26.88 11.60 -16.95
N ASP C 321 -27.80 10.65 -16.88
CA ASP C 321 -27.53 9.24 -17.16
C ASP C 321 -26.46 8.66 -16.24
N ARG C 322 -26.42 9.14 -15.00
CA ARG C 322 -25.61 8.55 -13.95
C ARG C 322 -26.42 7.95 -12.81
N TRP C 323 -27.61 8.51 -12.53
CA TRP C 323 -28.43 8.11 -11.40
C TRP C 323 -29.75 7.48 -11.84
N GLY C 324 -29.87 7.10 -13.11
CA GLY C 324 -31.07 6.49 -13.65
C GLY C 324 -31.56 7.25 -14.87
N ASP C 325 -32.81 7.01 -15.23
CA ASP C 325 -33.45 7.69 -16.34
C ASP C 325 -34.28 8.85 -15.84
N GLY C 326 -34.19 9.98 -16.54
CA GLY C 326 -34.88 11.19 -16.15
C GLY C 326 -34.22 11.99 -15.04
N ILE C 327 -33.28 11.39 -14.32
CA ILE C 327 -32.58 12.09 -13.23
C ILE C 327 -31.56 13.03 -13.85
N VAL C 328 -31.67 14.31 -13.50
CA VAL C 328 -30.77 15.36 -14.00
C VAL C 328 -30.26 16.16 -12.83
N ARG C 329 -28.94 16.33 -12.74
CA ARG C 329 -28.32 17.13 -11.70
C ARG C 329 -27.98 18.51 -12.26
N LEU C 330 -28.47 19.55 -11.59
CA LEU C 330 -28.17 20.93 -11.93
C LEU C 330 -27.47 21.59 -10.76
N VAL C 331 -26.26 22.09 -10.99
CA VAL C 331 -25.45 22.71 -9.95
C VAL C 331 -25.12 24.13 -10.38
N THR C 332 -25.42 25.09 -9.51
CA THR C 332 -25.10 26.49 -9.73
C THR C 332 -23.79 26.83 -9.03
N SER C 333 -23.28 28.03 -9.34
CA SER C 333 -22.02 28.50 -8.80
C SER C 333 -22.18 29.92 -8.27
N PHE C 334 -21.08 30.48 -7.75
CA PHE C 334 -21.08 31.86 -7.29
C PHE C 334 -21.19 32.85 -8.43
N ALA C 335 -20.90 32.42 -9.67
CA ALA C 335 -20.93 33.29 -10.83
C ALA C 335 -22.14 33.03 -11.72
N THR C 336 -23.14 32.30 -11.22
CA THR C 336 -24.34 32.05 -11.98
C THR C 336 -25.25 33.28 -11.96
N THR C 337 -25.66 33.73 -13.13
CA THR C 337 -26.51 34.91 -13.26
C THR C 337 -27.97 34.52 -13.39
N GLN C 338 -28.84 35.48 -13.08
CA GLN C 338 -30.27 35.24 -13.23
C GLN C 338 -30.64 34.95 -14.68
N ALA C 339 -29.95 35.60 -15.63
CA ALA C 339 -30.24 35.36 -17.04
C ALA C 339 -29.96 33.91 -17.42
N GLN C 340 -28.87 33.34 -16.90
CA GLN C 340 -28.56 31.94 -17.18
C GLN C 340 -29.63 31.02 -16.60
N VAL C 341 -30.08 31.30 -15.38
CA VAL C 341 -31.11 30.48 -14.76
C VAL C 341 -32.43 30.62 -15.49
N ASP C 342 -32.86 31.86 -15.76
CA ASP C 342 -34.15 32.09 -16.39
C ASP C 342 -34.19 31.59 -17.82
N THR C 343 -33.04 31.61 -18.52
CA THR C 343 -33.00 31.05 -19.86
C THR C 343 -33.21 29.54 -19.84
N PHE C 344 -32.59 28.85 -18.89
CA PHE C 344 -32.80 27.41 -18.74
C PHE C 344 -34.25 27.11 -18.38
N ILE C 345 -34.88 27.97 -17.59
CA ILE C 345 -36.28 27.76 -17.23
C ILE C 345 -37.17 27.97 -18.44
N ALA C 346 -36.92 29.01 -19.23
CA ALA C 346 -37.75 29.29 -20.39
C ALA C 346 -37.60 28.22 -21.45
N ALA C 347 -36.40 27.67 -21.60
CA ALA C 347 -36.18 26.62 -22.60
C ALA C 347 -36.92 25.35 -22.23
N ALA C 348 -36.85 24.95 -20.95
CA ALA C 348 -37.56 23.75 -20.51
C ALA C 348 -39.06 23.98 -20.48
N ALA C 349 -39.50 25.24 -20.34
CA ALA C 349 -40.92 25.53 -20.33
C ALA C 349 -41.54 25.34 -21.71
N GLN C 350 -40.83 25.75 -22.76
CA GLN C 350 -41.33 25.55 -24.12
C GLN C 350 -41.45 24.06 -24.45
N LEU C 351 -40.48 23.26 -24.00
CA LEU C 351 -40.55 21.82 -24.21
C LEU C 351 -41.66 21.16 -23.41
N ASN C 352 -42.19 21.85 -22.41
CA ASN C 352 -43.23 21.29 -21.56
C ASN C 352 -44.60 21.40 -22.23
N THR D 11 -17.78 -32.82 21.95
CA THR D 11 -19.11 -32.32 21.60
C THR D 11 -19.39 -32.55 20.12
N VAL D 12 -20.65 -32.35 19.72
CA VAL D 12 -21.06 -32.45 18.33
C VAL D 12 -21.15 -31.03 17.77
N SER D 13 -20.31 -30.74 16.78
CA SER D 13 -20.18 -29.39 16.23
C SER D 13 -20.42 -29.41 14.73
N PHE D 14 -21.15 -28.40 14.25
CA PHE D 14 -21.35 -28.17 12.82
C PHE D 14 -21.03 -26.72 12.47
N THR D 15 -20.07 -26.11 13.16
CA THR D 15 -19.72 -24.73 12.91
C THR D 15 -19.08 -24.56 11.54
N SER D 16 -18.03 -25.33 11.25
CA SER D 16 -17.33 -25.24 9.98
C SER D 16 -16.61 -26.57 9.74
N ASP D 17 -16.07 -26.71 8.54
CA ASP D 17 -15.29 -27.88 8.18
C ASP D 17 -13.81 -27.72 8.48
N ASN D 18 -13.39 -26.55 8.97
CA ASN D 18 -12.01 -26.36 9.40
C ASN D 18 -11.75 -26.89 10.80
N ILE D 19 -12.80 -27.15 11.58
CA ILE D 19 -12.62 -27.77 12.89
C ILE D 19 -12.20 -29.22 12.76
N ALA D 20 -12.40 -29.83 11.59
CA ALA D 20 -12.14 -31.25 11.42
C ALA D 20 -10.65 -31.55 11.49
N ALA D 21 -10.34 -32.82 11.71
CA ALA D 21 -8.97 -33.27 11.77
C ALA D 21 -8.36 -33.30 10.38
N ALA D 22 -7.12 -33.79 10.30
CA ALA D 22 -6.51 -34.12 9.02
C ALA D 22 -6.82 -35.56 8.67
N ALA D 23 -6.90 -35.83 7.38
CA ALA D 23 -7.11 -37.21 6.94
C ALA D 23 -5.91 -38.07 7.31
N PRO D 24 -6.13 -39.31 7.73
CA PRO D 24 -4.99 -40.16 8.13
C PRO D 24 -3.97 -40.35 7.02
N GLU D 25 -4.40 -40.32 5.75
CA GLU D 25 -3.46 -40.44 4.65
C GLU D 25 -2.62 -39.17 4.48
N ILE D 26 -3.15 -38.03 4.88
CA ILE D 26 -2.42 -36.77 4.72
C ILE D 26 -1.26 -36.72 5.71
N VAL D 27 -1.54 -36.99 7.00
CA VAL D 27 -0.47 -36.96 8.00
C VAL D 27 0.53 -38.09 7.74
N GLN D 28 0.08 -39.19 7.12
CA GLN D 28 1.00 -40.27 6.78
C GLN D 28 2.01 -39.80 5.72
N ALA D 29 1.57 -38.98 4.78
CA ALA D 29 2.47 -38.52 3.72
C ALA D 29 3.53 -37.56 4.24
N MET D 30 3.20 -36.77 5.26
CA MET D 30 4.20 -35.86 5.83
C MET D 30 5.32 -36.62 6.51
N ALA D 31 4.98 -37.73 7.18
CA ALA D 31 6.02 -38.57 7.78
C ALA D 31 6.86 -39.27 6.73
N GLN D 32 6.26 -39.62 5.59
CA GLN D 32 7.02 -40.23 4.51
C GLN D 32 7.90 -39.23 3.79
N ALA D 33 7.66 -37.93 3.98
CA ALA D 33 8.46 -36.89 3.34
C ALA D 33 9.50 -36.28 4.27
N CYS D 34 9.43 -36.55 5.57
CA CYS D 34 10.40 -36.04 6.53
C CYS D 34 11.69 -36.85 6.56
N GLN D 35 11.96 -37.62 5.52
CA GLN D 35 13.16 -38.44 5.43
C GLN D 35 14.11 -37.81 4.41
N GLY D 36 15.32 -37.47 4.85
CA GLY D 36 16.33 -36.96 3.95
C GLY D 36 16.18 -35.48 3.65
N ASN D 37 17.04 -35.01 2.75
CA ASN D 37 17.08 -33.61 2.34
C ASN D 37 16.32 -33.41 1.03
N ALA D 38 16.00 -32.16 0.76
CA ALA D 38 15.27 -31.80 -0.46
C ALA D 38 15.54 -30.34 -0.78
N GLN D 39 15.52 -30.03 -2.08
CA GLN D 39 15.76 -28.66 -2.51
C GLN D 39 14.59 -27.79 -2.06
N PRO D 40 14.85 -26.63 -1.45
CA PRO D 40 13.78 -25.85 -0.84
C PRO D 40 13.03 -24.99 -1.85
N TYR D 41 11.93 -24.41 -1.37
CA TYR D 41 11.13 -23.43 -2.12
C TYR D 41 10.55 -24.00 -3.41
N GLY D 42 10.20 -25.28 -3.39
CA GLY D 42 9.56 -25.90 -4.54
C GLY D 42 10.48 -26.56 -5.53
N GLY D 43 11.79 -26.51 -5.32
CA GLY D 43 12.73 -27.18 -6.20
C GLY D 43 12.78 -28.68 -6.05
N ASP D 44 12.04 -29.24 -5.10
CA ASP D 44 12.05 -30.67 -4.87
C ASP D 44 11.22 -31.40 -5.93
N ALA D 45 11.39 -32.72 -5.97
CA ALA D 45 10.69 -33.54 -6.95
C ALA D 45 9.22 -33.75 -6.60
N LEU D 46 8.86 -33.65 -5.32
CA LEU D 46 7.48 -33.88 -4.92
C LEU D 46 6.58 -32.73 -5.33
N THR D 47 7.05 -31.49 -5.17
CA THR D 47 6.26 -30.33 -5.61
C THR D 47 6.07 -30.34 -7.11
N GLN D 48 7.09 -30.76 -7.86
CA GLN D 48 6.94 -30.88 -9.30
C GLN D 48 5.99 -32.00 -9.69
N ASN D 49 5.98 -33.09 -8.92
CA ASN D 49 5.04 -34.18 -9.19
C ASN D 49 3.61 -33.75 -8.94
N VAL D 50 3.38 -32.98 -7.87
CA VAL D 50 2.03 -32.52 -7.56
C VAL D 50 1.52 -31.59 -8.66
N GLU D 51 2.40 -30.75 -9.20
CA GLU D 51 1.99 -29.87 -10.29
C GLU D 51 1.66 -30.65 -11.55
N ALA D 52 2.52 -31.61 -11.91
CA ALA D 52 2.24 -32.47 -13.06
C ALA D 52 0.99 -33.31 -12.83
N GLN D 53 0.75 -33.73 -11.58
CA GLN D 53 -0.47 -34.45 -11.27
C GLN D 53 -1.71 -33.56 -11.44
N LEU D 54 -1.56 -32.26 -11.18
CA LEU D 54 -2.67 -31.33 -11.41
C LEU D 54 -2.84 -31.01 -12.88
N LYS D 55 -1.75 -31.04 -13.66
CA LYS D 55 -1.87 -30.84 -15.10
C LYS D 55 -2.71 -31.93 -15.75
N ALA D 56 -2.63 -33.16 -15.22
CA ALA D 56 -3.43 -34.25 -15.76
C ALA D 56 -4.87 -34.20 -15.25
N ILE D 57 -5.08 -33.75 -14.01
CA ILE D 57 -6.43 -33.68 -13.47
C ILE D 57 -7.25 -32.63 -14.20
N PHE D 58 -6.66 -31.46 -14.48
CA PHE D 58 -7.37 -30.38 -15.14
C PHE D 58 -7.24 -30.43 -16.66
N GLU D 59 -6.53 -31.40 -17.21
CA GLU D 59 -6.47 -31.64 -18.65
C GLU D 59 -5.95 -30.42 -19.41
N CYS D 60 -4.98 -29.73 -18.82
CA CYS D 60 -4.39 -28.56 -19.45
C CYS D 60 -3.09 -28.21 -18.73
N ASP D 61 -2.26 -27.43 -19.43
CA ASP D 61 -1.04 -26.94 -18.82
C ASP D 61 -1.36 -25.83 -17.82
N LEU D 62 -0.77 -25.91 -16.64
CA LEU D 62 -1.03 -24.95 -15.57
C LEU D 62 0.24 -24.76 -14.75
N GLN D 63 0.16 -23.90 -13.74
CA GLN D 63 1.28 -23.62 -12.87
C GLN D 63 0.78 -23.59 -11.43
N LEU D 64 1.46 -24.32 -10.56
CA LEU D 64 1.04 -24.49 -9.17
C LEU D 64 1.78 -23.52 -8.26
N PHE D 65 1.04 -22.95 -7.30
CA PHE D 65 1.60 -22.07 -6.27
C PHE D 65 0.96 -22.46 -4.95
N LEU D 66 1.59 -23.39 -4.23
CA LEU D 66 1.07 -23.85 -2.96
C LEU D 66 1.18 -22.74 -1.91
N VAL D 67 0.10 -22.51 -1.18
CA VAL D 67 0.05 -21.45 -0.17
C VAL D 67 -0.54 -22.02 1.12
N PRO D 68 -0.19 -21.47 2.28
CA PRO D 68 -0.67 -22.05 3.55
C PRO D 68 -2.09 -21.67 3.93
N THR D 69 -2.74 -20.75 3.22
CA THR D 69 -4.05 -20.27 3.63
C THR D 69 -4.87 -19.92 2.39
N GLY D 70 -6.17 -20.27 2.45
CA GLY D 70 -7.05 -19.97 1.33
C GLY D 70 -7.32 -18.49 1.14
N SER D 71 -7.26 -17.71 2.23
CA SER D 71 -7.37 -16.27 2.11
C SER D 71 -6.21 -15.69 1.32
N ALA D 72 -4.99 -16.20 1.58
CA ALA D 72 -3.83 -15.76 0.82
C ALA D 72 -3.96 -16.16 -0.65
N ALA D 73 -4.52 -17.35 -0.90
CA ALA D 73 -4.73 -17.78 -2.28
C ALA D 73 -5.62 -16.81 -3.04
N ASN D 74 -6.65 -16.28 -2.38
CA ASN D 74 -7.52 -15.29 -3.03
C ASN D 74 -6.79 -13.97 -3.20
N ALA D 75 -6.11 -13.50 -2.16
CA ALA D 75 -5.49 -12.18 -2.20
C ALA D 75 -4.33 -12.14 -3.20
N ILE D 76 -3.52 -13.20 -3.24
CA ILE D 76 -2.40 -13.23 -4.18
C ILE D 76 -2.90 -13.33 -5.62
N SER D 77 -3.94 -14.14 -5.84
CA SER D 77 -4.48 -14.31 -7.18
C SER D 77 -5.10 -13.01 -7.70
N LEU D 78 -5.93 -12.37 -6.88
CA LEU D 78 -6.55 -11.12 -7.29
C LEU D 78 -5.53 -10.01 -7.48
N ALA D 79 -4.47 -9.98 -6.67
CA ALA D 79 -3.47 -8.93 -6.79
C ALA D 79 -2.71 -9.03 -8.11
N ALA D 80 -2.47 -10.26 -8.59
CA ALA D 80 -1.79 -10.42 -9.86
C ALA D 80 -2.64 -9.94 -11.03
N LEU D 81 -3.96 -9.96 -10.88
CA LEU D 81 -4.86 -9.58 -11.96
C LEU D 81 -5.37 -8.15 -11.85
N THR D 82 -5.33 -7.55 -10.65
CA THR D 82 -5.93 -6.24 -10.43
C THR D 82 -4.86 -5.18 -10.27
N PRO D 83 -4.96 -4.06 -10.99
CA PRO D 83 -4.14 -2.90 -10.67
C PRO D 83 -4.66 -2.24 -9.40
N PRO D 84 -3.84 -1.41 -8.74
CA PRO D 84 -4.33 -0.74 -7.52
C PRO D 84 -5.50 0.19 -7.79
N TRP D 85 -5.58 0.78 -8.97
CA TRP D 85 -6.72 1.59 -9.37
C TRP D 85 -7.84 0.77 -9.97
N GLY D 86 -7.75 -0.56 -9.90
CA GLY D 86 -8.77 -1.43 -10.45
C GLY D 86 -9.86 -1.76 -9.45
N ALA D 87 -10.82 -2.58 -9.90
CA ALA D 87 -11.94 -2.98 -9.08
C ALA D 87 -12.18 -4.47 -9.23
N ILE D 88 -12.60 -5.11 -8.15
CA ILE D 88 -12.92 -6.53 -8.13
C ILE D 88 -14.43 -6.66 -7.97
N LEU D 89 -15.07 -7.35 -8.91
CA LEU D 89 -16.51 -7.56 -8.87
C LEU D 89 -16.80 -8.90 -8.20
N CYS D 90 -17.52 -8.85 -7.09
CA CYS D 90 -17.82 -10.05 -6.32
C CYS D 90 -19.17 -9.88 -5.65
N HIS D 91 -19.62 -10.95 -5.01
CA HIS D 91 -20.88 -10.93 -4.29
C HIS D 91 -20.72 -10.19 -2.96
N GLN D 92 -21.84 -9.71 -2.42
CA GLN D 92 -21.81 -9.03 -1.13
C GLN D 92 -21.37 -9.95 -0.02
N GLU D 93 -21.86 -11.19 -0.01
CA GLU D 93 -21.55 -12.16 1.03
C GLU D 93 -20.31 -12.99 0.71
N SER D 94 -19.51 -12.58 -0.27
CA SER D 94 -18.31 -13.32 -0.62
C SER D 94 -17.28 -13.23 0.49
N HIS D 95 -16.40 -14.24 0.54
CA HIS D 95 -15.41 -14.31 1.62
C HIS D 95 -14.39 -13.18 1.52
N ILE D 96 -14.02 -12.80 0.29
CA ILE D 96 -13.03 -11.75 0.11
C ILE D 96 -13.53 -10.39 0.56
N ASN D 97 -14.84 -10.22 0.72
CA ASN D 97 -15.43 -8.95 1.10
C ASN D 97 -15.88 -8.91 2.56
N ASN D 98 -15.70 -10.00 3.31
CA ASN D 98 -16.25 -10.07 4.66
C ASN D 98 -15.29 -10.66 5.67
N ASP D 99 -14.73 -11.84 5.39
CA ASP D 99 -14.04 -12.63 6.40
C ASP D 99 -12.54 -12.79 6.09
N GLU D 100 -11.92 -11.79 5.49
CA GLU D 100 -10.47 -11.83 5.24
C GLU D 100 -9.75 -10.62 5.81
N CYS D 101 -10.45 -9.75 6.54
CA CYS D 101 -9.86 -8.56 7.15
C CYS D 101 -9.18 -7.68 6.10
N GLY D 102 -9.85 -7.51 4.96
CA GLY D 102 -9.30 -6.70 3.90
C GLY D 102 -8.05 -7.25 3.25
N ALA D 103 -7.88 -8.58 3.29
CA ALA D 103 -6.72 -9.18 2.64
C ALA D 103 -6.65 -8.89 1.15
N PRO D 104 -7.74 -8.92 0.37
CA PRO D 104 -7.64 -8.46 -1.02
C PRO D 104 -7.22 -7.00 -1.14
N GLU D 105 -7.81 -6.11 -0.34
CA GLU D 105 -7.43 -4.70 -0.39
C GLU D 105 -5.96 -4.51 -0.03
N PHE D 106 -5.40 -5.41 0.78
CA PHE D 106 -4.00 -5.29 1.19
C PHE D 106 -3.05 -5.71 0.08
N PHE D 107 -3.26 -6.88 -0.50
CA PHE D 107 -2.36 -7.37 -1.54
C PHE D 107 -2.50 -6.58 -2.83
N THR D 108 -3.70 -6.11 -3.14
CA THR D 108 -3.96 -5.36 -4.37
C THR D 108 -3.59 -3.89 -4.26
N ALA D 109 -2.93 -3.49 -3.16
CA ALA D 109 -2.53 -2.09 -2.92
C ALA D 109 -3.74 -1.16 -2.91
N GLY D 110 -4.87 -1.62 -2.40
CA GLY D 110 -6.03 -0.77 -2.25
C GLY D 110 -7.04 -0.81 -3.38
N ALA D 111 -7.19 -1.95 -4.05
CA ALA D 111 -8.23 -2.07 -5.05
C ALA D 111 -9.60 -2.16 -4.38
N LYS D 112 -10.59 -1.59 -5.06
CA LYS D 112 -11.94 -1.47 -4.50
C LYS D 112 -12.76 -2.70 -4.88
N LEU D 113 -13.29 -3.39 -3.87
CA LEU D 113 -14.16 -4.54 -4.09
C LEU D 113 -15.59 -4.03 -4.21
N ILE D 114 -16.16 -4.14 -5.41
CA ILE D 114 -17.52 -3.68 -5.68
C ILE D 114 -18.46 -4.88 -5.60
N ALA D 115 -19.46 -4.78 -4.75
CA ALA D 115 -20.43 -5.86 -4.58
C ALA D 115 -21.44 -5.83 -5.72
N VAL D 116 -21.66 -6.98 -6.35
CA VAL D 116 -22.61 -7.13 -7.43
C VAL D 116 -23.80 -7.92 -6.93
N ALA D 117 -25.01 -7.48 -7.32
CA ALA D 117 -26.22 -8.13 -6.87
C ALA D 117 -26.30 -9.57 -7.37
N GLY D 118 -26.96 -10.42 -6.59
CA GLY D 118 -27.12 -11.81 -6.95
C GLY D 118 -27.92 -12.60 -5.93
N THR D 119 -28.57 -13.67 -6.38
CA THR D 119 -29.40 -14.49 -5.53
C THR D 119 -28.64 -15.74 -5.09
N HIS D 120 -28.78 -16.09 -3.81
CA HIS D 120 -28.16 -17.28 -3.23
C HIS D 120 -26.64 -17.28 -3.45
N GLY D 121 -26.02 -16.13 -3.20
CA GLY D 121 -24.58 -16.00 -3.24
C GLY D 121 -23.98 -16.18 -4.62
N LYS D 122 -24.81 -16.14 -5.66
CA LYS D 122 -24.35 -16.30 -7.03
C LYS D 122 -24.62 -15.02 -7.80
N LEU D 123 -23.61 -14.54 -8.51
CA LEU D 123 -23.71 -13.28 -9.23
C LEU D 123 -24.75 -13.36 -10.34
N ASP D 124 -25.53 -12.30 -10.49
CA ASP D 124 -26.48 -12.22 -11.59
C ASP D 124 -25.76 -11.77 -12.85
N PRO D 125 -25.96 -12.47 -13.97
CA PRO D 125 -25.24 -12.09 -15.21
C PRO D 125 -25.60 -10.68 -15.69
N GLN D 126 -26.87 -10.31 -15.58
CA GLN D 126 -27.28 -8.98 -16.03
C GLN D 126 -26.78 -7.88 -15.09
N ALA D 127 -26.65 -8.19 -13.80
CA ALA D 127 -26.10 -7.21 -12.87
C ALA D 127 -24.59 -7.13 -12.95
N LEU D 128 -23.93 -8.20 -13.40
CA LEU D 128 -22.48 -8.18 -13.54
C LEU D 128 -22.06 -7.36 -14.76
N THR D 129 -22.74 -7.55 -15.89
CA THR D 129 -22.36 -6.83 -17.10
C THR D 129 -22.62 -5.33 -16.96
N GLN D 130 -23.58 -4.93 -16.13
CA GLN D 130 -23.83 -3.52 -15.92
C GLN D 130 -22.76 -2.90 -15.02
N ALA D 131 -22.32 -3.62 -14.00
CA ALA D 131 -21.28 -3.11 -13.12
C ALA D 131 -19.94 -2.99 -13.83
N ALA D 132 -19.69 -3.83 -14.83
CA ALA D 132 -18.45 -3.74 -15.58
C ALA D 132 -18.44 -2.54 -16.51
N ARG D 133 -19.57 -2.29 -17.19
CA ARG D 133 -19.67 -1.16 -18.11
C ARG D 133 -19.89 0.17 -17.38
N ASN D 134 -20.14 0.14 -16.08
CA ASN D 134 -20.50 1.35 -15.36
C ASN D 134 -19.30 2.28 -15.23
N LYS D 135 -19.44 3.49 -15.76
CA LYS D 135 -18.42 4.54 -15.67
C LYS D 135 -17.07 4.06 -16.22
N ARG D 136 -17.10 3.49 -17.41
CA ARG D 136 -15.90 3.04 -18.10
C ARG D 136 -15.32 4.20 -18.90
N GLY D 137 -14.03 4.47 -18.71
CA GLY D 137 -13.40 5.64 -19.28
C GLY D 137 -13.41 6.85 -18.36
N ASP D 138 -14.09 6.77 -17.21
CA ASP D 138 -14.12 7.86 -16.25
C ASP D 138 -12.86 7.77 -15.38
N VAL D 139 -11.97 8.74 -15.52
CA VAL D 139 -10.74 8.74 -14.74
C VAL D 139 -11.03 8.94 -13.25
N HIS D 140 -12.19 9.51 -12.91
CA HIS D 140 -12.55 9.71 -11.51
C HIS D 140 -12.99 8.42 -10.83
N SER D 141 -13.34 7.39 -11.59
CA SER D 141 -13.86 6.14 -11.06
C SER D 141 -12.83 5.03 -11.20
N VAL D 142 -12.85 4.09 -10.26
CA VAL D 142 -12.03 2.89 -10.37
C VAL D 142 -12.51 2.06 -11.55
N GLU D 143 -11.57 1.39 -12.22
CA GLU D 143 -11.90 0.63 -13.42
C GLU D 143 -12.11 -0.83 -13.06
N PRO D 144 -13.30 -1.38 -13.29
CA PRO D 144 -13.49 -2.82 -13.06
C PRO D 144 -12.55 -3.63 -13.94
N THR D 145 -11.79 -4.51 -13.31
CA THR D 145 -10.80 -5.33 -14.01
C THR D 145 -11.02 -6.82 -13.86
N THR D 146 -11.45 -7.29 -12.69
CA THR D 146 -11.59 -8.72 -12.46
C THR D 146 -12.90 -9.03 -11.76
N VAL D 147 -13.30 -10.29 -11.87
CA VAL D 147 -14.49 -10.82 -11.21
C VAL D 147 -14.06 -12.00 -10.34
N SER D 148 -14.67 -12.13 -9.17
CA SER D 148 -14.38 -13.23 -8.26
C SER D 148 -15.67 -13.94 -7.89
N ILE D 149 -15.74 -15.23 -8.22
CA ILE D 149 -16.89 -16.07 -7.90
C ILE D 149 -16.42 -17.21 -7.02
N THR D 150 -17.24 -17.57 -6.03
CA THR D 150 -16.90 -18.63 -5.09
C THR D 150 -17.64 -19.91 -5.49
N GLN D 151 -16.90 -21.01 -5.56
CA GLN D 151 -17.46 -22.31 -5.96
C GLN D 151 -16.78 -23.38 -5.14
N ALA D 152 -17.50 -23.96 -4.17
CA ALA D 152 -18.90 -23.63 -3.91
C ALA D 152 -19.03 -22.37 -3.05
N THR D 153 -20.20 -21.72 -3.13
CA THR D 153 -20.41 -20.44 -2.51
C THR D 153 -20.47 -20.56 -0.99
N GLU D 154 -20.52 -19.41 -0.32
CA GLU D 154 -20.55 -19.37 1.14
C GLU D 154 -21.92 -19.74 1.70
N VAL D 155 -22.98 -19.55 0.91
CA VAL D 155 -24.33 -19.83 1.39
C VAL D 155 -24.69 -21.29 1.11
N GLY D 156 -23.72 -22.06 0.63
CA GLY D 156 -23.95 -23.45 0.31
C GLY D 156 -24.46 -23.73 -1.08
N SER D 157 -24.70 -22.70 -1.89
CA SER D 157 -25.16 -22.90 -3.25
C SER D 157 -23.99 -23.28 -4.15
N ILE D 158 -24.32 -23.62 -5.40
CA ILE D 158 -23.33 -24.10 -6.36
C ILE D 158 -23.64 -23.48 -7.72
N TYR D 159 -22.62 -22.92 -8.36
CA TYR D 159 -22.76 -22.49 -9.74
C TYR D 159 -22.86 -23.71 -10.66
N ALA D 160 -23.87 -23.74 -11.51
CA ALA D 160 -23.95 -24.78 -12.52
C ALA D 160 -23.00 -24.46 -13.67
N LEU D 161 -22.81 -25.44 -14.55
CA LEU D 161 -21.86 -25.27 -15.66
C LEU D 161 -22.32 -24.17 -16.61
N ASP D 162 -23.62 -24.09 -16.88
CA ASP D 162 -24.13 -23.04 -17.74
C ASP D 162 -24.02 -21.68 -17.06
N GLU D 163 -24.09 -21.64 -15.74
CA GLU D 163 -23.93 -20.37 -15.01
C GLU D 163 -22.48 -19.93 -14.96
N LEU D 164 -21.53 -20.88 -14.94
CA LEU D 164 -20.12 -20.53 -14.96
C LEU D 164 -19.69 -20.05 -16.35
N ASN D 165 -20.22 -20.68 -17.40
CA ASN D 165 -19.85 -20.27 -18.76
C ASN D 165 -20.39 -18.89 -19.10
N GLU D 166 -21.58 -18.54 -18.59
CA GLU D 166 -22.12 -17.22 -18.86
C GLU D 166 -21.26 -16.13 -18.24
N ILE D 167 -20.80 -16.35 -17.01
CA ILE D 167 -19.92 -15.38 -16.36
C ILE D 167 -18.60 -15.27 -17.11
N GLY D 168 -18.08 -16.41 -17.59
CA GLY D 168 -16.85 -16.37 -18.36
C GLY D 168 -16.99 -15.60 -19.65
N GLN D 169 -18.17 -15.67 -20.28
CA GLN D 169 -18.38 -14.92 -21.51
C GLN D 169 -18.50 -13.43 -21.23
N ILE D 170 -19.12 -13.06 -20.11
CA ILE D 170 -19.22 -11.65 -19.74
C ILE D 170 -17.83 -11.09 -19.44
N CYS D 171 -16.97 -11.89 -18.80
CA CYS D 171 -15.61 -11.45 -18.54
C CYS D 171 -14.84 -11.24 -19.84
N ARG D 172 -14.99 -12.17 -20.80
CA ARG D 172 -14.34 -12.00 -22.09
C ARG D 172 -14.92 -10.82 -22.87
N ASN D 173 -16.22 -10.56 -22.71
CA ASN D 173 -16.84 -9.45 -23.43
C ASN D 173 -16.37 -8.11 -22.90
N GLU D 174 -16.16 -8.00 -21.60
CA GLU D 174 -15.81 -6.73 -20.97
C GLU D 174 -14.34 -6.65 -20.57
N GLY D 175 -13.51 -7.55 -21.10
CA GLY D 175 -12.09 -7.52 -20.80
C GLY D 175 -11.76 -7.74 -19.35
N LEU D 176 -12.50 -8.62 -18.68
CA LEU D 176 -12.32 -8.90 -17.27
C LEU D 176 -11.60 -10.23 -17.08
N LYS D 177 -10.95 -10.37 -15.92
CA LYS D 177 -10.27 -11.60 -15.54
C LYS D 177 -11.07 -12.31 -14.46
N LEU D 178 -11.20 -13.62 -14.59
CA LEU D 178 -12.07 -14.42 -13.73
C LEU D 178 -11.23 -15.18 -12.71
N HIS D 179 -11.50 -14.95 -11.44
CA HIS D 179 -10.90 -15.71 -10.35
C HIS D 179 -11.98 -16.52 -9.63
N MET D 180 -11.66 -17.77 -9.30
CA MET D 180 -12.59 -18.66 -8.63
C MET D 180 -12.09 -18.96 -7.23
N ASP D 181 -12.92 -18.65 -6.23
CA ASP D 181 -12.64 -19.03 -4.85
C ASP D 181 -13.10 -20.47 -4.66
N GLY D 182 -12.15 -21.39 -4.52
CA GLY D 182 -12.49 -22.79 -4.38
C GLY D 182 -12.05 -23.38 -3.06
N ALA D 183 -12.33 -22.67 -1.96
CA ALA D 183 -12.05 -23.24 -0.64
C ALA D 183 -12.81 -24.54 -0.43
N ARG D 184 -14.04 -24.60 -0.92
CA ARG D 184 -14.81 -25.85 -0.95
C ARG D 184 -15.05 -26.24 -2.40
N PHE D 185 -13.98 -26.25 -3.19
CA PHE D 185 -14.07 -26.57 -4.61
C PHE D 185 -14.51 -28.01 -4.83
N ALA D 186 -14.06 -28.93 -3.96
CA ALA D 186 -14.39 -30.34 -4.16
C ALA D 186 -15.85 -30.63 -3.87
N ASN D 187 -16.46 -29.91 -2.94
CA ASN D 187 -17.87 -30.13 -2.63
C ASN D 187 -18.75 -29.75 -3.82
N ALA D 188 -18.36 -28.71 -4.57
CA ALA D 188 -19.11 -28.34 -5.75
C ALA D 188 -18.84 -29.28 -6.92
N LEU D 189 -17.61 -29.79 -7.03
CA LEU D 189 -17.29 -30.72 -8.11
C LEU D 189 -18.00 -32.05 -7.93
N SER D 190 -18.06 -32.56 -6.69
CA SER D 190 -18.69 -33.84 -6.44
C SER D 190 -20.20 -33.77 -6.63
N ALA D 191 -20.81 -32.61 -6.32
CA ALA D 191 -22.25 -32.48 -6.49
C ALA D 191 -22.65 -32.38 -7.96
N LEU D 192 -21.76 -31.86 -8.80
CA LEU D 192 -22.02 -31.81 -10.23
C LEU D 192 -21.52 -33.04 -10.97
N GLY D 193 -20.44 -33.66 -10.49
CA GLY D 193 -19.89 -34.82 -11.16
C GLY D 193 -19.19 -34.54 -12.47
N CYS D 194 -18.90 -33.28 -12.76
CA CYS D 194 -18.23 -32.92 -14.00
C CYS D 194 -16.72 -32.97 -13.80
N THR D 195 -15.98 -32.71 -14.87
CA THR D 195 -14.53 -32.69 -14.79
C THR D 195 -14.03 -31.37 -14.22
N PRO D 196 -12.88 -31.36 -13.55
CA PRO D 196 -12.32 -30.09 -13.07
C PRO D 196 -12.09 -29.07 -14.17
N ALA D 197 -11.82 -29.52 -15.40
CA ALA D 197 -11.63 -28.60 -16.50
C ALA D 197 -12.91 -27.87 -16.85
N GLU D 198 -14.04 -28.60 -16.88
CA GLU D 198 -15.32 -27.99 -17.25
C GLU D 198 -15.76 -26.95 -16.23
N MET D 199 -15.33 -27.08 -14.98
CA MET D 199 -15.71 -26.15 -13.94
C MET D 199 -14.80 -24.93 -13.88
N THR D 200 -13.58 -25.00 -14.41
CA THR D 200 -12.60 -23.95 -14.25
C THR D 200 -12.30 -23.32 -15.59
N TRP D 201 -11.21 -23.69 -16.27
CA TRP D 201 -10.72 -22.89 -17.39
C TRP D 201 -11.63 -22.97 -18.62
N LYS D 202 -12.33 -24.10 -18.80
CA LYS D 202 -13.27 -24.18 -19.91
C LYS D 202 -14.39 -23.16 -19.78
N ALA D 203 -14.82 -22.89 -18.54
CA ALA D 203 -15.82 -21.86 -18.31
C ALA D 203 -15.25 -20.45 -18.44
N GLY D 204 -13.93 -20.30 -18.30
CA GLY D 204 -13.31 -19.00 -18.46
C GLY D 204 -12.50 -18.56 -17.26
N VAL D 205 -12.30 -19.47 -16.30
CA VAL D 205 -11.52 -19.15 -15.10
C VAL D 205 -10.05 -19.03 -15.48
N ASP D 206 -9.40 -17.97 -15.00
CA ASP D 206 -7.99 -17.72 -15.27
C ASP D 206 -7.08 -18.09 -14.10
N VAL D 207 -7.58 -18.02 -12.87
CA VAL D 207 -6.81 -18.42 -11.69
C VAL D 207 -7.78 -19.02 -10.68
N LEU D 208 -7.35 -20.09 -10.02
CA LEU D 208 -8.20 -20.85 -9.12
C LEU D 208 -7.55 -20.98 -7.75
N SER D 209 -8.30 -20.66 -6.70
CA SER D 209 -7.88 -20.88 -5.33
C SER D 209 -8.28 -22.30 -4.94
N PHE D 210 -7.44 -23.26 -5.27
CA PHE D 210 -7.75 -24.67 -5.05
C PHE D 210 -7.64 -24.97 -3.55
N GLY D 211 -8.80 -25.14 -2.89
CA GLY D 211 -8.82 -25.37 -1.46
C GLY D 211 -8.79 -26.85 -1.13
N ALA D 212 -7.95 -27.20 -0.16
CA ALA D 212 -7.84 -28.58 0.31
C ALA D 212 -7.91 -28.72 1.83
N THR D 213 -7.66 -27.66 2.59
CA THR D 213 -7.64 -27.72 4.05
C THR D 213 -8.99 -28.17 4.60
N ASN D 215 -11.18 -29.90 3.26
CA ASN D 215 -11.60 -31.20 2.77
C ASN D 215 -10.68 -32.33 3.24
N GLY D 216 -9.85 -32.04 4.25
CA GLY D 216 -9.07 -33.09 4.87
C GLY D 216 -7.58 -32.84 4.99
N SER D 217 -7.12 -31.65 4.60
CA SER D 217 -5.71 -31.31 4.69
C SER D 217 -5.43 -30.47 5.94
N LEU D 218 -4.15 -30.39 6.29
CA LEU D 218 -3.74 -29.54 7.40
C LEU D 218 -3.74 -28.07 7.00
N CYS D 219 -2.96 -27.73 5.97
CA CYS D 219 -2.88 -26.32 5.55
C CYS D 219 -2.47 -26.17 4.09
N ALA D 220 -2.56 -27.20 3.27
CA ALA D 220 -2.08 -27.16 1.89
C ALA D 220 -3.17 -26.58 1.00
N GLU D 221 -3.11 -25.27 0.79
CA GLU D 221 -3.92 -24.60 -0.21
C GLU D 221 -3.10 -24.40 -1.47
N ALA D 222 -3.78 -24.33 -2.61
CA ALA D 222 -3.10 -24.29 -3.89
C ALA D 222 -3.65 -23.17 -4.75
N ILE D 223 -2.76 -22.40 -5.37
CA ILE D 223 -3.11 -21.43 -6.40
C ILE D 223 -2.84 -22.09 -7.75
N ILE D 224 -3.90 -22.40 -8.48
CA ILE D 224 -3.78 -23.04 -9.79
C ILE D 224 -3.99 -21.97 -10.85
N LEU D 225 -2.91 -21.68 -11.60
CA LEU D 225 -2.94 -20.63 -12.60
C LEU D 225 -3.05 -21.26 -13.98
N PHE D 226 -4.11 -20.90 -14.72
CA PHE D 226 -4.30 -21.38 -16.07
C PHE D 226 -3.72 -20.41 -17.10
N ASP D 227 -3.85 -19.11 -16.87
CA ASP D 227 -3.25 -18.09 -17.73
C ASP D 227 -1.86 -17.81 -17.20
N LYS D 228 -0.87 -18.55 -17.71
CA LYS D 228 0.50 -18.49 -17.23
C LYS D 228 1.20 -17.17 -17.54
N SER D 229 0.54 -16.16 -18.11
CA SER D 229 1.16 -14.86 -18.27
C SER D 229 1.28 -14.11 -16.95
N TYR D 230 0.51 -14.52 -15.94
CA TYR D 230 0.59 -13.94 -14.60
C TYR D 230 1.48 -14.75 -13.66
N ALA D 231 2.29 -15.66 -14.20
CA ALA D 231 3.11 -16.51 -13.35
C ALA D 231 4.16 -15.71 -12.59
N GLN D 232 4.76 -14.71 -13.25
CA GLN D 232 5.78 -13.89 -12.60
C GLN D 232 5.17 -13.06 -11.47
N GLU D 233 3.97 -12.52 -11.68
CA GLU D 233 3.33 -11.72 -10.64
C GLU D 233 3.05 -12.55 -9.39
N ILE D 234 2.47 -13.75 -9.58
CA ILE D 234 2.11 -14.59 -8.44
C ILE D 234 3.37 -15.07 -7.71
N ALA D 235 4.42 -15.41 -8.44
CA ALA D 235 5.65 -15.88 -7.82
C ALA D 235 6.29 -14.80 -6.97
N PHE D 236 6.23 -13.55 -7.42
CA PHE D 236 6.80 -12.46 -6.64
C PHE D 236 5.89 -12.06 -5.48
N ARG D 237 4.57 -12.13 -5.66
CA ARG D 237 3.66 -11.63 -4.63
C ARG D 237 3.47 -12.60 -3.48
N ARG D 238 3.63 -13.92 -3.72
CA ARG D 238 3.55 -14.84 -2.60
C ARG D 238 4.84 -14.87 -1.80
N LYS D 239 5.98 -14.55 -2.43
CA LYS D 239 7.20 -14.32 -1.68
C LYS D 239 7.14 -13.00 -0.94
N ARG D 240 6.63 -11.95 -1.61
CA ARG D 240 6.50 -10.65 -0.98
C ARG D 240 5.53 -10.66 0.19
N GLY D 241 4.58 -11.59 0.19
CA GLY D 241 3.64 -11.74 1.27
C GLY D 241 4.01 -12.74 2.34
N GLY D 242 5.18 -13.35 2.25
CA GLY D 242 5.58 -14.34 3.23
C GLY D 242 4.92 -15.68 3.07
N HIS D 243 4.46 -16.02 1.86
CA HIS D 243 3.76 -17.27 1.60
C HIS D 243 4.58 -18.21 0.73
N LEU D 244 5.90 -18.10 0.78
CA LEU D 244 6.81 -19.02 0.09
C LEU D 244 7.60 -19.76 1.16
N LEU D 245 7.23 -21.02 1.41
CA LEU D 245 7.86 -21.81 2.45
C LEU D 245 9.15 -22.45 1.95
N SER D 246 10.14 -22.53 2.84
CA SER D 246 11.38 -23.20 2.50
C SER D 246 11.16 -24.71 2.36
N LYS D 247 10.49 -25.31 3.35
CA LYS D 247 10.23 -26.76 3.32
C LYS D 247 8.83 -27.01 2.76
N MET D 248 8.69 -26.68 1.47
CA MET D 248 7.40 -26.82 0.81
C MET D 248 7.04 -28.28 0.54
N ARG D 249 8.02 -29.19 0.60
CA ARG D 249 7.71 -30.61 0.38
C ARG D 249 6.72 -31.15 1.40
N PHE D 250 6.49 -30.43 2.50
CA PHE D 250 5.48 -30.82 3.47
C PHE D 250 4.13 -30.14 3.23
N LEU D 251 4.09 -29.13 2.37
CA LEU D 251 2.82 -28.68 1.82
C LEU D 251 2.39 -29.54 0.63
N SER D 252 3.37 -29.96 -0.19
CA SER D 252 3.08 -30.82 -1.32
C SER D 252 2.88 -32.28 -0.91
N ALA D 253 3.41 -32.69 0.24
CA ALA D 253 3.12 -34.03 0.74
C ALA D 253 1.64 -34.16 1.08
N GLN D 254 1.04 -33.09 1.63
CA GLN D 254 -0.38 -33.11 1.89
C GLN D 254 -1.19 -33.17 0.61
N MET D 255 -0.84 -32.31 -0.36
CA MET D 255 -1.60 -32.27 -1.61
C MET D 255 -1.41 -33.54 -2.42
N HIS D 256 -0.27 -34.22 -2.28
CA HIS D 256 -0.07 -35.47 -3.00
C HIS D 256 -1.00 -36.56 -2.49
N ALA D 257 -1.11 -36.70 -1.18
CA ALA D 257 -2.05 -37.66 -0.60
C ALA D 257 -3.49 -37.18 -0.74
N TYR D 258 -3.69 -35.87 -0.83
CA TYR D 258 -5.03 -35.32 -1.01
C TYR D 258 -5.62 -35.78 -2.34
N LEU D 259 -4.81 -35.78 -3.40
CA LEU D 259 -5.26 -36.18 -4.72
C LEU D 259 -5.06 -37.66 -5.01
N ALA D 260 -4.28 -38.37 -4.19
CA ALA D 260 -3.99 -39.76 -4.45
C ALA D 260 -5.23 -40.62 -4.25
N ASP D 261 -5.50 -41.50 -5.21
CA ASP D 261 -6.61 -42.45 -5.14
C ASP D 261 -7.96 -41.76 -4.99
N ASP D 262 -8.08 -40.54 -5.52
CA ASP D 262 -9.31 -39.76 -5.46
C ASP D 262 -9.80 -39.60 -4.03
N LEU D 263 -8.85 -39.45 -3.09
CA LEU D 263 -9.21 -39.25 -1.70
C LEU D 263 -9.96 -37.93 -1.51
N TRP D 264 -9.60 -36.91 -2.28
CA TRP D 264 -10.27 -35.62 -2.16
C TRP D 264 -11.72 -35.69 -2.63
N LEU D 265 -11.99 -36.49 -3.66
CA LEU D 265 -13.36 -36.69 -4.09
C LEU D 265 -14.15 -37.54 -3.10
N THR D 266 -13.48 -38.44 -2.40
CA THR D 266 -14.16 -39.27 -1.41
C THR D 266 -14.51 -38.46 -0.17
N ASN D 267 -13.62 -37.59 0.27
CA ASN D 267 -13.91 -36.75 1.43
C ASN D 267 -15.05 -35.78 1.14
N ALA D 268 -15.06 -35.18 -0.04
CA ALA D 268 -16.10 -34.21 -0.38
C ALA D 268 -17.46 -34.87 -0.53
N ARG D 269 -17.51 -36.03 -1.19
CA ARG D 269 -18.78 -36.74 -1.34
C ARG D 269 -19.36 -37.13 0.00
N HIS D 270 -18.51 -37.54 0.94
CA HIS D 270 -19.00 -37.89 2.27
C HIS D 270 -19.52 -36.65 3.00
N ALA D 271 -18.86 -35.50 2.83
CA ALA D 271 -19.30 -34.29 3.50
C ALA D 271 -20.66 -33.82 2.97
N ASN D 272 -20.86 -33.93 1.66
CA ASN D 272 -22.13 -33.52 1.07
C ASN D 272 -23.26 -34.46 1.46
N LEU D 273 -22.98 -35.76 1.61
CA LEU D 273 -24.02 -36.71 1.98
C LEU D 273 -24.47 -36.51 3.42
N MET D 274 -23.53 -36.15 4.31
CA MET D 274 -23.92 -35.89 5.69
C MET D 274 -24.74 -34.62 5.82
N ALA D 275 -24.49 -33.64 4.95
CA ALA D 275 -25.32 -32.43 4.97
C ALA D 275 -26.73 -32.72 4.46
N ALA D 276 -26.84 -33.49 3.37
CA ALA D 276 -28.17 -33.88 2.88
C ALA D 276 -28.94 -34.67 3.93
N ARG D 277 -28.24 -35.48 4.74
CA ARG D 277 -28.91 -36.19 5.81
C ARG D 277 -29.36 -35.25 6.91
N LEU D 278 -28.52 -34.26 7.24
CA LEU D 278 -28.89 -33.31 8.30
C LEU D 278 -30.03 -32.41 7.85
N ALA D 279 -30.00 -31.96 6.60
CA ALA D 279 -31.07 -31.10 6.10
C ALA D 279 -32.38 -31.85 5.96
N ALA D 280 -32.33 -33.13 5.58
CA ALA D 280 -33.55 -33.90 5.40
C ALA D 280 -34.29 -34.08 6.71
N GLY D 281 -33.57 -34.43 7.77
CA GLY D 281 -34.21 -34.64 9.06
C GLY D 281 -34.76 -33.36 9.66
N LEU D 282 -34.04 -32.25 9.49
CA LEU D 282 -34.49 -30.98 10.06
C LEU D 282 -35.66 -30.41 9.26
N SER D 283 -35.58 -30.44 7.94
CA SER D 283 -36.66 -29.89 7.12
C SER D 283 -37.96 -30.65 7.32
N ALA D 284 -37.89 -31.95 7.63
CA ALA D 284 -39.08 -32.72 7.91
C ALA D 284 -39.75 -32.30 9.22
N LEU D 285 -39.04 -31.60 10.09
CA LEU D 285 -39.63 -31.13 11.33
C LEU D 285 -40.65 -30.02 11.07
N SER D 286 -41.51 -29.79 12.06
CA SER D 286 -42.63 -28.89 11.88
C SER D 286 -42.17 -27.44 11.82
N ARG D 287 -41.32 -27.03 12.75
CA ARG D 287 -40.96 -25.62 12.92
C ARG D 287 -39.64 -25.26 12.26
N VAL D 288 -39.03 -26.16 11.51
CA VAL D 288 -37.73 -25.93 10.88
C VAL D 288 -37.93 -25.81 9.37
N SER D 289 -37.26 -24.82 8.78
CA SER D 289 -37.37 -24.56 7.35
C SER D 289 -35.97 -24.30 6.79
N LEU D 290 -35.77 -24.73 5.55
CA LEU D 290 -34.52 -24.50 4.83
C LEU D 290 -34.66 -23.25 3.97
N ILE D 291 -33.66 -22.37 4.04
CA ILE D 291 -33.67 -21.17 3.19
C ILE D 291 -33.66 -21.57 1.72
N ALA D 292 -32.88 -22.58 1.37
CA ALA D 292 -32.82 -23.13 0.03
C ALA D 292 -32.35 -24.57 0.14
N PRO D 293 -32.71 -25.43 -0.80
CA PRO D 293 -32.24 -26.82 -0.74
C PRO D 293 -30.72 -26.88 -0.82
N THR D 294 -30.13 -27.73 0.01
CA THR D 294 -28.68 -27.80 0.11
C THR D 294 -28.08 -28.39 -1.16
N GLU D 295 -26.97 -27.80 -1.60
CA GLU D 295 -26.22 -28.29 -2.76
C GLU D 295 -24.83 -28.78 -2.40
N SER D 296 -24.20 -28.19 -1.39
CA SER D 296 -22.88 -28.63 -0.94
C SER D 296 -22.96 -29.12 0.50
N ASN D 297 -21.87 -28.93 1.26
CA ASN D 297 -21.84 -29.33 2.66
C ASN D 297 -22.29 -28.23 3.61
N ILE D 298 -22.83 -27.14 3.08
CA ILE D 298 -23.28 -26.00 3.88
C ILE D 298 -24.79 -25.93 3.81
N ILE D 299 -25.43 -25.69 4.96
CA ILE D 299 -26.88 -25.61 5.07
C ILE D 299 -27.24 -24.35 5.82
N PHE D 300 -28.18 -23.58 5.28
CA PHE D 300 -28.78 -22.44 5.95
C PHE D 300 -30.25 -22.76 6.20
N CYS D 301 -30.64 -22.79 7.47
CA CYS D 301 -32.01 -23.14 7.85
C CYS D 301 -32.54 -22.14 8.86
N ARG D 302 -33.87 -22.09 8.97
CA ARG D 302 -34.55 -21.24 9.93
C ARG D 302 -35.09 -22.09 11.08
N MET D 303 -34.81 -21.67 12.30
CA MET D 303 -35.27 -22.35 13.50
C MET D 303 -35.90 -21.36 14.45
N PRO D 304 -36.80 -21.82 15.33
CA PRO D 304 -37.28 -20.93 16.41
C PRO D 304 -36.13 -20.49 17.30
N THR D 305 -36.28 -19.29 17.86
CA THR D 305 -35.23 -18.74 18.71
C THR D 305 -34.99 -19.61 19.93
N LYS D 306 -36.06 -20.16 20.50
CA LYS D 306 -35.90 -21.03 21.67
C LYS D 306 -35.15 -22.31 21.31
N MET D 307 -35.40 -22.84 20.11
CA MET D 307 -34.74 -24.08 19.70
C MET D 307 -33.24 -23.86 19.52
N ILE D 308 -32.84 -22.70 19.02
CA ILE D 308 -31.43 -22.43 18.77
C ILE D 308 -30.64 -22.44 20.08
N ALA D 309 -31.14 -21.71 21.08
CA ALA D 309 -30.44 -21.65 22.36
C ALA D 309 -30.46 -22.99 23.08
N ALA D 310 -31.54 -23.76 22.93
CA ALA D 310 -31.61 -25.06 23.57
C ALA D 310 -30.58 -26.02 23.00
N LEU D 311 -30.39 -26.01 21.68
CA LEU D 311 -29.34 -26.82 21.08
C LEU D 311 -27.97 -26.35 21.54
N GLN D 312 -27.79 -25.05 21.73
CA GLN D 312 -26.54 -24.53 22.27
C GLN D 312 -26.35 -24.93 23.72
N GLN D 313 -27.45 -25.06 24.48
CA GLN D 313 -27.37 -25.44 25.89
C GLN D 313 -27.17 -26.94 26.09
N GLN D 314 -27.37 -27.75 25.06
CA GLN D 314 -27.13 -29.18 25.16
C GLN D 314 -25.72 -29.57 24.74
N GLY D 315 -24.94 -28.66 24.18
CA GLY D 315 -23.58 -28.93 23.77
C GLY D 315 -23.33 -28.85 22.28
N PHE D 316 -24.37 -28.61 21.48
CA PHE D 316 -24.19 -28.51 20.03
C PHE D 316 -23.64 -27.13 19.66
N GLN D 317 -22.73 -27.12 18.68
CA GLN D 317 -22.04 -25.90 18.29
C GLN D 317 -22.36 -25.57 16.84
N PHE D 318 -22.78 -24.33 16.60
CA PHE D 318 -23.03 -23.83 15.26
C PHE D 318 -23.03 -22.31 15.31
N TYR D 319 -22.87 -21.69 14.14
CA TYR D 319 -22.83 -20.24 14.04
C TYR D 319 -24.25 -19.69 13.87
N HIS D 320 -24.54 -18.62 14.62
CA HIS D 320 -25.89 -18.07 14.65
C HIS D 320 -25.80 -16.56 14.87
N ASP D 321 -26.94 -15.89 14.63
CA ASP D 321 -27.09 -14.45 14.82
C ASP D 321 -26.08 -13.64 14.03
N ARG D 322 -25.53 -14.22 12.96
CA ARG D 322 -24.65 -13.50 12.04
C ARG D 322 -25.34 -13.08 10.76
N TRP D 323 -26.40 -13.80 10.36
CA TRP D 323 -27.12 -13.51 9.13
C TRP D 323 -28.57 -13.14 9.36
N GLY D 324 -29.01 -13.07 10.62
CA GLY D 324 -30.39 -12.77 10.92
C GLY D 324 -30.91 -13.54 12.12
N ASP D 325 -32.18 -13.38 12.44
CA ASP D 325 -32.80 -14.07 13.57
C ASP D 325 -33.39 -15.39 13.09
N GLY D 326 -33.05 -16.47 13.80
CA GLY D 326 -33.48 -17.80 13.42
C GLY D 326 -32.63 -18.48 12.36
N ILE D 327 -31.76 -17.74 11.68
CA ILE D 327 -30.93 -18.29 10.63
C ILE D 327 -29.72 -18.98 11.26
N VAL D 328 -29.54 -20.27 10.96
CA VAL D 328 -28.46 -21.08 11.51
C VAL D 328 -27.74 -21.76 10.38
N ARG D 329 -26.41 -21.70 10.40
CA ARG D 329 -25.57 -22.35 9.41
C ARG D 329 -24.97 -23.63 10.00
N LEU D 330 -25.13 -24.74 9.30
CA LEU D 330 -24.60 -26.04 9.71
C LEU D 330 -23.69 -26.54 8.60
N VAL D 331 -22.42 -26.78 8.93
CA VAL D 331 -21.42 -27.22 7.97
C VAL D 331 -20.88 -28.57 8.40
N THR D 332 -20.94 -29.55 7.50
CA THR D 332 -20.40 -30.88 7.74
C THR D 332 -19.00 -30.99 7.15
N SER D 333 -18.26 -31.97 7.65
CA SER D 333 -16.89 -32.23 7.22
C SER D 333 -16.76 -33.68 6.77
N PHE D 334 -15.55 -34.03 6.32
CA PHE D 334 -15.27 -35.40 5.92
C PHE D 334 -15.27 -36.36 7.10
N ALA D 335 -15.17 -35.84 8.33
CA ALA D 335 -15.14 -36.67 9.53
C ALA D 335 -16.49 -36.69 10.24
N THR D 336 -17.51 -36.04 9.69
CA THR D 336 -18.83 -36.04 10.31
C THR D 336 -19.45 -37.43 10.19
N THR D 337 -19.83 -38.01 11.32
CA THR D 337 -20.46 -39.32 11.35
C THR D 337 -21.98 -39.19 11.31
N GLN D 338 -22.64 -40.27 10.89
CA GLN D 338 -24.11 -40.24 10.86
C GLN D 338 -24.70 -40.18 12.26
N ALA D 339 -23.96 -40.66 13.27
CA ALA D 339 -24.45 -40.56 14.64
C ALA D 339 -24.47 -39.11 15.11
N GLN D 340 -23.43 -38.34 14.77
CA GLN D 340 -23.43 -36.93 15.11
C GLN D 340 -24.58 -36.20 14.42
N VAL D 341 -24.87 -36.57 13.17
CA VAL D 341 -26.00 -35.96 12.46
C VAL D 341 -27.31 -36.38 13.09
N ASP D 342 -27.50 -37.68 13.31
CA ASP D 342 -28.76 -38.16 13.87
C ASP D 342 -28.97 -37.67 15.29
N THR D 343 -27.90 -37.41 16.03
CA THR D 343 -28.05 -36.82 17.37
C THR D 343 -28.59 -35.40 17.27
N PHE D 344 -28.10 -34.63 16.30
CA PHE D 344 -28.60 -33.27 16.10
C PHE D 344 -30.03 -33.27 15.62
N ILE D 345 -30.41 -34.26 14.80
CA ILE D 345 -31.79 -34.33 14.33
C ILE D 345 -32.72 -34.74 15.46
N ALA D 346 -32.29 -35.69 16.30
CA ALA D 346 -33.14 -36.14 17.40
C ALA D 346 -33.31 -35.05 18.46
N ALA D 347 -32.25 -34.28 18.72
CA ALA D 347 -32.34 -33.22 19.71
C ALA D 347 -33.27 -32.11 19.24
N ALA D 348 -33.16 -31.71 17.97
CA ALA D 348 -34.04 -30.66 17.45
C ALA D 348 -35.48 -31.16 17.33
N ALA D 349 -35.68 -32.45 17.10
CA ALA D 349 -37.03 -32.98 17.02
C ALA D 349 -37.71 -32.99 18.38
N GLN D 350 -36.95 -33.29 19.44
CA GLN D 350 -37.52 -33.26 20.79
C GLN D 350 -37.94 -31.86 21.19
N LEU D 351 -37.27 -30.84 20.66
CA LEU D 351 -37.60 -29.46 20.97
C LEU D 351 -38.87 -28.97 20.27
N ASN D 352 -39.55 -29.84 19.53
CA ASN D 352 -40.81 -29.48 18.90
C ASN D 352 -41.99 -29.95 19.77
#